data_5MKN
#
_entry.id   5MKN
#
_cell.length_a   91.015
_cell.length_b   97.869
_cell.length_c   123.448
_cell.angle_alpha   90.00
_cell.angle_beta   103.88
_cell.angle_gamma   90.00
#
_symmetry.space_group_name_H-M   'P 1 21 1'
#
loop_
_entity.id
_entity.type
_entity.pdbx_description
1 polymer 'Like-Sm ribonucleoprotein core'
2 non-polymer "URIDINE-5'-MONOPHOSPHATE"
3 non-polymer 'TETRAETHYLENE GLYCOL'
4 water water
#
_entity_poly.entity_id   1
_entity_poly.type   'polypeptide(L)'
_entity_poly.pdbx_seq_one_letter_code
;MMDTQRPLDALGKSINTNVTVYLKDGKLVKGRLKAYDLHMNVALENAKIESDEEKEFPMLVVRGDNVLYVSL
;
_entity_poly.pdbx_strand_id   A,B,C,D,E,F,G,H,I,J,K,L,M,N,O,P,Q,R,T,U,V,W,X,Y,Z,a,b,d
#
loop_
_chem_comp.id
_chem_comp.type
_chem_comp.name
_chem_comp.formula
PG4 non-polymer 'TETRAETHYLENE GLYCOL' 'C8 H18 O5'
U5P non-polymer URIDINE-5'-MONOPHOSPHATE 'C9 H13 N2 O9 P'
#
# COMPACT_ATOMS: atom_id res chain seq x y z
N MET A 2 -8.56 47.05 27.04
CA MET A 2 -9.67 47.49 27.89
C MET A 2 -10.20 46.33 28.73
N ASP A 3 -10.70 45.28 28.09
CA ASP A 3 -11.14 44.12 28.85
C ASP A 3 -9.95 43.27 29.27
N THR A 4 -10.01 42.79 30.51
CA THR A 4 -8.80 42.26 31.15
C THR A 4 -8.40 40.89 30.64
N GLN A 5 -9.35 40.10 30.12
CA GLN A 5 -9.07 38.73 29.72
C GLN A 5 -8.88 38.54 28.23
N ARG A 6 -9.05 39.57 27.42
CA ARG A 6 -9.05 39.42 25.97
C ARG A 6 -8.08 40.42 25.36
N PRO A 7 -6.78 40.21 25.54
CA PRO A 7 -5.79 41.12 24.95
C PRO A 7 -5.93 41.27 23.45
N LEU A 8 -6.66 40.37 22.79
CA LEU A 8 -6.86 40.49 21.37
C LEU A 8 -7.91 41.54 21.00
N ASP A 9 -8.57 42.14 21.98
CA ASP A 9 -9.52 43.21 21.67
C ASP A 9 -8.84 44.53 21.33
N ALA A 10 -7.67 44.79 21.91
CA ALA A 10 -6.87 45.91 21.45
C ALA A 10 -6.59 45.82 19.95
N LEU A 11 -6.57 44.60 19.39
CA LEU A 11 -6.47 44.43 17.95
C LEU A 11 -7.77 44.83 17.25
N GLY A 12 -8.92 44.56 17.87
CA GLY A 12 -10.18 45.00 17.30
C GLY A 12 -10.38 46.51 17.39
N LYS A 13 -9.81 47.13 18.42
CA LYS A 13 -9.91 48.58 18.57
C LYS A 13 -9.12 49.34 17.52
N SER A 14 -8.29 48.65 16.74
CA SER A 14 -7.31 49.31 15.89
C SER A 14 -7.46 48.93 14.42
N ILE A 15 -8.61 48.38 14.02
CA ILE A 15 -8.82 47.99 12.64
C ILE A 15 -9.10 49.21 11.78
N ASN A 16 -8.74 49.11 10.50
CA ASN A 16 -8.78 50.21 9.53
C ASN A 16 -7.81 51.33 9.88
N THR A 17 -6.95 51.11 10.88
CA THR A 17 -5.83 51.98 11.18
C THR A 17 -4.53 51.24 10.86
N ASN A 18 -3.44 52.00 10.84
CA ASN A 18 -2.14 51.42 10.59
C ASN A 18 -1.54 50.85 11.88
N VAL A 19 -0.97 49.66 11.77
CA VAL A 19 -0.34 48.96 12.88
C VAL A 19 0.98 48.42 12.38
N THR A 20 1.83 48.00 13.31
CA THR A 20 3.09 47.38 12.95
C THR A 20 3.16 46.00 13.56
N VAL A 21 3.46 45.01 12.72
CA VAL A 21 3.56 43.62 13.14
C VAL A 21 5.02 43.25 13.05
N TYR A 22 5.67 43.10 14.19
CA TYR A 22 7.02 42.56 14.21
C TYR A 22 6.94 41.03 14.19
N LEU A 23 7.88 40.42 13.48
CA LEU A 23 7.92 38.97 13.33
C LEU A 23 9.19 38.42 13.94
N LYS A 24 9.17 37.11 14.22
CA LYS A 24 10.28 36.47 14.91
C LYS A 24 11.59 36.55 14.13
N ASP A 25 11.53 36.70 12.81
CA ASP A 25 12.73 36.88 12.01
C ASP A 25 13.19 38.33 11.97
N GLY A 26 12.63 39.19 12.82
CA GLY A 26 12.99 40.59 12.87
C GLY A 26 12.12 41.51 12.04
N LYS A 27 11.34 40.95 11.11
CA LYS A 27 10.60 41.76 10.15
C LYS A 27 9.72 42.79 10.84
N LEU A 28 9.68 43.98 10.26
CA LEU A 28 8.69 45.00 10.58
C LEU A 28 7.73 45.07 9.41
N VAL A 29 6.47 44.70 9.65
CA VAL A 29 5.44 44.72 8.62
C VAL A 29 4.34 45.63 9.10
N LYS A 30 4.18 46.77 8.45
CA LYS A 30 3.15 47.74 8.81
C LYS A 30 2.17 47.89 7.64
N GLY A 31 0.93 48.17 7.99
CA GLY A 31 -0.13 48.19 7.01
C GLY A 31 -1.44 48.49 7.69
N ARG A 32 -2.48 48.64 6.86
CA ARG A 32 -3.81 48.93 7.37
C ARG A 32 -4.45 47.63 7.87
N LEU A 33 -4.72 47.55 9.16
CA LEU A 33 -5.32 46.37 9.73
C LEU A 33 -6.72 46.21 9.18
N LYS A 34 -6.99 45.06 8.56
CA LYS A 34 -8.35 44.73 8.13
C LYS A 34 -8.99 43.61 8.95
N ALA A 35 -8.23 42.60 9.35
CA ALA A 35 -8.84 41.47 10.05
C ALA A 35 -7.83 40.71 10.89
N TYR A 36 -8.31 40.11 11.96
CA TYR A 36 -7.53 39.22 12.83
C TYR A 36 -8.39 38.07 13.34
N ASP A 37 -7.74 36.97 13.75
CA ASP A 37 -8.43 35.85 14.39
C ASP A 37 -7.72 35.47 15.69
N LEU A 38 -8.29 34.50 16.40
CA LEU A 38 -7.77 34.10 17.70
C LEU A 38 -6.42 33.39 17.61
N HIS A 39 -5.97 32.99 16.42
CA HIS A 39 -4.59 32.56 16.24
C HIS A 39 -3.64 33.73 16.13
N MET A 40 -4.18 34.95 16.03
CA MET A 40 -3.44 36.18 15.73
C MET A 40 -2.97 36.24 14.29
N ASN A 41 -3.63 35.50 13.38
CA ASN A 41 -3.51 35.81 11.95
C ASN A 41 -4.04 37.21 11.68
N VAL A 42 -3.37 37.94 10.80
CA VAL A 42 -3.81 39.29 10.46
C VAL A 42 -3.76 39.49 8.95
N ALA A 43 -4.73 40.23 8.43
CA ALA A 43 -4.75 40.69 7.05
C ALA A 43 -4.49 42.19 7.04
N LEU A 44 -3.48 42.62 6.29
CA LEU A 44 -3.08 44.01 6.25
C LEU A 44 -3.18 44.55 4.83
N GLU A 45 -3.74 45.77 4.72
CA GLU A 45 -3.86 46.47 3.46
C GLU A 45 -2.64 47.36 3.24
N ASN A 46 -2.10 47.32 2.03
CA ASN A 46 -1.00 48.20 1.64
C ASN A 46 0.23 47.97 2.52
N ALA A 47 0.54 46.71 2.77
CA ALA A 47 1.59 46.36 3.71
C ALA A 47 2.97 46.67 3.15
N LYS A 48 3.89 47.01 4.06
CA LYS A 48 5.26 47.39 3.70
C LYS A 48 6.21 46.79 4.72
N ILE A 49 7.25 46.12 4.23
CA ILE A 49 8.31 45.63 5.10
C ILE A 49 9.42 46.67 5.15
N GLU A 50 9.76 47.10 6.37
CA GLU A 50 10.87 48.03 6.57
C GLU A 50 12.21 47.46 6.12
N SER A 51 12.22 46.23 5.60
CA SER A 51 13.43 45.61 5.05
C SER A 51 13.51 45.74 3.53
N ASP A 52 12.46 45.30 2.81
CA ASP A 52 12.45 45.35 1.36
C ASP A 52 12.17 46.75 0.82
N GLU A 53 11.32 47.52 1.51
CA GLU A 53 11.09 48.93 1.23
C GLU A 53 10.48 49.18 -0.15
N GLU A 54 11.07 48.58 -1.19
CA GLU A 54 10.72 48.93 -2.57
C GLU A 54 9.35 48.40 -2.96
N LYS A 55 8.99 47.19 -2.53
CA LYS A 55 7.76 46.54 -2.93
C LYS A 55 6.70 46.64 -1.83
N GLU A 56 5.54 47.18 -2.18
CA GLU A 56 4.38 47.24 -1.29
C GLU A 56 3.39 46.14 -1.66
N PHE A 57 2.72 45.58 -0.66
CA PHE A 57 1.74 44.51 -0.88
C PHE A 57 0.33 45.07 -0.71
N PRO A 58 -0.51 45.03 -1.74
CA PRO A 58 -1.91 45.49 -1.53
C PRO A 58 -2.65 44.66 -0.51
N MET A 59 -2.42 43.34 -0.51
CA MET A 59 -3.06 42.47 0.48
C MET A 59 -2.06 41.43 0.94
N LEU A 60 -1.84 41.37 2.25
CA LEU A 60 -0.92 40.44 2.90
C LEU A 60 -1.66 39.75 4.04
N VAL A 61 -1.54 38.44 4.11
CA VAL A 61 -2.11 37.66 5.20
C VAL A 61 -0.97 37.01 5.96
N VAL A 62 -0.82 37.37 7.23
CA VAL A 62 0.28 36.90 8.06
C VAL A 62 -0.20 35.77 8.96
N ARG A 63 0.52 34.64 8.90
CA ARG A 63 0.24 33.54 9.82
C ARG A 63 0.66 33.94 11.24
N GLY A 64 -0.30 33.89 12.16
CA GLY A 64 -0.12 34.43 13.50
C GLY A 64 1.05 33.85 14.28
N ASP A 65 1.44 32.61 13.98
CA ASP A 65 2.56 32.04 14.72
C ASP A 65 3.89 32.70 14.36
N ASN A 66 3.90 33.63 13.41
CA ASN A 66 5.11 34.42 13.14
C ASN A 66 5.18 35.69 13.96
N VAL A 67 4.08 36.06 14.61
CA VAL A 67 3.98 37.35 15.26
C VAL A 67 4.76 37.36 16.56
N LEU A 68 5.57 38.40 16.76
CA LEU A 68 6.24 38.63 18.02
C LEU A 68 5.41 39.57 18.90
N TYR A 69 5.16 40.79 18.44
CA TYR A 69 4.15 41.65 19.02
C TYR A 69 3.64 42.58 17.93
N VAL A 70 2.50 43.22 18.21
CA VAL A 70 1.88 44.16 17.30
C VAL A 70 1.67 45.48 18.03
N SER A 71 2.10 46.59 17.42
CA SER A 71 1.99 47.90 18.04
C SER A 71 0.61 48.49 17.78
N LEU A 72 -0.21 48.57 18.83
CA LEU A 72 -1.61 49.00 18.76
C LEU A 72 -2.36 48.19 17.72
N MET B 2 -2.90 33.49 44.02
CA MET B 2 -2.17 32.71 45.00
C MET B 2 -2.78 31.32 45.12
N ASP B 3 -3.72 31.01 44.24
CA ASP B 3 -4.28 29.66 44.19
C ASP B 3 -3.27 28.73 43.52
N THR B 4 -3.14 27.52 44.10
CA THR B 4 -2.04 26.63 43.72
C THR B 4 -2.16 26.10 42.31
N GLN B 5 -3.36 26.00 41.77
CA GLN B 5 -3.57 25.40 40.46
C GLN B 5 -3.67 26.42 39.33
N ARG B 6 -3.64 27.72 39.63
CA ARG B 6 -3.79 28.78 38.62
C ARG B 6 -2.63 29.76 38.72
N PRO B 7 -1.43 29.36 38.30
CA PRO B 7 -0.29 30.29 38.34
C PRO B 7 -0.49 31.56 37.52
N LEU B 8 -1.44 31.60 36.60
CA LEU B 8 -1.67 32.84 35.86
C LEU B 8 -2.55 33.83 36.62
N ASP B 9 -3.08 33.45 37.79
CA ASP B 9 -3.79 34.42 38.62
C ASP B 9 -2.86 35.53 39.11
N ALA B 10 -1.59 35.21 39.34
CA ALA B 10 -0.65 36.27 39.68
C ALA B 10 -0.56 37.33 38.60
N LEU B 11 -0.98 37.02 37.37
CA LEU B 11 -1.07 38.05 36.34
C LEU B 11 -2.29 38.94 36.54
N GLY B 12 -3.44 38.33 36.85
CA GLY B 12 -4.64 39.11 37.09
C GLY B 12 -4.45 40.12 38.22
N LYS B 13 -3.81 39.68 39.28
CA LYS B 13 -3.46 40.53 40.42
C LYS B 13 -2.48 41.61 40.05
N SER B 14 -2.11 41.77 38.77
CA SER B 14 -1.12 42.77 38.38
C SER B 14 -1.62 43.66 37.25
N ILE B 15 -2.93 43.70 37.02
CA ILE B 15 -3.46 44.59 35.99
C ILE B 15 -3.32 46.04 36.45
N ASN B 16 -3.22 46.94 35.48
CA ASN B 16 -3.03 48.37 35.72
C ASN B 16 -1.71 48.67 36.43
N THR B 17 -0.78 47.72 36.47
CA THR B 17 0.53 47.93 37.06
C THR B 17 1.61 47.64 36.05
N ASN B 18 2.81 48.15 36.33
CA ASN B 18 3.94 47.85 35.47
C ASN B 18 4.39 46.40 35.67
N VAL B 19 4.89 45.79 34.59
CA VAL B 19 5.44 44.43 34.60
C VAL B 19 6.61 44.39 33.64
N THR B 20 7.35 43.28 33.68
CA THR B 20 8.46 43.04 32.76
C THR B 20 8.29 41.68 32.11
N VAL B 21 8.17 41.66 30.78
CA VAL B 21 8.01 40.42 30.03
C VAL B 21 9.34 40.12 29.34
N TYR B 22 9.99 39.05 29.78
CA TYR B 22 11.16 38.53 29.08
C TYR B 22 10.70 37.63 27.94
N LEU B 23 11.40 37.71 26.82
CA LEU B 23 11.01 36.99 25.61
C LEU B 23 12.16 36.10 25.17
N LYS B 24 11.82 34.91 24.67
CA LYS B 24 12.82 33.88 24.39
C LYS B 24 13.99 34.41 23.58
N ASP B 25 13.76 35.42 22.72
CA ASP B 25 14.83 35.94 21.90
C ASP B 25 15.83 36.77 22.70
N GLY B 26 15.52 37.07 23.97
CA GLY B 26 16.38 37.85 24.83
C GLY B 26 15.84 39.22 25.17
N LYS B 27 14.89 39.73 24.39
CA LYS B 27 14.32 41.05 24.65
C LYS B 27 13.70 41.14 26.03
N LEU B 28 13.63 42.37 26.54
CA LEU B 28 12.87 42.70 27.75
C LEU B 28 11.88 43.80 27.40
N VAL B 29 10.63 43.60 27.79
CA VAL B 29 9.54 44.47 27.37
C VAL B 29 8.78 44.87 28.63
N LYS B 30 8.83 46.15 28.98
CA LYS B 30 8.13 46.66 30.16
C LYS B 30 6.96 47.55 29.75
N GLY B 31 5.88 47.45 30.51
CA GLY B 31 4.69 48.24 30.26
C GLY B 31 3.66 47.98 31.34
N ARG B 32 2.59 48.77 31.33
CA ARG B 32 1.49 48.54 32.25
C ARG B 32 0.60 47.43 31.71
N LEU B 33 0.33 46.44 32.56
CA LEU B 33 -0.42 45.27 32.14
C LEU B 33 -1.90 45.59 32.12
N LYS B 34 -2.50 45.59 30.94
CA LYS B 34 -3.94 45.80 30.80
C LYS B 34 -4.73 44.53 30.55
N ALA B 35 -4.17 43.55 29.83
CA ALA B 35 -4.93 42.36 29.50
C ALA B 35 -4.01 41.16 29.29
N TYR B 36 -4.55 39.97 29.59
CA TYR B 36 -3.86 38.70 29.35
C TYR B 36 -4.89 37.60 29.14
N ASP B 37 -4.47 36.50 28.50
CA ASP B 37 -5.33 35.32 28.38
C ASP B 37 -4.53 34.04 28.66
N LEU B 38 -5.19 32.90 28.50
CA LEU B 38 -4.58 31.62 28.88
C LEU B 38 -3.49 31.15 27.92
N HIS B 39 -3.37 31.73 26.74
CA HIS B 39 -2.19 31.51 25.92
C HIS B 39 -0.97 32.24 26.44
N MET B 40 -1.17 33.13 27.43
CA MET B 40 -0.22 34.14 27.90
C MET B 40 0.01 35.26 26.87
N ASN B 41 -0.94 35.52 25.98
CA ASN B 41 -0.96 36.79 25.26
C ASN B 41 -1.18 37.93 26.25
N VAL B 42 -0.32 38.95 26.21
CA VAL B 42 -0.49 40.09 27.10
C VAL B 42 -0.63 41.38 26.32
N ALA B 43 -1.38 42.31 26.89
CA ALA B 43 -1.51 43.67 26.38
C ALA B 43 -0.70 44.62 27.25
N LEU B 44 0.17 45.40 26.62
CA LEU B 44 1.07 46.32 27.31
C LEU B 44 0.74 47.77 26.96
N GLU B 45 0.55 48.58 27.98
CA GLU B 45 0.29 50.01 27.84
C GLU B 45 1.61 50.78 27.99
N ASN B 46 1.88 51.66 27.03
CA ASN B 46 3.10 52.47 27.03
C ASN B 46 4.31 51.60 27.33
N ALA B 47 4.60 50.73 26.38
CA ALA B 47 5.63 49.72 26.53
C ALA B 47 6.97 50.21 26.01
N LYS B 48 8.04 49.62 26.53
CA LYS B 48 9.39 50.03 26.20
C LYS B 48 10.28 48.81 26.13
N ILE B 49 10.99 48.65 25.02
CA ILE B 49 11.97 47.58 24.86
C ILE B 49 13.31 48.13 25.34
N GLU B 50 13.82 47.58 26.45
CA GLU B 50 15.07 48.08 27.00
C GLU B 50 16.25 47.92 26.05
N SER B 51 16.08 47.17 24.96
CA SER B 51 17.10 47.08 23.93
C SER B 51 17.00 48.26 22.97
N ASP B 52 15.79 48.53 22.48
CA ASP B 52 15.57 49.57 21.49
C ASP B 52 15.62 50.97 22.11
N GLU B 53 15.20 51.09 23.38
CA GLU B 53 15.33 52.31 24.18
C GLU B 53 14.54 53.48 23.58
N GLU B 54 14.81 53.80 22.32
CA GLU B 54 14.24 55.01 21.72
C GLU B 54 12.74 54.93 21.57
N LYS B 55 12.23 53.82 21.05
CA LYS B 55 10.81 53.72 20.71
C LYS B 55 9.97 53.35 21.93
N GLU B 56 8.83 54.02 22.06
CA GLU B 56 7.82 53.67 23.05
C GLU B 56 6.54 53.26 22.32
N PHE B 57 5.69 52.51 23.02
CA PHE B 57 4.53 51.89 22.40
C PHE B 57 3.27 52.17 23.22
N PRO B 58 2.43 53.12 22.81
CA PRO B 58 1.16 53.31 23.52
C PRO B 58 0.38 52.02 23.72
N MET B 59 0.53 51.04 22.83
CA MET B 59 -0.15 49.76 22.99
C MET B 59 0.63 48.67 22.28
N LEU B 60 0.97 47.63 23.03
CA LEU B 60 1.64 46.44 22.55
C LEU B 60 0.88 45.23 23.07
N VAL B 61 0.46 44.35 22.17
CA VAL B 61 -0.03 43.04 22.57
C VAL B 61 1.00 42.02 22.13
N VAL B 62 1.43 41.20 23.09
CA VAL B 62 2.49 40.21 22.87
C VAL B 62 1.85 38.84 22.72
N ARG B 63 2.35 38.06 21.77
CA ARG B 63 1.85 36.72 21.60
C ARG B 63 2.51 35.79 22.62
N GLY B 64 1.69 35.07 23.38
CA GLY B 64 2.18 34.32 24.52
C GLY B 64 3.35 33.39 24.24
N ASP B 65 3.33 32.72 23.09
CA ASP B 65 4.34 31.70 22.80
C ASP B 65 5.73 32.30 22.62
N ASN B 66 5.86 33.60 22.86
CA ASN B 66 7.15 34.27 22.92
C ASN B 66 7.63 34.46 24.35
N VAL B 67 6.73 34.34 25.32
CA VAL B 67 7.07 34.61 26.70
C VAL B 67 8.03 33.56 27.22
N LEU B 68 9.18 34.00 27.74
CA LEU B 68 10.02 33.19 28.60
C LEU B 68 9.51 33.21 30.04
N TYR B 69 9.47 34.40 30.64
CA TYR B 69 8.80 34.59 31.93
C TYR B 69 8.43 36.06 32.10
N VAL B 70 7.41 36.30 32.92
CA VAL B 70 6.93 37.64 33.22
C VAL B 70 7.27 37.95 34.68
N SER B 71 8.13 38.95 34.87
CA SER B 71 8.51 39.43 36.19
C SER B 71 7.53 40.51 36.63
N LEU B 72 6.73 40.21 37.64
CA LEU B 72 5.86 41.20 38.25
C LEU B 72 6.65 41.96 39.31
N MET C 2 2.46 11.06 43.88
CA MET C 2 3.02 9.71 44.02
C MET C 2 2.24 8.71 43.17
N ASP C 3 1.10 9.13 42.64
CA ASP C 3 0.37 8.26 41.73
C ASP C 3 1.14 8.07 40.43
N THR C 4 1.03 6.87 39.86
CA THR C 4 1.87 6.50 38.73
C THR C 4 1.48 7.19 37.42
N GLN C 5 0.27 7.73 37.33
CA GLN C 5 -0.21 8.30 36.07
C GLN C 5 -0.22 9.81 36.09
N ARG C 6 0.33 10.45 37.12
CA ARG C 6 0.25 11.90 37.26
C ARG C 6 1.59 12.44 37.76
N PRO C 7 2.61 12.42 36.90
CA PRO C 7 3.93 12.93 37.35
C PRO C 7 3.88 14.35 37.86
N LEU C 8 2.99 15.21 37.34
CA LEU C 8 2.96 16.59 37.80
C LEU C 8 2.45 16.72 39.23
N ASP C 9 1.95 15.64 39.83
CA ASP C 9 1.57 15.71 41.22
C ASP C 9 2.77 15.93 42.12
N ALA C 10 3.96 15.49 41.69
CA ALA C 10 5.18 15.86 42.38
C ALA C 10 5.23 17.35 42.70
N LEU C 11 4.76 18.18 41.76
CA LEU C 11 4.78 19.63 41.97
C LEU C 11 3.87 20.02 43.13
N GLY C 12 2.67 19.43 43.19
CA GLY C 12 1.75 19.77 44.26
C GLY C 12 2.31 19.49 45.64
N LYS C 13 3.04 18.39 45.79
CA LYS C 13 3.70 18.10 47.06
C LYS C 13 4.80 19.09 47.42
N SER C 14 5.17 19.98 46.50
CA SER C 14 6.30 20.88 46.72
C SER C 14 5.88 22.34 46.75
N ILE C 15 4.59 22.61 46.94
CA ILE C 15 4.13 23.98 47.11
C ILE C 15 4.83 24.58 48.32
N ASN C 16 5.14 25.87 48.23
CA ASN C 16 5.82 26.60 49.30
C ASN C 16 7.12 25.89 49.69
N THR C 17 7.92 25.57 48.68
CA THR C 17 9.19 24.88 48.83
C THR C 17 10.10 25.34 47.70
N ASN C 18 11.38 25.51 48.00
CA ASN C 18 12.35 25.93 46.99
C ASN C 18 12.55 24.81 45.97
N VAL C 19 12.27 25.10 44.71
CA VAL C 19 12.49 24.19 43.59
C VAL C 19 13.38 24.90 42.58
N THR C 20 14.02 24.14 41.70
CA THR C 20 14.84 24.72 40.64
C THR C 20 14.25 24.37 39.28
N VAL C 21 13.97 25.40 38.48
CA VAL C 21 13.39 25.25 37.16
C VAL C 21 14.50 25.42 36.12
N TYR C 22 14.94 24.31 35.54
CA TYR C 22 15.89 24.34 34.43
C TYR C 22 15.13 24.57 33.13
N LEU C 23 15.53 25.60 32.39
CA LEU C 23 14.86 25.98 31.15
C LEU C 23 15.63 25.48 29.93
N LYS C 24 14.92 25.43 28.80
CA LYS C 24 15.58 25.00 27.56
C LYS C 24 16.73 25.92 27.20
N ASP C 25 16.64 27.18 27.58
CA ASP C 25 17.69 28.17 27.34
C ASP C 25 19.03 27.74 27.93
N GLY C 26 19.00 26.98 29.02
CA GLY C 26 20.17 26.78 29.86
C GLY C 26 20.14 27.62 31.12
N LYS C 27 19.19 28.57 31.22
CA LYS C 27 18.98 29.33 32.43
C LYS C 27 18.54 28.42 33.58
N LEU C 28 18.89 28.83 34.79
CA LEU C 28 18.45 28.22 36.04
C LEU C 28 17.56 29.23 36.75
N VAL C 29 16.39 28.79 37.21
CA VAL C 29 15.52 29.67 37.97
C VAL C 29 15.09 28.92 39.23
N LYS C 30 15.59 29.37 40.39
CA LYS C 30 15.20 28.82 41.69
C LYS C 30 14.33 29.82 42.43
N GLY C 31 13.32 29.30 43.13
CA GLY C 31 12.36 30.11 43.86
C GLY C 31 11.38 29.22 44.61
N ARG C 32 10.43 29.87 45.29
CA ARG C 32 9.44 29.16 46.11
C ARG C 32 8.19 28.90 45.28
N LEU C 33 7.92 27.63 44.99
CA LEU C 33 6.78 27.29 44.16
C LEU C 33 5.48 27.66 44.87
N LYS C 34 4.69 28.49 44.21
CA LYS C 34 3.38 28.89 44.70
C LYS C 34 2.21 28.33 43.90
N ALA C 35 2.40 28.05 42.60
CA ALA C 35 1.30 27.59 41.77
C ALA C 35 1.82 26.96 40.47
N TYR C 36 1.02 26.04 39.92
CA TYR C 36 1.42 25.33 38.71
C TYR C 36 0.17 24.82 38.00
N ASP C 37 0.23 24.77 36.68
CA ASP C 37 -0.87 24.24 35.86
C ASP C 37 -0.39 23.00 35.09
N LEU C 38 -1.29 22.42 34.30
CA LEU C 38 -0.89 21.25 33.53
C LEU C 38 -0.07 21.61 32.30
N HIS C 39 0.10 22.90 31.98
CA HIS C 39 1.09 23.27 30.98
C HIS C 39 2.51 23.23 31.53
N MET C 40 2.66 23.12 32.85
CA MET C 40 3.89 23.30 33.60
C MET C 40 4.32 24.76 33.67
N ASN C 41 3.42 25.71 33.41
CA ASN C 41 3.64 27.06 33.91
C ASN C 41 3.83 27.00 35.41
N VAL C 42 4.70 27.85 35.94
CA VAL C 42 4.95 27.86 37.37
C VAL C 42 4.99 29.30 37.89
N ALA C 43 4.47 29.49 39.10
CA ALA C 43 4.55 30.74 39.85
C ALA C 43 5.68 30.62 40.87
N LEU C 44 6.59 31.60 40.86
CA LEU C 44 7.80 31.55 41.65
C LEU C 44 7.92 32.80 42.52
N GLU C 45 7.89 32.61 43.83
CA GLU C 45 8.07 33.70 44.80
C GLU C 45 9.56 33.85 45.10
N ASN C 46 10.09 35.05 44.86
CA ASN C 46 11.49 35.40 45.16
C ASN C 46 12.47 34.50 44.40
N ALA C 47 12.43 34.62 43.09
CA ALA C 47 13.26 33.82 42.21
C ALA C 47 14.60 34.50 41.94
N LYS C 48 15.55 33.71 41.43
CA LYS C 48 16.89 34.22 41.15
C LYS C 48 17.48 33.41 40.01
N ILE C 49 17.46 33.98 38.80
CA ILE C 49 18.22 33.41 37.69
C ILE C 49 19.69 33.42 38.08
N GLU C 50 20.30 32.23 38.18
CA GLU C 50 21.69 32.15 38.57
C GLU C 50 22.65 32.48 37.42
N SER C 51 22.15 33.11 36.37
CA SER C 51 23.02 33.72 35.38
C SER C 51 23.25 35.21 35.69
N ASP C 52 22.17 35.93 35.99
CA ASP C 52 22.25 37.35 36.32
C ASP C 52 22.39 37.62 37.81
N GLU C 53 22.19 36.61 38.67
CA GLU C 53 22.61 36.65 40.06
C GLU C 53 21.93 37.74 40.87
N GLU C 54 22.27 39.00 40.59
CA GLU C 54 21.90 40.08 41.51
C GLU C 54 20.40 40.35 41.50
N LYS C 55 19.76 40.26 40.32
CA LYS C 55 18.37 40.65 40.19
C LYS C 55 17.46 39.86 41.12
N GLU C 56 16.67 40.57 41.91
CA GLU C 56 15.65 39.95 42.75
C GLU C 56 14.30 40.03 42.05
N PHE C 57 13.64 38.88 41.91
CA PHE C 57 12.33 38.78 41.29
C PHE C 57 11.31 38.37 42.34
N PRO C 58 10.63 39.32 42.97
CA PRO C 58 9.61 38.96 43.96
C PRO C 58 8.62 37.91 43.47
N MET C 59 7.98 38.14 42.34
CA MET C 59 7.07 37.17 41.74
C MET C 59 7.46 36.96 40.28
N LEU C 60 7.55 35.70 39.89
CA LEU C 60 7.94 35.34 38.53
C LEU C 60 6.98 34.27 38.02
N VAL C 61 6.48 34.44 36.79
CA VAL C 61 5.62 33.46 36.16
C VAL C 61 6.33 32.95 34.92
N VAL C 62 6.55 31.64 34.86
CA VAL C 62 7.33 31.01 33.82
C VAL C 62 6.39 30.28 32.87
N ARG C 63 6.64 30.43 31.56
CA ARG C 63 5.82 29.72 30.59
C ARG C 63 6.29 28.28 30.49
N GLY C 64 5.34 27.35 30.71
CA GLY C 64 5.69 25.93 30.76
C GLY C 64 6.54 25.46 29.60
N ASP C 65 6.18 25.85 28.37
CA ASP C 65 6.90 25.25 27.25
C ASP C 65 8.36 25.65 27.20
N ASN C 66 8.83 26.51 28.11
CA ASN C 66 10.27 26.72 28.29
C ASN C 66 10.92 25.72 29.25
N VAL C 67 10.14 24.93 29.98
CA VAL C 67 10.69 24.12 31.07
C VAL C 67 11.40 22.89 30.50
N LEU C 68 12.68 22.77 30.83
CA LEU C 68 13.41 21.55 30.54
C LEU C 68 13.10 20.47 31.59
N TYR C 69 13.40 20.75 32.87
CA TYR C 69 12.90 19.93 33.96
C TYR C 69 12.95 20.74 35.25
N VAL C 70 12.12 20.33 36.21
CA VAL C 70 12.06 20.99 37.50
C VAL C 70 12.57 20.03 38.57
N SER C 71 13.54 20.52 39.35
CA SER C 71 14.17 19.77 40.44
C SER C 71 13.56 20.19 41.77
N LEU C 72 12.96 19.23 42.47
CA LEU C 72 12.27 19.51 43.72
C LEU C 72 13.17 19.25 44.94
N MET D 2 3.01 -3.27 25.91
CA MET D 2 3.21 -4.31 24.89
C MET D 2 1.92 -4.63 24.12
N ASP D 3 0.82 -3.98 24.49
CA ASP D 3 -0.31 -3.89 23.57
C ASP D 3 0.07 -3.04 22.37
N THR D 4 -0.34 -3.46 21.18
CA THR D 4 0.15 -2.89 19.92
C THR D 4 -0.32 -1.47 19.66
N GLN D 5 -1.21 -0.92 20.48
CA GLN D 5 -1.70 0.43 20.25
C GLN D 5 -1.28 1.42 21.33
N ARG D 6 -0.65 0.96 22.41
CA ARG D 6 -0.27 1.82 23.53
C ARG D 6 1.21 1.64 23.85
N PRO D 7 2.08 2.19 23.00
CA PRO D 7 3.54 2.12 23.28
C PRO D 7 3.93 2.62 24.64
N LEU D 8 3.16 3.56 25.20
CA LEU D 8 3.48 4.10 26.51
C LEU D 8 3.13 3.15 27.63
N ASP D 9 2.44 2.03 27.33
CA ASP D 9 2.27 1.00 28.33
C ASP D 9 3.62 0.51 28.84
N ALA D 10 4.64 0.52 27.96
CA ALA D 10 5.98 0.10 28.37
C ALA D 10 6.52 0.94 29.52
N LEU D 11 6.14 2.21 29.62
CA LEU D 11 6.59 2.96 30.78
C LEU D 11 5.84 2.54 32.03
N GLY D 12 4.56 2.19 31.90
CA GLY D 12 3.85 1.63 33.03
C GLY D 12 4.50 0.38 33.57
N LYS D 13 4.98 -0.48 32.67
CA LYS D 13 5.66 -1.72 33.04
C LYS D 13 7.12 -1.50 33.47
N SER D 14 7.57 -0.26 33.61
CA SER D 14 8.89 0.04 34.16
C SER D 14 8.78 0.93 35.39
N ILE D 15 7.57 1.15 35.91
CA ILE D 15 7.41 1.95 37.12
C ILE D 15 8.19 1.33 38.25
N ASN D 16 8.98 2.14 38.95
CA ASN D 16 9.87 1.73 40.03
C ASN D 16 11.04 0.86 39.54
N THR D 17 11.39 0.96 38.27
CA THR D 17 12.68 0.50 37.77
C THR D 17 13.50 1.69 37.29
N ASN D 18 14.79 1.47 37.09
CA ASN D 18 15.66 2.50 36.55
C ASN D 18 15.43 2.62 35.06
N VAL D 19 15.30 3.86 34.58
CA VAL D 19 15.19 4.15 33.17
C VAL D 19 16.21 5.23 32.83
N THR D 20 16.40 5.45 31.53
CA THR D 20 17.29 6.49 31.02
C THR D 20 16.54 7.31 29.99
N VAL D 21 16.21 8.55 30.34
CA VAL D 21 15.53 9.46 29.42
C VAL D 21 16.58 10.21 28.61
N TYR D 22 16.43 10.17 27.28
CA TYR D 22 17.29 10.90 26.35
C TYR D 22 16.54 12.14 25.86
N LEU D 23 17.13 13.31 26.09
CA LEU D 23 16.52 14.57 25.68
C LEU D 23 17.03 15.02 24.31
N LYS D 24 16.31 15.96 23.71
CA LYS D 24 16.63 16.39 22.34
C LYS D 24 18.00 17.05 22.27
N ASP D 25 18.36 17.81 23.29
CA ASP D 25 19.64 18.49 23.33
C ASP D 25 20.82 17.53 23.44
N GLY D 26 20.58 16.25 23.68
CA GLY D 26 21.64 15.30 23.89
C GLY D 26 21.90 14.90 25.33
N LYS D 27 21.19 15.50 26.29
CA LYS D 27 21.34 15.12 27.68
C LYS D 27 20.73 13.73 27.95
N LEU D 28 21.23 13.08 29.00
CA LEU D 28 20.76 11.76 29.42
C LEU D 28 20.43 11.83 30.91
N VAL D 29 19.16 11.62 31.26
CA VAL D 29 18.74 11.63 32.65
C VAL D 29 18.35 10.22 33.05
N LYS D 30 19.10 9.64 33.98
CA LYS D 30 18.84 8.32 34.50
C LYS D 30 18.20 8.44 35.88
N GLY D 31 17.22 7.59 36.16
CA GLY D 31 16.60 7.60 37.48
C GLY D 31 15.51 6.56 37.62
N ARG D 32 14.82 6.63 38.75
CA ARG D 32 13.76 5.67 39.07
C ARG D 32 12.43 6.27 38.62
N LEU D 33 11.84 5.68 37.59
CA LEU D 33 10.61 6.18 36.99
C LEU D 33 9.43 5.99 37.94
N LYS D 34 8.92 7.10 38.49
CA LYS D 34 7.78 7.03 39.39
C LYS D 34 6.46 7.34 38.73
N ALA D 35 6.45 8.01 37.57
CA ALA D 35 5.19 8.36 36.93
C ALA D 35 5.42 8.84 35.52
N TYR D 36 4.35 8.78 34.74
CA TYR D 36 4.36 9.26 33.37
C TYR D 36 2.92 9.55 33.00
N ASP D 37 2.74 10.28 31.89
CA ASP D 37 1.42 10.63 31.38
C ASP D 37 1.50 10.64 29.86
N LEU D 38 0.38 10.96 29.22
CA LEU D 38 0.32 10.85 27.77
C LEU D 38 1.17 11.88 27.03
N HIS D 39 1.68 12.92 27.72
CA HIS D 39 2.66 13.84 27.14
C HIS D 39 4.08 13.31 27.18
N MET D 40 4.28 12.18 27.84
CA MET D 40 5.60 11.64 28.17
C MET D 40 6.34 12.52 29.15
N ASN D 41 5.63 13.32 29.96
CA ASN D 41 6.23 13.82 31.20
C ASN D 41 6.50 12.63 32.13
N VAL D 42 7.66 12.64 32.78
CA VAL D 42 8.07 11.57 33.68
C VAL D 42 8.56 12.17 35.00
N ALA D 43 8.27 11.46 36.08
CA ALA D 43 8.86 11.75 37.38
C ALA D 43 9.96 10.73 37.65
N LEU D 44 11.16 11.23 37.96
CA LEU D 44 12.36 10.43 38.14
C LEU D 44 12.86 10.64 39.56
N GLU D 45 12.99 9.54 40.31
CA GLU D 45 13.47 9.56 41.69
C GLU D 45 14.98 9.31 41.73
N ASN D 46 15.69 10.12 42.50
CA ASN D 46 17.14 10.11 42.54
C ASN D 46 17.73 10.11 41.14
N ALA D 47 17.69 11.26 40.46
CA ALA D 47 18.14 11.34 39.09
C ALA D 47 19.57 11.89 39.02
N LYS D 48 20.27 11.49 37.97
CA LYS D 48 21.64 11.91 37.71
C LYS D 48 21.79 12.19 36.23
N ILE D 49 22.49 13.27 35.87
CA ILE D 49 22.81 13.57 34.49
C ILE D 49 24.24 13.16 34.19
N GLU D 50 24.40 12.31 33.15
CA GLU D 50 25.72 11.96 32.62
C GLU D 50 26.66 13.15 32.59
N SER D 51 26.14 14.34 32.34
CA SER D 51 26.96 15.53 32.12
C SER D 51 27.66 16.01 33.39
N ASP D 52 26.89 16.62 34.31
CA ASP D 52 27.47 17.34 35.45
C ASP D 52 28.10 16.42 36.49
N GLU D 53 27.68 15.15 36.55
CA GLU D 53 28.23 14.16 37.47
C GLU D 53 27.97 14.53 38.92
N GLU D 54 28.59 15.62 39.39
CA GLU D 54 28.68 15.90 40.82
C GLU D 54 27.32 15.89 41.51
N LYS D 55 26.30 16.44 40.88
CA LYS D 55 25.02 16.72 41.54
C LYS D 55 23.98 15.63 41.28
N GLU D 56 23.21 15.33 42.32
CA GLU D 56 22.13 14.36 42.28
C GLU D 56 20.81 15.06 42.59
N PHE D 57 19.73 14.61 41.97
CA PHE D 57 18.43 15.25 42.14
C PHE D 57 17.47 14.33 42.85
N PRO D 58 17.12 14.60 44.11
CA PRO D 58 16.16 13.72 44.81
C PRO D 58 14.90 13.44 44.01
N MET D 59 14.26 14.47 43.47
CA MET D 59 13.08 14.31 42.62
C MET D 59 13.17 15.25 41.43
N LEU D 60 13.06 14.70 40.22
CA LEU D 60 13.15 15.48 38.99
C LEU D 60 11.93 15.22 38.12
N VAL D 61 11.32 16.29 37.59
CA VAL D 61 10.14 16.17 36.72
C VAL D 61 10.49 16.76 35.36
N VAL D 62 10.36 15.94 34.31
CA VAL D 62 10.90 16.23 32.99
C VAL D 62 9.75 16.48 32.04
N ARG D 63 9.74 17.65 31.40
CA ARG D 63 8.67 17.99 30.48
C ARG D 63 8.79 17.14 29.21
N GLY D 64 7.68 16.47 28.85
CA GLY D 64 7.71 15.45 27.82
C GLY D 64 8.13 15.96 26.44
N ASP D 65 7.86 17.22 26.13
CA ASP D 65 8.27 17.64 24.79
C ASP D 65 9.79 17.77 24.65
N ASN D 66 10.57 17.60 25.71
CA ASN D 66 12.03 17.62 25.61
C ASN D 66 12.60 16.26 25.23
N VAL D 67 11.76 15.26 25.01
CA VAL D 67 12.15 13.86 25.08
C VAL D 67 12.51 13.33 23.69
N LEU D 68 13.64 12.66 23.60
CA LEU D 68 14.01 11.92 22.40
C LEU D 68 13.44 10.51 22.51
N TYR D 69 13.95 9.74 23.48
CA TYR D 69 13.41 8.42 23.74
C TYR D 69 13.87 7.96 25.12
N VAL D 70 13.17 6.95 25.65
CA VAL D 70 13.43 6.42 26.98
C VAL D 70 13.90 4.98 26.83
N SER D 71 15.02 4.66 27.45
CA SER D 71 15.58 3.31 27.42
C SER D 71 15.11 2.60 28.68
N LEU D 72 14.32 1.56 28.51
CA LEU D 72 13.71 0.85 29.63
C LEU D 72 14.51 -0.35 30.10
N MET E 2 -2.10 0.81 3.13
CA MET E 2 -3.06 0.18 2.22
C MET E 2 -4.31 1.05 2.06
N ASP E 3 -5.10 1.18 3.12
CA ASP E 3 -6.27 2.08 3.08
C ASP E 3 -5.81 3.53 2.90
N THR E 4 -6.35 4.21 1.89
CA THR E 4 -5.75 5.46 1.44
C THR E 4 -5.86 6.59 2.44
N GLN E 5 -6.65 6.43 3.50
CA GLN E 5 -6.83 7.51 4.46
C GLN E 5 -6.16 7.25 5.80
N ARG E 6 -5.59 6.05 6.02
CA ARG E 6 -4.90 5.71 7.25
C ARG E 6 -3.46 5.28 6.96
N PRO E 7 -2.55 6.22 6.66
CA PRO E 7 -1.16 5.84 6.37
C PRO E 7 -0.47 5.14 7.52
N LEU E 8 -0.82 5.49 8.75
CA LEU E 8 -0.18 4.85 9.90
C LEU E 8 -0.52 3.37 10.01
N ASP E 9 -1.42 2.87 9.15
CA ASP E 9 -1.70 1.44 9.10
C ASP E 9 -0.57 0.65 8.46
N ALA E 10 0.32 1.30 7.69
CA ALA E 10 1.50 0.62 7.17
C ALA E 10 2.40 0.15 8.30
N LEU E 11 2.41 0.88 9.41
CA LEU E 11 3.07 0.36 10.61
C LEU E 11 2.36 -0.90 11.07
N GLY E 12 1.03 -0.94 10.90
CA GLY E 12 0.26 -2.14 11.19
C GLY E 12 0.84 -3.37 10.52
N LYS E 13 1.19 -3.24 9.25
CA LYS E 13 1.66 -4.34 8.47
C LYS E 13 3.08 -4.75 8.84
N SER E 14 3.72 -4.08 9.80
CA SER E 14 5.11 -4.36 10.14
C SER E 14 5.33 -4.60 11.63
N ILE E 15 4.27 -4.76 12.43
CA ILE E 15 4.42 -5.02 13.86
C ILE E 15 5.13 -6.37 14.06
N ASN E 16 5.99 -6.44 15.07
CA ASN E 16 6.74 -7.64 15.46
C ASN E 16 7.79 -8.01 14.42
N THR E 17 8.08 -7.09 13.52
CA THR E 17 9.26 -7.15 12.67
C THR E 17 10.16 -5.95 12.98
N ASN E 18 11.35 -5.94 12.37
CA ASN E 18 12.30 -4.87 12.60
C ASN E 18 12.05 -3.72 11.63
N VAL E 19 12.17 -2.49 12.13
CA VAL E 19 11.97 -1.29 11.32
C VAL E 19 13.06 -0.29 11.67
N THR E 20 13.32 0.61 10.74
CA THR E 20 14.25 1.72 10.94
C THR E 20 13.47 3.01 11.09
N VAL E 21 13.74 3.74 12.17
CA VAL E 21 13.08 5.00 12.46
C VAL E 21 14.13 6.10 12.33
N TYR E 22 13.97 6.93 11.31
CA TYR E 22 14.86 8.07 11.11
C TYR E 22 14.33 9.24 11.92
N LEU E 23 15.19 9.80 12.77
CA LEU E 23 14.86 10.97 13.57
C LEU E 23 15.35 12.25 12.90
N LYS E 24 14.84 13.38 13.39
CA LYS E 24 15.17 14.66 12.79
C LYS E 24 16.64 15.01 12.97
N ASP E 25 17.21 14.72 14.14
CA ASP E 25 18.61 15.07 14.38
C ASP E 25 19.59 14.09 13.75
N GLY E 26 19.26 13.55 12.57
CA GLY E 26 20.14 12.65 11.86
C GLY E 26 20.23 11.23 12.40
N LYS E 27 19.67 10.94 13.58
CA LYS E 27 19.81 9.61 14.15
C LYS E 27 18.91 8.60 13.44
N LEU E 28 19.35 7.33 13.46
CA LEU E 28 18.65 6.21 12.82
C LEU E 28 18.44 5.12 13.87
N VAL E 29 17.19 4.87 14.25
CA VAL E 29 16.87 3.87 15.27
C VAL E 29 16.31 2.62 14.60
N LYS E 30 16.91 1.47 14.91
CA LYS E 30 16.50 0.18 14.38
C LYS E 30 15.94 -0.67 15.53
N GLY E 31 14.80 -1.28 15.32
CA GLY E 31 14.20 -2.03 16.41
C GLY E 31 13.06 -2.91 15.92
N ARG E 32 12.61 -3.77 16.82
CA ARG E 32 11.46 -4.62 16.60
C ARG E 32 10.23 -3.82 17.01
N LEU E 33 9.28 -3.67 16.09
CA LEU E 33 8.14 -2.78 16.29
C LEU E 33 7.07 -3.48 17.13
N LYS E 34 6.86 -2.99 18.36
CA LYS E 34 5.95 -3.61 19.31
C LYS E 34 4.64 -2.86 19.48
N ALA E 35 4.66 -1.54 19.36
CA ALA E 35 3.44 -0.75 19.53
C ALA E 35 3.61 0.58 18.82
N TYR E 36 2.48 1.21 18.52
CA TYR E 36 2.51 2.55 17.97
C TYR E 36 1.15 3.21 18.15
N ASP E 37 1.15 4.51 18.43
CA ASP E 37 -0.10 5.27 18.53
C ASP E 37 -0.12 6.37 17.45
N LEU E 38 -1.21 7.12 17.42
CA LEU E 38 -1.40 8.14 16.39
C LEU E 38 -0.53 9.39 16.61
N HIS E 39 0.19 9.49 17.73
CA HIS E 39 1.26 10.49 17.84
C HIS E 39 2.50 10.10 17.06
N MET E 40 2.49 8.90 16.47
CA MET E 40 3.69 8.22 15.95
C MET E 40 4.71 7.88 17.05
N ASN E 41 4.28 7.82 18.32
CA ASN E 41 5.10 7.14 19.32
C ASN E 41 5.24 5.67 18.96
N VAL E 42 6.46 5.16 19.08
CA VAL E 42 6.69 3.75 18.76
C VAL E 42 7.43 3.11 19.92
N ALA E 43 7.23 1.81 20.07
CA ALA E 43 7.95 0.98 21.03
C ALA E 43 8.83 0.03 20.24
N LEU E 44 10.13 0.03 20.52
CA LEU E 44 11.09 -0.79 19.79
C LEU E 44 11.79 -1.76 20.73
N GLU E 45 11.83 -3.02 20.34
CA GLU E 45 12.47 -4.08 21.10
C GLU E 45 13.86 -4.33 20.51
N ASN E 46 14.86 -4.44 21.38
CA ASN E 46 16.23 -4.71 20.96
C ASN E 46 16.70 -3.67 19.96
N ALA E 47 16.60 -2.41 20.39
CA ALA E 47 16.88 -1.29 19.51
C ALA E 47 18.37 -1.06 19.36
N LYS E 48 18.75 -0.49 18.22
CA LYS E 48 20.13 -0.16 17.93
C LYS E 48 20.14 1.15 17.16
N ILE E 49 20.92 2.12 17.65
CA ILE E 49 21.18 3.35 16.89
C ILE E 49 22.45 3.14 16.07
N GLU E 50 22.31 3.14 14.75
CA GLU E 50 23.48 2.94 13.90
C GLU E 50 24.48 4.08 14.03
N SER E 51 24.21 5.03 14.91
CA SER E 51 25.22 6.00 15.32
C SER E 51 26.23 5.30 16.23
N ASP E 52 25.79 4.85 17.42
CA ASP E 52 26.70 4.17 18.34
C ASP E 52 26.87 2.70 17.98
N GLU E 53 25.82 2.04 17.47
CA GLU E 53 25.86 0.69 16.93
C GLU E 53 26.18 -0.39 17.96
N GLU E 54 27.01 -0.10 18.96
CA GLU E 54 27.46 -1.14 19.88
C GLU E 54 26.28 -1.67 20.68
N LYS E 55 25.68 -0.84 21.53
CA LYS E 55 24.74 -1.36 22.51
C LYS E 55 23.36 -1.58 21.88
N GLU E 56 22.80 -2.74 22.16
CA GLU E 56 21.39 -3.00 21.92
C GLU E 56 20.60 -2.56 23.14
N PHE E 57 19.51 -1.83 22.91
CA PHE E 57 18.66 -1.39 23.99
C PHE E 57 17.46 -2.32 24.06
N PRO E 58 17.24 -3.02 25.18
CA PRO E 58 16.13 -3.97 25.22
C PRO E 58 14.77 -3.35 24.90
N MET E 59 14.55 -2.07 25.24
CA MET E 59 13.28 -1.42 24.96
C MET E 59 13.49 0.10 24.87
N LEU E 60 13.20 0.68 23.71
CA LEU E 60 13.20 2.12 23.48
C LEU E 60 11.79 2.57 23.14
N VAL E 61 11.29 3.60 23.83
CA VAL E 61 10.04 4.24 23.43
C VAL E 61 10.40 5.60 22.85
N VAL E 62 10.20 5.73 21.55
CA VAL E 62 10.56 6.94 20.82
C VAL E 62 9.36 7.86 20.76
N ARG E 63 9.56 9.11 21.17
CA ARG E 63 8.51 10.12 21.10
C ARG E 63 8.26 10.54 19.65
N GLY E 64 7.00 10.80 19.35
CA GLY E 64 6.59 10.87 17.96
C GLY E 64 7.09 12.10 17.24
N ASP E 65 7.05 13.26 17.89
CA ASP E 65 7.46 14.44 17.16
C ASP E 65 8.94 14.45 16.82
N ASN E 66 9.73 13.48 17.30
CA ASN E 66 11.11 13.34 16.88
C ASN E 66 11.27 12.61 15.55
N VAL E 67 10.22 12.01 15.02
CA VAL E 67 10.33 11.13 13.87
C VAL E 67 10.36 11.95 12.60
N LEU E 68 11.32 11.64 11.72
CA LEU E 68 11.38 12.26 10.41
C LEU E 68 10.54 11.44 9.43
N TYR E 69 10.99 10.22 9.14
CA TYR E 69 10.16 9.21 8.49
C TYR E 69 10.57 7.85 9.05
N VAL E 70 9.81 6.82 8.70
CA VAL E 70 10.00 5.47 9.21
C VAL E 70 10.00 4.49 8.05
N SER E 71 10.96 3.58 8.03
CA SER E 71 11.14 2.64 6.93
C SER E 71 10.55 1.29 7.33
N LEU E 72 9.48 0.89 6.64
CA LEU E 72 8.87 -0.41 6.86
C LEU E 72 9.40 -1.38 5.81
N MET F 2 -9.84 19.76 -5.71
CA MET F 2 -10.83 20.51 -6.50
C MET F 2 -11.73 21.34 -5.59
N ASP F 3 -12.16 20.78 -4.46
CA ASP F 3 -12.94 21.57 -3.52
C ASP F 3 -12.08 22.66 -2.90
N THR F 4 -12.65 23.86 -2.78
CA THR F 4 -11.85 25.03 -2.41
C THR F 4 -11.52 25.09 -0.92
N GLN F 5 -12.21 24.34 -0.07
CA GLN F 5 -11.93 24.35 1.36
C GLN F 5 -11.12 23.15 1.82
N ARG F 6 -10.79 22.20 0.93
CA ARG F 6 -10.09 20.97 1.31
C ARG F 6 -8.88 20.77 0.42
N PRO F 7 -7.81 21.55 0.62
CA PRO F 7 -6.65 21.43 -0.29
C PRO F 7 -6.03 20.04 -0.30
N LEU F 8 -6.07 19.31 0.81
CA LEU F 8 -5.48 17.98 0.79
C LEU F 8 -6.30 16.97 -0.01
N ASP F 9 -7.47 17.36 -0.55
CA ASP F 9 -8.10 16.51 -1.56
C ASP F 9 -7.21 16.32 -2.79
N ALA F 10 -6.30 17.27 -3.06
CA ALA F 10 -5.38 17.10 -4.18
C ALA F 10 -4.50 15.88 -3.99
N LEU F 11 -4.19 15.52 -2.75
CA LEU F 11 -3.44 14.28 -2.53
C LEU F 11 -4.31 13.05 -2.70
N GLY F 12 -5.60 13.17 -2.38
CA GLY F 12 -6.51 12.06 -2.61
C GLY F 12 -6.71 11.78 -4.09
N LYS F 13 -6.59 12.80 -4.95
CA LYS F 13 -6.67 12.58 -6.39
C LYS F 13 -5.42 11.91 -6.97
N SER F 14 -4.29 11.89 -6.23
CA SER F 14 -3.02 11.45 -6.78
C SER F 14 -2.56 10.11 -6.20
N ILE F 15 -3.46 9.37 -5.55
CA ILE F 15 -3.08 8.06 -5.02
C ILE F 15 -2.61 7.15 -6.15
N ASN F 16 -1.56 6.39 -5.86
CA ASN F 16 -0.90 5.48 -6.78
C ASN F 16 -0.26 6.19 -7.99
N THR F 17 -0.15 7.51 -7.96
CA THR F 17 0.70 8.24 -8.89
C THR F 17 2.04 8.54 -8.23
N ASN F 18 2.97 9.05 -9.03
CA ASN F 18 4.33 9.30 -8.55
C ASN F 18 4.46 10.75 -8.08
N VAL F 19 4.87 10.93 -6.82
CA VAL F 19 4.90 12.25 -6.18
C VAL F 19 6.27 12.52 -5.57
N THR F 20 6.53 13.78 -5.29
CA THR F 20 7.79 14.21 -4.66
C THR F 20 7.46 15.00 -3.41
N VAL F 21 7.98 14.55 -2.27
CA VAL F 21 7.72 15.19 -0.99
C VAL F 21 8.94 16.03 -0.60
N TYR F 22 8.71 17.31 -0.37
CA TYR F 22 9.75 18.25 0.05
C TYR F 22 9.69 18.42 1.57
N LEU F 23 10.76 18.07 2.26
CA LEU F 23 10.83 18.25 3.70
C LEU F 23 11.58 19.53 4.07
N LYS F 24 11.35 19.98 5.31
CA LYS F 24 11.90 21.26 5.73
C LYS F 24 13.42 21.28 5.69
N ASP F 25 14.06 20.13 5.95
CA ASP F 25 15.51 20.07 6.05
C ASP F 25 16.21 19.99 4.69
N GLY F 26 15.50 20.29 3.59
CA GLY F 26 16.10 20.28 2.28
C GLY F 26 16.06 18.96 1.53
N LYS F 27 15.44 17.93 2.10
CA LYS F 27 15.40 16.60 1.49
C LYS F 27 14.27 16.49 0.48
N LEU F 28 14.44 15.54 -0.44
CA LEU F 28 13.47 15.27 -1.50
C LEU F 28 13.12 13.78 -1.46
N VAL F 29 11.90 13.47 -1.08
CA VAL F 29 11.44 12.09 -0.96
C VAL F 29 10.46 11.84 -2.10
N LYS F 30 10.79 10.88 -2.96
CA LYS F 30 10.03 10.56 -4.15
C LYS F 30 9.46 9.15 -4.03
N GLY F 31 8.27 8.95 -4.57
CA GLY F 31 7.69 7.64 -4.57
C GLY F 31 6.22 7.65 -4.97
N ARG F 32 5.59 6.50 -4.78
CA ARG F 32 4.18 6.32 -5.09
C ARG F 32 3.35 6.60 -3.84
N LEU F 33 2.50 7.61 -3.91
CA LEU F 33 1.62 7.97 -2.81
C LEU F 33 0.58 6.87 -2.56
N LYS F 34 0.72 6.16 -1.43
CA LYS F 34 -0.24 5.11 -1.10
C LYS F 34 -1.37 5.60 -0.23
N ALA F 35 -1.10 6.51 0.71
CA ALA F 35 -2.10 6.97 1.66
C ALA F 35 -1.66 8.32 2.20
N TYR F 36 -2.61 9.02 2.82
CA TYR F 36 -2.31 10.27 3.51
C TYR F 36 -3.38 10.52 4.58
N ASP F 37 -3.08 11.42 5.50
CA ASP F 37 -4.09 11.84 6.48
C ASP F 37 -4.06 13.36 6.65
N LEU F 38 -5.00 13.87 7.45
CA LEU F 38 -5.19 15.31 7.62
C LEU F 38 -4.04 15.99 8.37
N HIS F 39 -3.14 15.20 8.99
CA HIS F 39 -1.85 15.68 9.49
C HIS F 39 -0.82 15.87 8.38
N MET F 40 -1.12 15.46 7.15
CA MET F 40 -0.20 15.42 6.01
C MET F 40 0.88 14.35 6.16
N ASN F 41 0.71 13.38 7.07
CA ASN F 41 1.44 12.13 6.95
C ASN F 41 1.17 11.52 5.58
N VAL F 42 2.16 10.82 5.05
CA VAL F 42 2.01 10.17 3.74
C VAL F 42 2.79 8.85 3.77
N ALA F 43 2.17 7.83 3.21
CA ALA F 43 2.84 6.56 2.96
C ALA F 43 3.29 6.54 1.50
N LEU F 44 4.58 6.28 1.28
CA LEU F 44 5.15 6.27 -0.05
C LEU F 44 5.67 4.89 -0.38
N GLU F 45 5.21 4.34 -1.50
CA GLU F 45 5.71 3.06 -2.01
C GLU F 45 6.91 3.29 -2.91
N ASN F 46 7.92 2.43 -2.76
CA ASN F 46 9.15 2.49 -3.53
C ASN F 46 9.75 3.89 -3.46
N ALA F 47 10.13 4.25 -2.24
CA ALA F 47 10.63 5.58 -1.95
C ALA F 47 12.13 5.66 -2.19
N LYS F 48 12.55 6.74 -2.84
CA LYS F 48 13.95 7.07 -2.96
C LYS F 48 14.15 8.50 -2.48
N ILE F 49 15.29 8.78 -1.86
CA ILE F 49 15.63 10.12 -1.43
C ILE F 49 16.71 10.64 -2.37
N GLU F 50 16.54 11.89 -2.83
CA GLU F 50 17.52 12.51 -3.71
C GLU F 50 18.94 12.43 -3.16
N SER F 51 19.09 12.24 -1.84
CA SER F 51 20.39 12.19 -1.21
C SER F 51 21.08 10.83 -1.42
N ASP F 52 20.43 9.75 -1.00
CA ASP F 52 21.09 8.45 -0.96
C ASP F 52 21.24 7.81 -2.33
N GLU F 53 20.29 8.04 -3.24
CA GLU F 53 20.37 7.57 -4.62
C GLU F 53 20.33 6.05 -4.74
N GLU F 54 21.28 5.37 -4.09
CA GLU F 54 21.38 3.92 -4.21
C GLU F 54 20.15 3.22 -3.64
N LYS F 55 19.89 3.44 -2.35
CA LYS F 55 18.87 2.66 -1.64
C LYS F 55 17.47 3.17 -1.96
N GLU F 56 16.63 2.27 -2.43
CA GLU F 56 15.20 2.49 -2.53
C GLU F 56 14.52 1.95 -1.27
N PHE F 57 13.35 2.50 -0.97
CA PHE F 57 12.55 2.06 0.17
C PHE F 57 11.20 1.54 -0.32
N PRO F 58 10.96 0.22 -0.31
CA PRO F 58 9.60 -0.25 -0.60
C PRO F 58 8.48 0.46 0.15
N MET F 59 8.61 0.68 1.46
CA MET F 59 7.56 1.43 2.14
C MET F 59 8.14 2.43 3.14
N LEU F 60 7.74 3.69 3.01
CA LEU F 60 8.25 4.78 3.83
C LEU F 60 7.09 5.65 4.29
N VAL F 61 6.95 5.83 5.61
CA VAL F 61 5.90 6.68 6.15
C VAL F 61 6.55 7.95 6.69
N VAL F 62 6.26 9.07 6.06
CA VAL F 62 6.77 10.37 6.48
C VAL F 62 5.80 10.95 7.51
N ARG F 63 6.36 11.50 8.58
CA ARG F 63 5.54 12.29 9.51
C ARG F 63 5.26 13.68 8.94
N GLY F 64 3.99 14.11 9.05
CA GLY F 64 3.53 15.26 8.31
C GLY F 64 4.14 16.59 8.68
N ASP F 65 4.46 16.79 9.96
CA ASP F 65 4.98 18.11 10.28
C ASP F 65 6.41 18.32 9.81
N ASN F 66 7.01 17.32 9.15
CA ASN F 66 8.28 17.47 8.46
C ASN F 66 8.12 18.00 7.04
N VAL F 67 6.90 18.15 6.57
CA VAL F 67 6.65 18.39 5.15
C VAL F 67 6.66 19.88 4.87
N LEU F 68 7.39 20.26 3.82
CA LEU F 68 7.35 21.62 3.32
C LEU F 68 6.22 21.78 2.31
N TYR F 69 6.31 21.05 1.19
CA TYR F 69 5.23 20.94 0.23
C TYR F 69 5.36 19.62 -0.50
N VAL F 70 4.24 19.17 -1.07
CA VAL F 70 4.20 17.94 -1.85
C VAL F 70 3.84 18.30 -3.28
N SER F 71 4.62 17.78 -4.22
CA SER F 71 4.47 18.10 -5.64
C SER F 71 3.69 17.00 -6.34
N LEU F 72 2.68 17.41 -7.12
CA LEU F 72 1.82 16.47 -7.85
C LEU F 72 1.86 16.71 -9.35
N MET G 2 -12.80 40.17 4.19
CA MET G 2 -13.54 41.40 4.42
C MET G 2 -14.07 41.47 5.85
N ASP G 3 -14.73 40.41 6.31
CA ASP G 3 -15.19 40.34 7.70
C ASP G 3 -14.00 40.50 8.65
N THR G 4 -14.19 41.30 9.71
CA THR G 4 -13.06 41.68 10.55
C THR G 4 -12.51 40.53 11.38
N GLN G 5 -13.31 39.52 11.69
CA GLN G 5 -12.87 38.43 12.54
C GLN G 5 -12.27 37.27 11.77
N ARG G 6 -12.18 37.37 10.44
CA ARG G 6 -11.94 36.20 9.59
C ARG G 6 -10.96 36.54 8.49
N PRO G 7 -9.69 36.77 8.84
CA PRO G 7 -8.69 37.17 7.83
C PRO G 7 -8.47 36.16 6.71
N LEU G 8 -8.80 34.88 6.92
CA LEU G 8 -8.58 33.89 5.87
C LEU G 8 -9.59 33.99 4.72
N ASP G 9 -10.70 34.70 4.91
CA ASP G 9 -11.61 34.92 3.78
C ASP G 9 -10.92 35.66 2.65
N ALA G 10 -9.84 36.38 2.94
CA ALA G 10 -9.05 37.02 1.89
C ALA G 10 -8.50 35.98 0.91
N LEU G 11 -8.08 34.82 1.42
CA LEU G 11 -7.70 33.74 0.51
C LEU G 11 -8.88 33.31 -0.35
N GLY G 12 -10.06 33.19 0.26
CA GLY G 12 -11.25 32.87 -0.51
C GLY G 12 -11.54 33.88 -1.60
N LYS G 13 -11.44 35.16 -1.26
CA LYS G 13 -11.69 36.21 -2.25
C LYS G 13 -10.64 36.18 -3.36
N SER G 14 -9.71 35.22 -3.29
CA SER G 14 -8.62 35.13 -4.25
C SER G 14 -8.50 33.74 -4.84
N ILE G 15 -9.53 32.89 -4.72
CA ILE G 15 -9.45 31.56 -5.32
C ILE G 15 -9.36 31.71 -6.84
N ASN G 16 -8.54 30.86 -7.45
CA ASN G 16 -8.20 30.86 -8.87
C ASN G 16 -7.41 32.10 -9.28
N THR G 17 -7.13 33.01 -8.35
CA THR G 17 -6.19 34.10 -8.54
C THR G 17 -4.76 33.61 -8.34
N ASN G 18 -3.82 34.22 -9.05
CA ASN G 18 -2.41 34.00 -8.79
C ASN G 18 -2.00 34.75 -7.52
N VAL G 19 -1.25 34.07 -6.65
CA VAL G 19 -0.80 34.63 -5.39
C VAL G 19 0.65 34.21 -5.17
N THR G 20 1.28 34.81 -4.17
CA THR G 20 2.63 34.45 -3.76
C THR G 20 2.66 34.07 -2.28
N VAL G 21 3.20 32.88 -2.01
CA VAL G 21 3.22 32.30 -0.67
C VAL G 21 4.65 32.31 -0.15
N TYR G 22 4.86 33.04 0.94
CA TYR G 22 6.17 33.20 1.56
C TYR G 22 6.32 32.24 2.72
N LEU G 23 7.38 31.45 2.69
CA LEU G 23 7.67 30.46 3.72
C LEU G 23 8.73 30.98 4.70
N LYS G 24 8.78 30.33 5.88
CA LYS G 24 9.69 30.78 6.92
C LYS G 24 11.16 30.68 6.50
N ASP G 25 11.49 29.75 5.61
CA ASP G 25 12.88 29.54 5.21
C ASP G 25 13.34 30.48 4.10
N GLY G 26 12.56 31.51 3.77
CA GLY G 26 12.90 32.43 2.72
C GLY G 26 12.49 32.02 1.32
N LYS G 27 11.90 30.83 1.15
CA LYS G 27 11.40 30.45 -0.17
C LYS G 27 10.16 31.26 -0.52
N LEU G 28 9.92 31.37 -1.83
CA LEU G 28 8.71 31.97 -2.38
C LEU G 28 8.08 30.96 -3.33
N VAL G 29 6.77 30.78 -3.23
CA VAL G 29 6.00 29.90 -4.10
C VAL G 29 4.86 30.73 -4.67
N LYS G 30 4.82 30.86 -5.99
CA LYS G 30 3.72 31.58 -6.64
C LYS G 30 2.99 30.64 -7.59
N GLY G 31 1.71 30.94 -7.80
CA GLY G 31 0.85 30.07 -8.58
C GLY G 31 -0.61 30.40 -8.35
N ARG G 32 -1.44 29.57 -8.96
CA ARG G 32 -2.89 29.75 -8.91
C ARG G 32 -3.45 29.11 -7.65
N LEU G 33 -4.19 29.90 -6.87
CA LEU G 33 -4.79 29.44 -5.62
C LEU G 33 -6.02 28.59 -5.91
N LYS G 34 -5.93 27.28 -5.65
CA LYS G 34 -7.07 26.40 -5.85
C LYS G 34 -7.84 26.09 -4.57
N ALA G 35 -7.17 25.90 -3.44
CA ALA G 35 -7.89 25.59 -2.22
C ALA G 35 -7.04 26.02 -1.02
N TYR G 36 -7.72 26.29 0.09
CA TYR G 36 -7.08 26.61 1.36
C TYR G 36 -7.97 26.10 2.48
N ASP G 37 -7.34 25.81 3.62
CA ASP G 37 -8.10 25.40 4.81
C ASP G 37 -7.68 26.22 6.04
N LEU G 38 -8.17 25.83 7.22
CA LEU G 38 -7.97 26.66 8.41
C LEU G 38 -6.60 26.49 9.05
N HIS G 39 -5.87 25.43 8.73
CA HIS G 39 -4.44 25.38 9.04
C HIS G 39 -3.62 26.27 8.13
N MET G 40 -4.26 26.91 7.14
CA MET G 40 -3.62 27.66 6.06
C MET G 40 -2.84 26.77 5.10
N ASN G 41 -3.19 25.48 5.02
CA ASN G 41 -2.74 24.66 3.90
C ASN G 41 -3.28 25.22 2.59
N VAL G 42 -2.45 25.28 1.56
CA VAL G 42 -2.90 25.75 0.25
C VAL G 42 -2.55 24.72 -0.81
N ALA G 43 -3.38 24.65 -1.82
CA ALA G 43 -3.06 24.01 -3.09
C ALA G 43 -2.80 25.09 -4.13
N LEU G 44 -1.77 24.88 -4.94
CA LEU G 44 -1.37 25.88 -5.94
C LEU G 44 -1.24 25.23 -7.30
N GLU G 45 -1.90 25.83 -8.29
CA GLU G 45 -1.89 25.32 -9.66
C GLU G 45 -0.73 25.93 -10.44
N ASN G 46 0.02 25.08 -11.13
CA ASN G 46 1.15 25.51 -11.96
C ASN G 46 2.14 26.37 -11.17
N ALA G 47 2.65 25.79 -10.08
CA ALA G 47 3.44 26.54 -9.12
C ALA G 47 4.92 26.54 -9.50
N LYS G 48 5.60 27.62 -9.12
CA LYS G 48 7.02 27.80 -9.42
C LYS G 48 7.72 28.46 -8.23
N ILE G 49 8.85 27.90 -7.81
CA ILE G 49 9.64 28.48 -6.73
C ILE G 49 10.84 29.19 -7.32
N GLU G 50 10.96 30.47 -6.99
CA GLU G 50 12.07 31.31 -7.43
C GLU G 50 13.41 30.75 -6.93
N LYS G 55 11.86 24.56 -13.64
CA LYS G 55 10.86 23.58 -13.25
C LYS G 55 9.56 24.27 -12.86
N GLU G 56 8.44 23.61 -13.17
CA GLU G 56 7.13 24.08 -12.74
C GLU G 56 6.31 22.86 -12.31
N PHE G 57 5.58 23.02 -11.21
CA PHE G 57 4.81 21.92 -10.64
C PHE G 57 3.35 22.08 -11.04
N PRO G 58 2.76 21.11 -11.74
CA PRO G 58 1.35 21.25 -12.13
C PRO G 58 0.43 21.45 -10.96
N MET G 59 0.75 20.86 -9.80
CA MET G 59 -0.02 21.06 -8.58
C MET G 59 0.89 20.91 -7.38
N LEU G 60 0.86 21.90 -6.48
CA LEU G 60 1.75 21.96 -5.32
C LEU G 60 0.92 22.17 -4.06
N VAL G 61 0.90 21.18 -3.17
CA VAL G 61 0.20 21.32 -1.90
C VAL G 61 1.22 21.72 -0.84
N VAL G 62 0.97 22.87 -0.21
CA VAL G 62 1.89 23.47 0.76
C VAL G 62 1.30 23.29 2.15
N ARG G 63 2.10 22.74 3.06
CA ARG G 63 1.69 22.59 4.45
C ARG G 63 1.67 23.95 5.14
N GLY G 64 0.54 24.25 5.80
CA GLY G 64 0.26 25.61 6.23
C GLY G 64 1.12 26.15 7.35
N ASP G 65 1.78 25.28 8.11
CA ASP G 65 2.61 25.82 9.17
C ASP G 65 3.97 26.30 8.65
N ASN G 66 4.28 26.04 7.38
CA ASN G 66 5.48 26.60 6.76
C ASN G 66 5.31 28.06 6.32
N VAL G 67 4.14 28.66 6.50
CA VAL G 67 3.81 29.92 5.83
C VAL G 67 4.19 31.12 6.70
N LEU G 68 5.03 32.00 6.16
CA LEU G 68 5.24 33.30 6.77
C LEU G 68 4.05 34.22 6.51
N TYR G 69 3.84 34.57 5.25
CA TYR G 69 2.66 35.31 4.84
C TYR G 69 2.38 35.01 3.38
N VAL G 70 1.19 35.41 2.93
CA VAL G 70 0.73 35.16 1.58
C VAL G 70 0.44 36.48 0.91
N SER G 71 0.96 36.66 -0.31
CA SER G 71 0.76 37.88 -1.09
C SER G 71 -0.42 37.67 -2.05
N LEU G 72 -1.51 38.40 -1.82
CA LEU G 72 -2.68 38.31 -2.68
C LEU G 72 -2.57 39.26 -3.89
N MET H 2 38.32 -27.99 5.99
CA MET H 2 39.67 -28.43 5.62
C MET H 2 39.85 -29.92 5.86
N ASP H 3 38.75 -30.66 5.77
CA ASP H 3 38.78 -32.10 5.55
C ASP H 3 38.08 -32.37 4.23
N THR H 4 38.68 -33.24 3.42
CA THR H 4 38.11 -33.55 2.11
C THR H 4 36.87 -34.43 2.19
N GLN H 5 36.54 -34.97 3.34
CA GLN H 5 35.36 -35.81 3.51
C GLN H 5 34.19 -35.11 4.20
N ARG H 6 34.31 -33.83 4.54
CA ARG H 6 33.28 -33.11 5.28
C ARG H 6 33.15 -31.70 4.71
N PRO H 7 32.42 -31.54 3.60
CA PRO H 7 32.37 -30.23 2.96
C PRO H 7 31.64 -29.17 3.76
N LEU H 8 30.85 -29.55 4.76
CA LEU H 8 30.17 -28.55 5.58
C LEU H 8 31.03 -28.05 6.72
N ASP H 9 32.19 -28.66 6.96
CA ASP H 9 33.14 -28.06 7.89
C ASP H 9 33.55 -26.66 7.43
N ALA H 10 33.46 -26.40 6.12
CA ALA H 10 33.82 -25.10 5.57
C ALA H 10 33.05 -23.96 6.22
N LEU H 11 31.81 -24.20 6.61
CA LEU H 11 31.09 -23.18 7.36
C LEU H 11 31.23 -23.33 8.87
N GLY H 12 31.79 -24.45 9.34
CA GLY H 12 32.25 -24.48 10.71
C GLY H 12 33.40 -23.54 10.93
N LYS H 13 34.16 -23.26 9.88
CA LYS H 13 35.25 -22.28 9.91
C LYS H 13 34.76 -20.87 9.59
N SER H 14 33.51 -20.71 9.17
CA SER H 14 32.91 -19.40 8.94
C SER H 14 31.85 -19.07 9.99
N ILE H 15 31.90 -19.73 11.15
CA ILE H 15 30.98 -19.43 12.23
C ILE H 15 31.18 -18.00 12.69
N ASN H 16 30.08 -17.29 12.89
CA ASN H 16 30.10 -15.89 13.33
C ASN H 16 30.78 -14.99 12.31
N THR H 17 30.60 -15.30 11.03
CA THR H 17 31.04 -14.40 9.96
C THR H 17 29.92 -14.26 8.95
N ASN H 18 30.03 -13.23 8.11
CA ASN H 18 28.96 -12.91 7.18
C ASN H 18 29.06 -13.83 5.97
N VAL H 19 27.99 -14.57 5.73
CA VAL H 19 27.95 -15.53 4.62
C VAL H 19 26.72 -15.21 3.80
N THR H 20 26.68 -15.81 2.61
CA THR H 20 25.66 -15.50 1.63
C THR H 20 25.12 -16.80 1.07
N VAL H 21 23.83 -17.04 1.28
CA VAL H 21 23.19 -18.29 0.89
C VAL H 21 22.28 -18.03 -0.29
N TYR H 22 22.47 -18.82 -1.34
CA TYR H 22 21.68 -18.72 -2.54
C TYR H 22 20.68 -19.88 -2.57
N LEU H 23 19.44 -19.55 -2.95
CA LEU H 23 18.31 -20.44 -2.84
C LEU H 23 17.79 -20.81 -4.21
N LYS H 24 17.38 -22.07 -4.33
CA LYS H 24 16.93 -22.62 -5.61
C LYS H 24 15.84 -21.77 -6.26
N ASP H 25 15.00 -21.12 -5.46
CA ASP H 25 13.95 -20.28 -6.05
C ASP H 25 14.49 -18.99 -6.64
N GLY H 26 15.81 -18.83 -6.72
CA GLY H 26 16.42 -17.64 -7.25
C GLY H 26 16.56 -16.51 -6.26
N LYS H 27 16.22 -16.73 -5.00
CA LYS H 27 16.34 -15.71 -3.98
C LYS H 27 17.63 -15.89 -3.19
N LEU H 28 17.94 -14.87 -2.38
CA LEU H 28 19.28 -14.69 -1.84
C LEU H 28 19.14 -14.04 -0.47
N VAL H 29 19.80 -14.63 0.53
CA VAL H 29 19.79 -14.10 1.88
C VAL H 29 21.22 -14.01 2.42
N LYS H 30 21.50 -12.94 3.16
CA LYS H 30 22.83 -12.67 3.68
C LYS H 30 22.74 -12.36 5.17
N GLY H 31 23.74 -12.78 5.94
CA GLY H 31 23.76 -12.48 7.35
C GLY H 31 24.86 -13.23 8.07
N ARG H 32 24.89 -13.01 9.39
CA ARG H 32 25.87 -13.68 10.24
C ARG H 32 25.40 -15.10 10.58
N LEU H 33 26.33 -16.05 10.54
CA LEU H 33 26.03 -17.47 10.65
C LEU H 33 26.23 -17.90 12.11
N LYS H 34 25.14 -18.27 12.78
CA LYS H 34 25.25 -18.76 14.14
C LYS H 34 25.28 -20.29 14.22
N ALA H 35 24.53 -20.99 13.36
CA ALA H 35 24.45 -22.44 13.49
C ALA H 35 24.07 -23.07 12.17
N TYR H 36 24.52 -24.30 11.98
CA TYR H 36 24.09 -25.13 10.87
C TYR H 36 24.05 -26.58 11.31
N ASP H 37 23.32 -27.40 10.55
CA ASP H 37 23.19 -28.82 10.85
C ASP H 37 23.42 -29.64 9.58
N LEU H 38 23.37 -30.97 9.74
CA LEU H 38 23.64 -31.87 8.63
C LEU H 38 22.55 -31.88 7.57
N HIS H 39 21.40 -31.25 7.82
CA HIS H 39 20.44 -31.01 6.75
C HIS H 39 20.81 -29.83 5.88
N MET H 40 21.82 -29.04 6.28
CA MET H 40 22.11 -27.71 5.76
C MET H 40 21.06 -26.66 6.15
N ASN H 41 20.28 -26.92 7.21
CA ASN H 41 19.57 -25.84 7.89
C ASN H 41 20.59 -24.90 8.52
N VAL H 42 20.49 -23.60 8.24
CA VAL H 42 21.40 -22.66 8.88
C VAL H 42 20.58 -21.63 9.65
N ALA H 43 21.24 -21.04 10.63
CA ALA H 43 20.69 -19.95 11.44
C ALA H 43 21.46 -18.67 11.10
N LEU H 44 20.74 -17.70 10.58
CA LEU H 44 21.33 -16.45 10.13
C LEU H 44 20.88 -15.33 11.05
N GLU H 45 21.77 -14.92 11.96
CA GLU H 45 21.57 -13.71 12.74
C GLU H 45 21.80 -12.48 11.87
N ASN H 46 20.99 -11.45 12.11
CA ASN H 46 21.10 -10.18 11.37
C ASN H 46 20.97 -10.43 9.87
N ALA H 47 20.10 -11.37 9.51
CA ALA H 47 19.94 -11.74 8.12
C ALA H 47 19.26 -10.61 7.34
N LYS H 48 19.30 -10.74 6.02
CA LYS H 48 18.73 -9.73 5.13
C LYS H 48 18.64 -10.33 3.74
N ILE H 49 17.52 -10.09 3.07
CA ILE H 49 17.28 -10.58 1.71
C ILE H 49 17.54 -9.45 0.73
N GLU H 50 18.06 -9.78 -0.45
CA GLU H 50 18.38 -8.75 -1.43
C GLU H 50 17.14 -8.17 -2.09
N SER H 51 15.96 -8.71 -1.80
CA SER H 51 14.74 -8.21 -2.42
C SER H 51 14.24 -6.93 -1.75
N ASP H 52 14.09 -6.93 -0.42
CA ASP H 52 13.35 -5.86 0.26
C ASP H 52 14.25 -4.81 0.94
N GLU H 53 15.57 -5.00 0.94
CA GLU H 53 16.54 -3.93 1.22
C GLU H 53 16.42 -3.24 2.58
N GLU H 54 15.24 -2.74 2.96
CA GLU H 54 15.14 -2.12 4.28
C GLU H 54 15.18 -3.16 5.38
N LYS H 55 14.24 -4.11 5.34
CA LYS H 55 14.04 -5.01 6.45
C LYS H 55 15.30 -5.81 6.72
N GLU H 56 15.78 -5.72 7.95
CA GLU H 56 16.87 -6.54 8.43
C GLU H 56 16.33 -7.44 9.53
N PHE H 57 16.73 -8.71 9.51
CA PHE H 57 16.08 -9.73 10.33
C PHE H 57 16.99 -10.18 11.45
N PRO H 58 16.58 -10.05 12.72
CA PRO H 58 17.41 -10.59 13.80
C PRO H 58 17.67 -12.10 13.72
N MET H 59 16.79 -12.88 13.09
CA MET H 59 17.02 -14.33 13.02
C MET H 59 16.16 -14.95 11.92
N LEU H 60 16.82 -15.41 10.85
CA LEU H 60 16.22 -16.29 9.85
C LEU H 60 16.82 -17.67 9.97
N VAL H 61 15.97 -18.70 10.06
CA VAL H 61 16.38 -20.09 9.93
C VAL H 61 15.89 -20.58 8.58
N VAL H 62 16.81 -20.83 7.67
CA VAL H 62 16.48 -21.31 6.32
C VAL H 62 16.51 -22.83 6.32
N ARG H 63 15.58 -23.42 5.60
CA ARG H 63 15.49 -24.87 5.53
C ARG H 63 16.51 -25.41 4.53
N GLY H 64 17.25 -26.44 4.94
CA GLY H 64 18.40 -26.90 4.17
C GLY H 64 18.09 -27.24 2.72
N ASP H 65 16.91 -27.78 2.44
CA ASP H 65 16.60 -28.20 1.08
C ASP H 65 16.26 -27.05 0.14
N ASN H 66 16.35 -25.79 0.59
CA ASN H 66 16.28 -24.65 -0.31
C ASN H 66 17.65 -24.20 -0.80
N VAL H 67 18.73 -24.71 -0.20
CA VAL H 67 20.06 -24.15 -0.40
C VAL H 67 20.62 -24.59 -1.74
N LEU H 68 20.91 -23.62 -2.60
CA LEU H 68 21.73 -23.93 -3.78
C LEU H 68 23.19 -24.03 -3.37
N TYR H 69 23.80 -22.90 -3.03
CA TYR H 69 25.15 -22.92 -2.49
C TYR H 69 25.35 -21.74 -1.55
N VAL H 70 26.28 -21.91 -0.61
CA VAL H 70 26.56 -20.89 0.39
C VAL H 70 27.97 -20.36 0.16
N SER H 71 28.07 -19.05 -0.07
CA SER H 71 29.34 -18.37 -0.28
C SER H 71 29.80 -17.75 1.03
N LEU H 72 30.87 -18.29 1.59
CA LEU H 72 31.34 -17.86 2.91
C LEU H 72 32.21 -16.62 2.83
N MET I 2 39.56 -46.39 -8.36
CA MET I 2 38.75 -46.83 -9.49
C MET I 2 37.98 -48.11 -9.19
N ASP I 3 37.13 -48.04 -8.18
CA ASP I 3 36.35 -49.19 -7.74
C ASP I 3 34.94 -49.15 -8.31
N THR I 4 34.48 -50.29 -8.81
CA THR I 4 33.24 -50.36 -9.57
C THR I 4 31.99 -50.08 -8.74
N GLN I 5 32.11 -49.97 -7.41
CA GLN I 5 30.92 -49.92 -6.57
C GLN I 5 30.69 -48.59 -5.87
N ARG I 6 31.66 -47.68 -5.88
CA ARG I 6 31.46 -46.34 -5.32
C ARG I 6 31.96 -45.29 -6.31
N PRO I 7 31.10 -44.85 -7.23
CA PRO I 7 31.54 -43.91 -8.27
C PRO I 7 32.07 -42.58 -7.76
N LEU I 8 31.77 -42.18 -6.52
CA LEU I 8 32.25 -40.88 -6.06
C LEU I 8 33.72 -40.89 -5.65
N ASP I 9 34.40 -42.03 -5.76
CA ASP I 9 35.84 -42.04 -5.53
C ASP I 9 36.57 -41.14 -6.52
N ALA I 10 36.01 -40.95 -7.73
CA ALA I 10 36.61 -40.04 -8.69
C ALA I 10 36.69 -38.62 -8.14
N LEU I 11 35.74 -38.22 -7.30
CA LEU I 11 35.87 -36.96 -6.59
C LEU I 11 37.07 -36.98 -5.65
N GLY I 12 37.34 -38.14 -5.03
CA GLY I 12 38.56 -38.28 -4.27
C GLY I 12 39.81 -38.22 -5.12
N LYS I 13 39.71 -38.56 -6.40
CA LYS I 13 40.86 -38.55 -7.28
C LYS I 13 41.30 -37.15 -7.64
N SER I 14 40.46 -36.14 -7.42
CA SER I 14 40.69 -34.83 -8.01
C SER I 14 40.48 -33.69 -7.02
N ILE I 15 40.80 -33.91 -5.75
CA ILE I 15 40.90 -32.79 -4.83
C ILE I 15 42.13 -31.95 -5.20
N ASN I 16 42.02 -30.64 -4.97
CA ASN I 16 43.05 -29.67 -5.34
C ASN I 16 43.30 -29.66 -6.85
N THR I 17 42.29 -30.07 -7.60
CA THR I 17 42.24 -29.87 -9.04
C THR I 17 40.94 -29.15 -9.37
N ASN I 18 40.87 -28.62 -10.58
CA ASN I 18 39.73 -27.85 -11.02
C ASN I 18 38.67 -28.79 -11.57
N VAL I 19 37.49 -28.77 -10.98
CA VAL I 19 36.36 -29.57 -11.44
C VAL I 19 35.24 -28.62 -11.83
N THR I 20 34.23 -29.18 -12.49
CA THR I 20 33.11 -28.43 -13.04
C THR I 20 31.84 -29.14 -12.64
N VAL I 21 31.17 -28.62 -11.61
CA VAL I 21 29.93 -29.21 -11.14
C VAL I 21 28.78 -28.54 -11.87
N TYR I 22 28.00 -29.35 -12.58
CA TYR I 22 26.84 -28.88 -13.31
C TYR I 22 25.63 -28.95 -12.40
N LEU I 23 24.68 -28.04 -12.61
CA LEU I 23 23.51 -27.95 -11.76
C LEU I 23 22.25 -28.06 -12.59
N LYS I 24 21.21 -28.62 -11.98
CA LYS I 24 19.97 -28.91 -12.67
C LYS I 24 19.29 -27.68 -13.27
N ASP I 25 19.61 -26.48 -12.77
CA ASP I 25 19.01 -25.27 -13.29
C ASP I 25 19.72 -24.77 -14.56
N GLY I 26 20.88 -25.32 -14.87
CA GLY I 26 21.67 -24.92 -16.02
C GLY I 26 23.03 -24.37 -15.67
N LYS I 27 23.31 -24.11 -14.40
CA LYS I 27 24.52 -23.42 -14.01
C LYS I 27 25.74 -24.33 -14.09
N LEU I 28 26.90 -23.70 -14.28
CA LEU I 28 28.19 -24.34 -14.13
C LEU I 28 28.90 -23.66 -12.98
N VAL I 29 29.46 -24.45 -12.07
CA VAL I 29 30.22 -23.94 -10.96
C VAL I 29 31.61 -24.53 -11.10
N LYS I 30 32.57 -23.73 -11.54
CA LYS I 30 33.93 -24.19 -11.82
C LYS I 30 34.86 -23.69 -10.73
N GLY I 31 35.47 -24.62 -10.02
CA GLY I 31 36.41 -24.26 -8.97
C GLY I 31 37.28 -25.45 -8.64
N ARG I 32 38.23 -25.22 -7.74
CA ARG I 32 39.08 -26.29 -7.25
C ARG I 32 38.37 -27.01 -6.12
N LEU I 33 38.26 -28.33 -6.25
CA LEU I 33 37.60 -29.13 -5.23
C LEU I 33 38.50 -29.29 -4.01
N LYS I 34 37.91 -29.17 -2.84
CA LYS I 34 38.61 -29.43 -1.59
C LYS I 34 37.86 -30.34 -0.64
N ALA I 35 36.58 -30.63 -0.89
CA ALA I 35 35.84 -31.46 0.05
C ALA I 35 34.59 -32.00 -0.61
N TYR I 36 34.21 -33.22 -0.25
CA TYR I 36 32.99 -33.84 -0.76
C TYR I 36 32.51 -34.88 0.23
N ASP I 37 31.20 -35.16 0.19
CA ASP I 37 30.63 -36.25 0.96
C ASP I 37 29.61 -36.98 0.10
N LEU I 38 28.96 -37.99 0.69
CA LEU I 38 28.10 -38.90 -0.07
C LEU I 38 26.80 -38.25 -0.54
N HIS I 39 26.41 -37.10 0.02
CA HIS I 39 25.30 -36.36 -0.58
C HIS I 39 25.71 -35.70 -1.88
N MET I 40 26.99 -35.78 -2.23
CA MET I 40 27.64 -35.03 -3.30
C MET I 40 27.68 -33.53 -3.01
N ASN I 41 27.55 -33.15 -1.74
CA ASN I 41 27.92 -31.81 -1.31
C ASN I 41 29.41 -31.60 -1.55
N VAL I 42 29.78 -30.41 -2.01
CA VAL I 42 31.15 -30.15 -2.44
C VAL I 42 31.56 -28.76 -1.99
N ALA I 43 32.84 -28.63 -1.67
CA ALA I 43 33.43 -27.33 -1.31
C ALA I 43 34.34 -26.91 -2.44
N LEU I 44 33.88 -25.98 -3.27
CA LEU I 44 34.62 -25.52 -4.44
C LEU I 44 35.38 -24.25 -4.10
N GLU I 45 36.68 -24.37 -3.86
CA GLU I 45 37.47 -23.21 -3.47
C GLU I 45 37.73 -22.31 -4.68
N ASN I 46 37.52 -21.01 -4.49
CA ASN I 46 37.71 -20.00 -5.54
C ASN I 46 36.99 -20.42 -6.81
N ALA I 47 35.73 -20.79 -6.66
CA ALA I 47 34.92 -21.25 -7.77
C ALA I 47 34.27 -20.06 -8.48
N LYS I 48 34.01 -20.24 -9.77
CA LYS I 48 33.49 -19.18 -10.61
C LYS I 48 32.15 -19.58 -11.20
N ILE I 49 31.42 -18.56 -11.65
CA ILE I 49 30.11 -18.73 -12.25
C ILE I 49 30.22 -18.37 -13.73
N GLU I 50 29.49 -19.10 -14.56
CA GLU I 50 29.37 -18.70 -15.96
C GLU I 50 28.17 -17.77 -16.16
N SER I 51 27.06 -18.00 -15.43
CA SER I 51 25.91 -17.11 -15.53
C SER I 51 26.29 -15.66 -15.27
N ASP I 52 27.03 -15.39 -14.19
CA ASP I 52 27.35 -14.02 -13.81
C ASP I 52 28.79 -13.61 -14.14
N GLU I 53 29.68 -14.56 -14.41
CA GLU I 53 31.05 -14.29 -14.88
C GLU I 53 31.85 -13.41 -13.95
N GLU I 54 31.35 -12.20 -13.67
CA GLU I 54 32.10 -11.20 -12.92
C GLU I 54 32.51 -11.72 -11.55
N LYS I 55 31.55 -12.21 -10.78
CA LYS I 55 31.82 -12.59 -9.40
C LYS I 55 32.51 -13.95 -9.31
N GLU I 56 33.48 -14.04 -8.39
CA GLU I 56 34.08 -15.30 -7.99
C GLU I 56 33.98 -15.42 -6.48
N PHE I 57 33.87 -16.66 -6.00
CA PHE I 57 33.65 -16.89 -4.58
C PHE I 57 34.89 -17.52 -4.00
N PRO I 58 35.51 -16.93 -2.95
CA PRO I 58 36.70 -17.53 -2.34
C PRO I 58 36.47 -18.99 -1.96
N MET I 59 35.46 -19.21 -1.14
CA MET I 59 35.03 -20.54 -0.74
C MET I 59 33.54 -20.65 -0.96
N LEU I 60 33.07 -21.85 -1.34
CA LEU I 60 31.65 -22.02 -1.60
C LEU I 60 31.29 -23.49 -1.51
N VAL I 61 30.18 -23.76 -0.82
CA VAL I 61 29.69 -25.11 -0.57
C VAL I 61 28.39 -25.28 -1.34
N VAL I 62 28.30 -26.37 -2.11
CA VAL I 62 27.14 -26.67 -2.95
C VAL I 62 26.38 -27.84 -2.34
N ARG I 63 25.06 -27.68 -2.23
CA ARG I 63 24.22 -28.78 -1.77
C ARG I 63 24.11 -29.84 -2.85
N GLY I 64 24.38 -31.09 -2.46
CA GLY I 64 24.52 -32.16 -3.44
C GLY I 64 23.28 -32.40 -4.29
N ASP I 65 22.09 -32.28 -3.69
CA ASP I 65 20.91 -32.64 -4.47
C ASP I 65 20.61 -31.64 -5.59
N ASN I 66 21.44 -30.63 -5.80
CA ASN I 66 21.33 -29.76 -6.96
C ASN I 66 22.24 -30.22 -8.11
N VAL I 67 23.20 -31.11 -7.84
CA VAL I 67 24.19 -31.47 -8.83
C VAL I 67 23.56 -32.36 -9.90
N LEU I 68 23.82 -32.04 -11.16
CA LEU I 68 23.50 -32.91 -12.27
C LEU I 68 24.65 -33.87 -12.55
N TYR I 69 25.83 -33.35 -12.88
CA TYR I 69 27.02 -34.16 -12.88
C TYR I 69 28.25 -33.30 -12.63
N VAL I 70 29.30 -33.94 -12.13
CA VAL I 70 30.60 -33.33 -11.95
C VAL I 70 31.53 -33.88 -13.03
N SER I 71 32.31 -32.99 -13.66
CA SER I 71 33.18 -33.37 -14.77
C SER I 71 34.63 -33.18 -14.35
N LEU I 72 35.40 -34.26 -14.44
CA LEU I 72 36.74 -34.29 -13.84
C LEU I 72 37.83 -34.50 -14.89
N MET J 2 21.18 -61.31 -12.94
CA MET J 2 20.06 -62.03 -13.51
C MET J 2 19.01 -62.23 -12.43
N ASP J 3 19.42 -62.00 -11.18
CA ASP J 3 18.51 -62.19 -10.06
C ASP J 3 17.29 -61.29 -10.19
N THR J 4 16.12 -61.90 -10.07
CA THR J 4 14.87 -61.16 -10.27
C THR J 4 14.65 -60.06 -9.23
N GLN J 5 15.51 -59.93 -8.21
CA GLN J 5 15.30 -58.94 -7.16
C GLN J 5 16.42 -57.91 -7.10
N ARG J 6 17.26 -57.84 -8.13
CA ARG J 6 18.37 -56.89 -8.18
C ARG J 6 18.55 -56.39 -9.62
N PRO J 7 17.66 -55.50 -10.08
CA PRO J 7 17.79 -54.98 -11.45
C PRO J 7 19.09 -54.24 -11.74
N LEU J 8 19.71 -53.60 -10.74
CA LEU J 8 20.94 -52.87 -11.05
C LEU J 8 22.13 -53.79 -11.24
N ASP J 9 21.95 -55.12 -11.13
CA ASP J 9 22.99 -56.05 -11.53
C ASP J 9 23.29 -55.94 -13.02
N ALA J 10 22.35 -55.45 -13.81
CA ALA J 10 22.59 -55.25 -15.24
C ALA J 10 23.76 -54.28 -15.47
N LEU J 11 23.87 -53.24 -14.65
CA LEU J 11 25.00 -52.34 -14.77
C LEU J 11 26.26 -52.92 -14.15
N GLY J 12 26.11 -53.73 -13.10
CA GLY J 12 27.22 -54.53 -12.65
C GLY J 12 27.81 -55.35 -13.77
N LYS J 13 26.95 -55.89 -14.64
CA LYS J 13 27.38 -56.69 -15.77
C LYS J 13 27.71 -55.87 -17.01
N SER J 14 27.58 -54.55 -16.96
CA SER J 14 27.97 -53.69 -18.07
C SER J 14 29.18 -52.82 -17.75
N ILE J 15 29.91 -53.12 -16.67
CA ILE J 15 31.13 -52.37 -16.38
C ILE J 15 32.12 -52.50 -17.53
N ASN J 16 32.81 -51.39 -17.83
CA ASN J 16 33.84 -51.27 -18.87
C ASN J 16 33.28 -51.46 -20.28
N THR J 17 31.96 -51.61 -20.42
CA THR J 17 31.28 -51.52 -21.70
C THR J 17 30.68 -50.12 -21.86
N ASN J 18 30.17 -49.84 -23.06
CA ASN J 18 29.54 -48.56 -23.34
C ASN J 18 28.05 -48.58 -23.02
N VAL J 19 27.57 -47.52 -22.37
CA VAL J 19 26.17 -47.42 -21.98
C VAL J 19 25.67 -45.98 -22.22
N THR J 20 24.35 -45.84 -22.31
CA THR J 20 23.70 -44.56 -22.60
C THR J 20 22.76 -44.20 -21.45
N VAL J 21 23.17 -43.24 -20.61
CA VAL J 21 22.39 -42.84 -19.45
C VAL J 21 21.41 -41.74 -19.87
N TYR J 22 20.13 -42.06 -19.84
CA TYR J 22 19.06 -41.10 -20.11
C TYR J 22 18.71 -40.36 -18.82
N LEU J 23 18.55 -39.04 -18.91
CA LEU J 23 18.23 -38.20 -17.76
C LEU J 23 16.82 -37.62 -17.88
N LYS J 24 16.23 -37.31 -16.72
CA LYS J 24 14.94 -36.63 -16.72
C LYS J 24 15.04 -35.32 -17.47
N ASP J 25 16.14 -34.59 -17.26
CA ASP J 25 16.53 -33.41 -18.00
C ASP J 25 16.15 -33.46 -19.47
N GLY J 26 16.38 -34.61 -20.10
CA GLY J 26 16.23 -34.79 -21.53
C GLY J 26 17.51 -35.23 -22.21
N LYS J 27 18.65 -34.85 -21.64
CA LYS J 27 19.92 -35.23 -22.22
C LYS J 27 20.08 -36.74 -22.18
N LEU J 28 20.85 -37.26 -23.14
CA LEU J 28 21.28 -38.65 -23.20
C LEU J 28 22.80 -38.63 -23.15
N VAL J 29 23.37 -39.13 -22.05
CA VAL J 29 24.80 -39.06 -21.80
C VAL J 29 25.41 -40.43 -22.03
N LYS J 30 26.34 -40.49 -22.98
CA LYS J 30 26.97 -41.75 -23.35
C LYS J 30 28.35 -41.84 -22.72
N GLY J 31 28.76 -43.07 -22.43
CA GLY J 31 30.05 -43.29 -21.83
C GLY J 31 30.22 -44.76 -21.51
N ARG J 32 31.48 -45.13 -21.32
CA ARG J 32 31.83 -46.46 -20.83
C ARG J 32 31.66 -46.46 -19.32
N LEU J 33 30.62 -47.15 -18.85
CA LEU J 33 30.38 -47.25 -17.42
C LEU J 33 31.58 -47.86 -16.71
N LYS J 34 32.01 -47.20 -15.64
CA LYS J 34 33.13 -47.67 -14.83
C LYS J 34 32.80 -47.95 -13.37
N ALA J 35 31.60 -47.57 -12.90
CA ALA J 35 31.21 -47.77 -11.51
C ALA J 35 29.79 -47.26 -11.26
N TYR J 36 29.06 -47.93 -10.36
CA TYR J 36 27.70 -47.54 -10.01
C TYR J 36 27.42 -47.93 -8.57
N ASP J 37 26.46 -47.24 -7.94
CA ASP J 37 26.08 -47.57 -6.58
C ASP J 37 24.56 -47.73 -6.47
N LEU J 38 24.04 -47.88 -5.25
CA LEU J 38 22.61 -48.13 -5.11
C LEU J 38 21.78 -46.87 -5.19
N HIS J 39 22.39 -45.68 -5.20
CA HIS J 39 21.66 -44.47 -5.56
C HIS J 39 21.50 -44.33 -7.07
N MET J 40 22.17 -45.20 -7.85
CA MET J 40 22.29 -45.11 -9.31
C MET J 40 23.12 -43.92 -9.76
N ASN J 41 24.08 -43.49 -8.93
CA ASN J 41 25.17 -42.68 -9.43
C ASN J 41 26.03 -43.52 -10.38
N VAL J 42 26.63 -42.86 -11.36
CA VAL J 42 27.44 -43.55 -12.36
C VAL J 42 28.67 -42.71 -12.68
N ALA J 43 29.80 -43.40 -12.78
CA ALA J 43 31.02 -42.84 -13.34
C ALA J 43 31.15 -43.33 -14.77
N LEU J 44 31.36 -42.39 -15.69
CA LEU J 44 31.36 -42.68 -17.12
C LEU J 44 32.69 -42.20 -17.71
N GLU J 45 33.51 -43.15 -18.16
CA GLU J 45 34.78 -42.84 -18.79
C GLU J 45 34.54 -42.43 -20.25
N ASN J 46 35.18 -41.34 -20.66
CA ASN J 46 35.04 -40.79 -22.01
C ASN J 46 33.59 -40.52 -22.36
N ALA J 47 33.06 -39.40 -21.85
CA ALA J 47 31.61 -39.15 -21.83
C ALA J 47 31.22 -38.16 -22.91
N LYS J 48 30.15 -38.49 -23.65
CA LYS J 48 29.63 -37.66 -24.72
C LYS J 48 28.11 -37.59 -24.58
N ILE J 49 27.56 -36.39 -24.65
CA ILE J 49 26.11 -36.20 -24.62
C ILE J 49 25.60 -36.15 -26.05
N GLU J 50 24.72 -37.09 -26.40
CA GLU J 50 24.16 -37.15 -27.75
C GLU J 50 23.49 -35.86 -28.18
N SER J 51 23.22 -34.95 -27.24
CA SER J 51 22.70 -33.63 -27.61
C SER J 51 23.81 -32.64 -27.94
N ASP J 52 24.91 -32.66 -27.17
CA ASP J 52 26.01 -31.73 -27.43
C ASP J 52 26.96 -32.22 -28.51
N GLU J 53 27.09 -33.54 -28.67
CA GLU J 53 27.80 -34.18 -29.78
C GLU J 53 29.31 -33.92 -29.80
N GLU J 54 29.72 -32.67 -29.57
CA GLU J 54 31.05 -32.25 -29.99
C GLU J 54 32.10 -32.52 -28.91
N LYS J 55 31.85 -32.11 -27.68
CA LYS J 55 32.86 -32.21 -26.64
C LYS J 55 32.73 -33.54 -25.89
N GLU J 56 33.88 -34.19 -25.66
CA GLU J 56 33.94 -35.48 -24.98
C GLU J 56 34.61 -35.31 -23.62
N PHE J 57 34.04 -35.95 -22.60
CA PHE J 57 34.45 -35.75 -21.22
C PHE J 57 35.32 -36.89 -20.74
N PRO J 58 36.47 -36.61 -20.12
CA PRO J 58 37.32 -37.70 -19.61
C PRO J 58 36.61 -38.50 -18.52
N MET J 59 36.17 -37.80 -17.47
CA MET J 59 35.46 -38.43 -16.37
C MET J 59 34.22 -37.62 -16.04
N LEU J 60 33.06 -38.29 -16.02
CA LEU J 60 31.79 -37.65 -15.73
C LEU J 60 31.05 -38.48 -14.70
N VAL J 61 30.75 -37.89 -13.55
CA VAL J 61 30.07 -38.57 -12.46
C VAL J 61 28.66 -38.00 -12.37
N VAL J 62 27.66 -38.84 -12.65
CA VAL J 62 26.28 -38.41 -12.79
C VAL J 62 25.49 -38.77 -11.53
N ARG J 63 24.81 -37.78 -10.96
CA ARG J 63 24.03 -38.04 -9.74
C ARG J 63 22.84 -38.94 -10.01
N GLY J 64 22.56 -39.82 -9.05
CA GLY J 64 21.60 -40.89 -9.27
C GLY J 64 20.18 -40.41 -9.55
N ASP J 65 19.73 -39.37 -8.82
CA ASP J 65 18.34 -38.95 -8.96
C ASP J 65 18.05 -38.26 -10.30
N ASN J 66 19.08 -38.00 -11.10
CA ASN J 66 18.83 -37.44 -12.41
C ASN J 66 18.50 -38.49 -13.45
N VAL J 67 18.73 -39.77 -13.13
CA VAL J 67 18.64 -40.81 -14.14
C VAL J 67 17.18 -41.13 -14.43
N LEU J 68 16.89 -41.34 -15.72
CA LEU J 68 15.58 -41.76 -16.19
C LEU J 68 15.59 -43.26 -16.45
N TYR J 69 16.45 -43.71 -17.34
CA TYR J 69 16.77 -45.13 -17.47
C TYR J 69 18.15 -45.21 -18.12
N VAL J 70 18.76 -46.37 -18.01
CA VAL J 70 20.06 -46.62 -18.63
C VAL J 70 19.91 -47.80 -19.56
N SER J 71 20.42 -47.65 -20.79
CA SER J 71 20.39 -48.69 -21.80
C SER J 71 21.73 -49.40 -21.86
N LEU J 72 21.69 -50.73 -21.82
CA LEU J 72 22.91 -51.52 -21.88
C LEU J 72 23.00 -52.26 -23.22
N MET K 2 -0.40 -60.97 -4.57
CA MET K 2 -1.66 -61.50 -4.05
C MET K 2 -1.84 -61.12 -2.57
N ASP K 3 -0.77 -61.28 -1.77
CA ASP K 3 -0.84 -60.90 -0.37
C ASP K 3 -1.25 -59.44 -0.24
N THR K 4 -2.30 -59.19 0.56
CA THR K 4 -2.89 -57.87 0.61
C THR K 4 -1.93 -56.81 1.14
N GLN K 5 -0.74 -57.18 1.60
CA GLN K 5 0.20 -56.24 2.17
C GLN K 5 1.45 -56.02 1.31
N ARG K 6 1.63 -56.75 0.21
CA ARG K 6 2.78 -56.58 -0.67
C ARG K 6 2.34 -56.40 -2.11
N PRO K 7 1.84 -55.22 -2.47
CA PRO K 7 1.38 -55.00 -3.85
C PRO K 7 2.45 -55.24 -4.90
N LEU K 8 3.72 -54.98 -4.59
CA LEU K 8 4.79 -55.24 -5.55
C LEU K 8 5.00 -56.71 -5.84
N ASP K 9 4.32 -57.62 -5.12
CA ASP K 9 4.34 -59.02 -5.49
C ASP K 9 3.79 -59.25 -6.89
N ALA K 10 2.87 -58.39 -7.33
CA ALA K 10 2.37 -58.45 -8.71
C ALA K 10 3.50 -58.39 -9.72
N LEU K 11 4.59 -57.69 -9.40
CA LEU K 11 5.74 -57.70 -10.30
C LEU K 11 6.45 -59.04 -10.27
N GLY K 12 6.31 -59.80 -9.18
CA GLY K 12 6.85 -61.15 -9.16
C GLY K 12 6.14 -62.07 -10.13
N LYS K 13 4.84 -62.19 -9.98
CA LYS K 13 4.04 -63.05 -10.86
C LYS K 13 4.13 -62.65 -12.37
N SER K 14 4.95 -61.66 -12.74
CA SER K 14 5.07 -61.23 -14.14
C SER K 14 6.52 -61.22 -14.60
N ILE K 15 7.45 -61.79 -13.83
CA ILE K 15 8.82 -61.92 -14.32
C ILE K 15 8.80 -62.72 -15.62
N ASN K 16 9.64 -62.31 -16.57
CA ASN K 16 9.75 -62.92 -17.90
C ASN K 16 8.48 -62.74 -18.72
N THR K 17 7.71 -61.68 -18.45
CA THR K 17 6.47 -61.40 -19.16
C THR K 17 6.53 -59.98 -19.71
N ASN K 18 5.79 -59.74 -20.79
CA ASN K 18 5.66 -58.40 -21.35
C ASN K 18 4.86 -57.50 -20.41
N VAL K 19 5.49 -56.38 -20.00
CA VAL K 19 4.90 -55.41 -19.09
C VAL K 19 4.95 -54.04 -19.76
N THR K 20 4.07 -53.14 -19.32
CA THR K 20 4.14 -51.74 -19.74
C THR K 20 4.23 -50.84 -18.51
N VAL K 21 5.38 -50.19 -18.35
CA VAL K 21 5.59 -49.27 -17.25
C VAL K 21 5.44 -47.83 -17.76
N TYR K 22 4.44 -47.13 -17.24
CA TYR K 22 4.20 -45.74 -17.56
C TYR K 22 5.09 -44.83 -16.71
N LEU K 23 5.82 -43.94 -17.37
CA LEU K 23 6.66 -42.96 -16.71
C LEU K 23 5.85 -41.73 -16.28
N LYS K 24 6.49 -40.88 -15.47
CA LYS K 24 5.87 -39.62 -15.09
C LYS K 24 5.75 -38.69 -16.29
N ASP K 25 6.82 -38.58 -17.06
CA ASP K 25 6.90 -37.67 -18.21
C ASP K 25 5.97 -38.09 -19.34
N GLY K 26 5.11 -39.07 -19.09
CA GLY K 26 4.12 -39.51 -20.05
C GLY K 26 4.55 -40.62 -20.99
N LYS K 27 5.84 -40.96 -21.02
CA LYS K 27 6.30 -42.03 -21.89
C LYS K 27 5.69 -43.37 -21.48
N LEU K 28 5.46 -44.23 -22.47
CA LEU K 28 5.20 -45.64 -22.27
C LEU K 28 6.42 -46.42 -22.74
N VAL K 29 6.96 -47.26 -21.88
CA VAL K 29 8.10 -48.11 -22.23
C VAL K 29 7.70 -49.57 -22.01
N LYS K 30 7.71 -50.34 -23.08
CA LYS K 30 7.28 -51.73 -23.07
C LYS K 30 8.49 -52.64 -23.12
N GLY K 31 8.42 -53.75 -22.37
CA GLY K 31 9.51 -54.70 -22.33
C GLY K 31 9.12 -55.94 -21.55
N ARG K 32 10.02 -56.93 -21.56
CA ARG K 32 9.86 -58.12 -20.75
C ARG K 32 10.53 -57.92 -19.40
N LEU K 33 9.77 -58.10 -18.32
CA LEU K 33 10.25 -57.84 -16.98
C LEU K 33 11.27 -58.89 -16.56
N LYS K 34 12.45 -58.44 -16.17
CA LYS K 34 13.51 -59.33 -15.72
C LYS K 34 13.78 -59.22 -14.23
N ALA K 35 13.67 -58.02 -13.65
CA ALA K 35 13.94 -57.82 -12.24
C ALA K 35 13.26 -56.55 -11.75
N TYR K 36 12.97 -56.53 -10.45
CA TYR K 36 12.45 -55.36 -9.76
C TYR K 36 12.98 -55.37 -8.33
N ASP K 37 13.10 -54.17 -7.74
CA ASP K 37 13.46 -54.00 -6.33
C ASP K 37 12.37 -53.18 -5.62
N LEU K 38 12.56 -52.92 -4.33
CA LEU K 38 11.53 -52.25 -3.54
C LEU K 38 11.42 -50.76 -3.83
N HIS K 39 12.40 -50.17 -4.52
CA HIS K 39 12.25 -48.83 -5.06
C HIS K 39 11.29 -48.79 -6.24
N MET K 40 11.03 -49.94 -6.87
CA MET K 40 10.36 -50.11 -8.16
C MET K 40 11.29 -49.80 -9.34
N ASN K 41 12.61 -49.83 -9.14
CA ASN K 41 13.50 -50.01 -10.28
C ASN K 41 13.15 -51.32 -10.96
N VAL K 42 13.09 -51.31 -12.29
CA VAL K 42 12.77 -52.52 -13.05
C VAL K 42 13.75 -52.64 -14.20
N ALA K 43 14.05 -53.88 -14.57
CA ALA K 43 14.92 -54.17 -15.70
C ALA K 43 14.07 -54.73 -16.82
N LEU K 44 14.11 -54.08 -17.97
CA LEU K 44 13.35 -54.48 -19.14
C LEU K 44 14.30 -55.03 -20.19
N GLU K 45 13.96 -56.19 -20.72
CA GLU K 45 14.69 -56.80 -21.83
C GLU K 45 13.91 -56.56 -23.11
N ASN K 46 14.59 -56.10 -24.15
CA ASN K 46 13.96 -55.78 -25.43
C ASN K 46 12.91 -54.69 -25.26
N ALA K 47 13.37 -53.53 -24.81
CA ALA K 47 12.48 -52.43 -24.47
C ALA K 47 12.21 -51.55 -25.68
N LYS K 48 10.95 -51.15 -25.83
CA LYS K 48 10.52 -50.18 -26.82
C LYS K 48 9.82 -49.03 -26.11
N ILE K 49 10.10 -47.80 -26.53
CA ILE K 49 9.34 -46.66 -26.06
C ILE K 49 8.23 -46.38 -27.06
N GLU K 50 7.01 -46.21 -26.55
CA GLU K 50 5.87 -45.90 -27.39
C GLU K 50 5.82 -44.43 -27.81
N SER K 51 6.90 -43.70 -27.59
CA SER K 51 7.09 -42.36 -28.14
C SER K 51 8.21 -42.31 -29.16
N ASP K 52 9.32 -43.00 -28.89
CA ASP K 52 10.47 -42.98 -29.80
C ASP K 52 10.29 -43.94 -30.97
N GLU K 53 9.50 -45.00 -30.79
CA GLU K 53 9.19 -45.98 -31.85
C GLU K 53 10.43 -46.61 -32.48
N GLU K 54 11.32 -45.76 -32.99
CA GLU K 54 12.46 -46.22 -33.77
C GLU K 54 13.41 -47.05 -32.91
N LYS K 55 14.00 -46.44 -31.88
CA LYS K 55 15.05 -47.10 -31.12
C LYS K 55 14.48 -48.17 -30.22
N GLU K 56 15.05 -49.36 -30.30
CA GLU K 56 14.79 -50.48 -29.42
C GLU K 56 15.93 -50.60 -28.42
N PHE K 57 15.63 -51.24 -27.29
CA PHE K 57 16.58 -51.34 -26.19
C PHE K 57 16.77 -52.79 -25.77
N PRO K 58 17.87 -53.42 -26.18
CA PRO K 58 18.18 -54.76 -25.65
C PRO K 58 18.09 -54.86 -24.13
N MET K 59 18.63 -53.88 -23.41
CA MET K 59 18.60 -53.91 -21.96
C MET K 59 18.31 -52.51 -21.42
N LEU K 60 17.21 -52.38 -20.68
CA LEU K 60 16.79 -51.10 -20.12
C LEU K 60 16.45 -51.27 -18.65
N VAL K 61 17.22 -50.63 -17.79
CA VAL K 61 16.91 -50.51 -16.36
C VAL K 61 16.49 -49.07 -16.09
N VAL K 62 15.27 -48.89 -15.59
CA VAL K 62 14.69 -47.56 -15.40
C VAL K 62 14.52 -47.31 -13.91
N ARG K 63 15.00 -46.14 -13.48
CA ARG K 63 14.93 -45.75 -12.07
C ARG K 63 13.49 -45.70 -11.57
N GLY K 64 13.29 -46.16 -10.34
CA GLY K 64 11.94 -46.42 -9.86
C GLY K 64 11.09 -45.19 -9.64
N ASP K 65 11.70 -44.06 -9.27
CA ASP K 65 10.89 -42.87 -8.99
C ASP K 65 10.40 -42.16 -10.24
N ASN K 66 10.81 -42.59 -11.42
CA ASN K 66 10.19 -42.10 -12.64
C ASN K 66 8.85 -42.77 -12.92
N VAL K 67 8.53 -43.84 -12.23
CA VAL K 67 7.35 -44.65 -12.56
C VAL K 67 6.11 -44.02 -11.95
N LEU K 68 4.96 -44.25 -12.58
CA LEU K 68 3.70 -43.94 -11.92
C LEU K 68 2.76 -45.14 -11.82
N TYR K 69 2.68 -45.97 -12.85
CA TYR K 69 2.06 -47.27 -12.62
C TYR K 69 2.60 -48.28 -13.62
N VAL K 70 2.37 -49.56 -13.31
CA VAL K 70 2.78 -50.68 -14.14
C VAL K 70 1.54 -51.49 -14.52
N SER K 71 1.38 -51.75 -15.82
CA SER K 71 0.27 -52.54 -16.31
C SER K 71 0.73 -53.96 -16.61
N LEU K 72 0.08 -54.94 -15.98
CA LEU K 72 0.27 -56.37 -16.16
C LEU K 72 -1.03 -57.04 -16.57
N MET L 2 -9.26 -47.33 11.20
CA MET L 2 -10.17 -46.86 12.23
C MET L 2 -9.41 -46.38 13.46
N ASP L 3 -8.30 -47.06 13.77
CA ASP L 3 -7.38 -46.57 14.77
C ASP L 3 -6.89 -45.17 14.40
N THR L 4 -6.79 -44.31 15.41
CA THR L 4 -6.50 -42.89 15.18
C THR L 4 -5.04 -42.61 14.87
N GLN L 5 -4.20 -43.63 14.79
CA GLN L 5 -2.79 -43.43 14.49
C GLN L 5 -2.35 -44.14 13.22
N ARG L 6 -3.22 -44.94 12.59
CA ARG L 6 -2.90 -45.67 11.36
C ARG L 6 -3.95 -45.33 10.31
N PRO L 7 -3.83 -44.17 9.66
CA PRO L 7 -4.81 -43.82 8.61
C PRO L 7 -4.92 -44.84 7.50
N LEU L 8 -3.86 -45.61 7.23
CA LEU L 8 -3.94 -46.58 6.14
C LEU L 8 -4.75 -47.82 6.50
N ASP L 9 -5.17 -47.95 7.77
CA ASP L 9 -6.14 -48.98 8.13
C ASP L 9 -7.39 -48.87 7.28
N ALA L 10 -7.70 -47.65 6.82
CA ALA L 10 -8.83 -47.47 5.92
C ALA L 10 -8.60 -48.18 4.59
N LEU L 11 -7.35 -48.22 4.13
CA LEU L 11 -7.04 -49.00 2.93
C LEU L 11 -7.24 -50.49 3.18
N GLY L 12 -6.68 -50.99 4.28
CA GLY L 12 -6.91 -52.39 4.64
C GLY L 12 -8.37 -52.76 4.66
N LYS L 13 -9.19 -51.95 5.32
CA LYS L 13 -10.61 -52.27 5.47
C LYS L 13 -11.41 -52.08 4.20
N SER L 14 -10.73 -51.86 3.06
CA SER L 14 -11.41 -51.72 1.78
C SER L 14 -10.84 -52.65 0.71
N ILE L 15 -10.12 -53.70 1.11
CA ILE L 15 -9.68 -54.70 0.14
C ILE L 15 -10.90 -55.33 -0.52
N ASN L 16 -10.73 -55.84 -1.75
CA ASN L 16 -11.81 -56.49 -2.48
C ASN L 16 -13.00 -55.56 -2.63
N THR L 17 -12.71 -54.29 -2.92
CA THR L 17 -13.73 -53.27 -3.09
C THR L 17 -13.18 -52.32 -4.15
N ASN L 18 -14.09 -51.60 -4.80
CA ASN L 18 -13.65 -50.60 -5.77
C ASN L 18 -13.33 -49.30 -5.07
N VAL L 19 -12.25 -48.65 -5.50
CA VAL L 19 -11.76 -47.41 -4.94
C VAL L 19 -11.26 -46.53 -6.09
N THR L 20 -11.22 -45.24 -5.84
CA THR L 20 -10.64 -44.29 -6.77
C THR L 20 -9.40 -43.69 -6.14
N VAL L 21 -8.30 -43.68 -6.89
CA VAL L 21 -7.09 -43.02 -6.43
C VAL L 21 -6.76 -41.90 -7.40
N TYR L 22 -6.58 -40.71 -6.84
CA TYR L 22 -6.36 -39.48 -7.60
C TYR L 22 -4.87 -39.19 -7.64
N LEU L 23 -4.36 -38.90 -8.84
CA LEU L 23 -2.95 -38.62 -9.01
C LEU L 23 -2.68 -37.11 -9.01
N LYS L 24 -1.41 -36.76 -8.81
CA LYS L 24 -0.97 -35.38 -8.71
C LYS L 24 -1.01 -34.65 -10.05
N ASP L 25 -1.11 -35.36 -11.17
CA ASP L 25 -1.12 -34.76 -12.49
C ASP L 25 -2.51 -34.72 -13.12
N GLY L 26 -3.56 -34.79 -12.30
CA GLY L 26 -4.93 -34.74 -12.79
C GLY L 26 -5.50 -36.08 -13.18
N LYS L 27 -4.68 -37.12 -13.22
CA LYS L 27 -5.18 -38.44 -13.54
C LYS L 27 -6.06 -38.98 -12.42
N LEU L 28 -6.99 -39.86 -12.79
CA LEU L 28 -7.84 -40.59 -11.85
C LEU L 28 -7.94 -42.03 -12.34
N VAL L 29 -7.34 -42.96 -11.62
CA VAL L 29 -7.47 -44.37 -11.94
C VAL L 29 -8.30 -45.05 -10.85
N LYS L 30 -9.29 -45.83 -11.28
CA LYS L 30 -10.18 -46.52 -10.36
C LYS L 30 -10.19 -48.01 -10.68
N GLY L 31 -10.19 -48.83 -9.64
CA GLY L 31 -10.18 -50.26 -9.82
C GLY L 31 -10.46 -50.96 -8.52
N ARG L 32 -10.30 -52.28 -8.53
CA ARG L 32 -10.49 -53.09 -7.34
C ARG L 32 -9.20 -53.13 -6.54
N LEU L 33 -9.31 -52.92 -5.23
CA LEU L 33 -8.14 -52.83 -4.38
C LEU L 33 -7.67 -54.22 -3.99
N LYS L 34 -6.47 -54.59 -4.43
CA LYS L 34 -5.90 -55.90 -4.13
C LYS L 34 -4.94 -55.84 -2.95
N ALA L 35 -3.88 -55.02 -3.05
CA ALA L 35 -2.90 -54.86 -1.98
C ALA L 35 -2.48 -53.40 -1.88
N TYR L 36 -1.77 -53.09 -0.80
CA TYR L 36 -1.22 -51.75 -0.57
C TYR L 36 -0.09 -51.87 0.45
N ASP L 37 0.71 -50.81 0.56
CA ASP L 37 1.79 -50.77 1.53
C ASP L 37 1.84 -49.38 2.18
N LEU L 38 2.83 -49.16 3.04
CA LEU L 38 2.95 -47.89 3.77
C LEU L 38 3.71 -46.83 3.00
N HIS L 39 4.29 -47.19 1.85
CA HIS L 39 4.63 -46.24 0.81
C HIS L 39 3.40 -45.67 0.12
N MET L 40 2.21 -46.22 0.41
CA MET L 40 0.99 -46.02 -0.37
C MET L 40 1.14 -46.51 -1.82
N ASN L 41 2.04 -47.46 -2.08
CA ASN L 41 1.95 -48.23 -3.32
C ASN L 41 0.65 -49.04 -3.28
N VAL L 42 0.01 -49.18 -4.43
CA VAL L 42 -1.33 -49.78 -4.46
C VAL L 42 -1.45 -50.70 -5.67
N ALA L 43 -2.19 -51.80 -5.49
CA ALA L 43 -2.39 -52.78 -6.55
C ALA L 43 -3.86 -52.80 -6.94
N LEU L 44 -4.14 -52.47 -8.20
CA LEU L 44 -5.49 -52.31 -8.71
C LEU L 44 -5.84 -53.43 -9.67
N GLU L 45 -6.88 -54.18 -9.36
CA GLU L 45 -7.40 -55.21 -10.26
C GLU L 45 -8.56 -54.64 -11.05
N ASN L 46 -8.54 -54.86 -12.38
CA ASN L 46 -9.58 -54.36 -13.29
C ASN L 46 -9.69 -52.84 -13.20
N ALA L 47 -8.58 -52.19 -13.52
CA ALA L 47 -8.42 -50.75 -13.34
C ALA L 47 -8.77 -50.00 -14.61
N LYS L 48 -9.26 -48.77 -14.43
CA LYS L 48 -9.75 -47.95 -15.52
C LYS L 48 -9.42 -46.50 -15.19
N ILE L 49 -8.69 -45.83 -16.08
CA ILE L 49 -8.47 -44.40 -15.93
C ILE L 49 -9.60 -43.66 -16.63
N GLU L 50 -10.18 -42.67 -15.94
CA GLU L 50 -11.36 -42.01 -16.50
C GLU L 50 -11.02 -41.07 -17.65
N SER L 51 -9.72 -40.87 -17.92
CA SER L 51 -9.33 -40.12 -19.11
C SER L 51 -9.45 -40.94 -20.38
N ASP L 52 -9.02 -42.21 -20.35
CA ASP L 52 -9.07 -42.99 -21.58
C ASP L 52 -10.39 -43.75 -21.72
N GLU L 53 -10.94 -44.27 -20.62
CA GLU L 53 -12.22 -44.99 -20.64
C GLU L 53 -12.10 -46.30 -21.41
N GLU L 54 -11.66 -46.23 -22.67
CA GLU L 54 -11.57 -47.40 -23.54
C GLU L 54 -10.84 -48.57 -22.88
N LYS L 55 -9.65 -48.31 -22.33
CA LYS L 55 -8.81 -49.39 -21.85
C LYS L 55 -9.14 -49.75 -20.41
N GLU L 56 -9.27 -51.06 -20.17
CA GLU L 56 -9.31 -51.63 -18.84
C GLU L 56 -8.01 -52.39 -18.60
N PHE L 57 -7.47 -52.27 -17.39
CA PHE L 57 -6.20 -52.91 -17.08
C PHE L 57 -6.41 -54.10 -16.16
N PRO L 58 -5.94 -55.29 -16.53
CA PRO L 58 -6.08 -56.44 -15.61
C PRO L 58 -5.43 -56.19 -14.25
N MET L 59 -4.16 -55.81 -14.24
CA MET L 59 -3.49 -55.44 -13.00
C MET L 59 -2.69 -54.17 -13.23
N LEU L 60 -3.09 -53.10 -12.54
CA LEU L 60 -2.29 -51.89 -12.40
C LEU L 60 -1.74 -51.84 -11.00
N VAL L 61 -0.46 -51.50 -10.86
CA VAL L 61 0.12 -51.23 -9.56
C VAL L 61 0.74 -49.83 -9.61
N VAL L 62 0.18 -48.92 -8.82
CA VAL L 62 0.51 -47.49 -8.87
C VAL L 62 1.55 -47.20 -7.80
N ARG L 63 2.60 -46.48 -8.18
CA ARG L 63 3.61 -46.05 -7.22
C ARG L 63 3.06 -44.93 -6.33
N GLY L 64 3.36 -45.03 -5.02
CA GLY L 64 2.68 -44.21 -4.03
C GLY L 64 3.01 -42.72 -4.09
N ASP L 65 4.23 -42.37 -4.51
CA ASP L 65 4.63 -40.97 -4.49
C ASP L 65 3.81 -40.11 -5.44
N ASN L 66 3.12 -40.73 -6.41
CA ASN L 66 2.20 -40.03 -7.30
C ASN L 66 0.81 -39.85 -6.71
N VAL L 67 0.54 -40.46 -5.57
CA VAL L 67 -0.83 -40.46 -5.05
C VAL L 67 -1.14 -39.10 -4.43
N LEU L 68 -2.32 -38.58 -4.76
CA LEU L 68 -2.87 -37.39 -4.08
C LEU L 68 -3.68 -37.87 -2.88
N TYR L 69 -4.80 -38.56 -3.14
CA TYR L 69 -5.60 -39.14 -2.07
C TYR L 69 -6.43 -40.27 -2.64
N VAL L 70 -7.03 -41.05 -1.75
CA VAL L 70 -7.78 -42.24 -2.11
C VAL L 70 -9.17 -42.14 -1.51
N SER L 71 -10.18 -42.23 -2.37
CA SER L 71 -11.57 -42.28 -1.91
C SER L 71 -12.04 -43.73 -1.88
N LEU L 72 -12.59 -44.14 -0.74
CA LEU L 72 -13.00 -45.53 -0.57
C LEU L 72 -14.50 -45.68 -0.73
N MET M 2 -0.04 -29.06 22.41
CA MET M 2 0.36 -28.15 23.48
C MET M 2 1.77 -28.48 23.98
N ASP M 3 2.25 -29.68 23.66
CA ASP M 3 3.67 -30.00 23.84
C ASP M 3 4.48 -29.32 22.72
N THR M 4 5.61 -28.73 23.10
CA THR M 4 6.32 -27.88 22.17
C THR M 4 7.19 -28.64 21.17
N GLN M 5 7.41 -29.93 21.37
CA GLN M 5 8.22 -30.69 20.43
C GLN M 5 7.39 -31.69 19.62
N ARG M 6 6.07 -31.64 19.74
CA ARG M 6 5.18 -32.49 18.95
C ARG M 6 4.08 -31.64 18.35
N PRO M 7 4.37 -30.93 17.26
CA PRO M 7 3.33 -30.20 16.54
C PRO M 7 2.13 -31.04 16.16
N LEU M 8 2.32 -32.35 15.93
CA LEU M 8 1.23 -33.17 15.43
C LEU M 8 0.22 -33.54 16.50
N ASP M 9 0.52 -33.25 17.77
CA ASP M 9 -0.47 -33.49 18.81
C ASP M 9 -1.69 -32.62 18.61
N ALA M 10 -1.51 -31.44 17.99
CA ALA M 10 -2.64 -30.60 17.63
C ALA M 10 -3.66 -31.39 16.83
N LEU M 11 -3.19 -32.14 15.82
CA LEU M 11 -4.10 -33.00 15.05
C LEU M 11 -4.78 -34.02 15.95
N GLY M 12 -4.04 -34.60 16.89
CA GLY M 12 -4.64 -35.55 17.81
C GLY M 12 -5.76 -34.94 18.63
N LYS M 13 -5.54 -33.73 19.14
CA LYS M 13 -6.54 -33.03 19.94
C LYS M 13 -7.72 -32.60 19.09
N SER M 14 -7.69 -32.93 17.79
CA SER M 14 -8.75 -32.59 16.85
C SER M 14 -9.38 -33.82 16.19
N ILE M 15 -9.09 -35.02 16.67
CA ILE M 15 -9.77 -36.21 16.20
C ILE M 15 -11.27 -36.02 16.36
N ASN M 16 -12.05 -36.46 15.36
CA ASN M 16 -13.51 -36.34 15.38
C ASN M 16 -13.96 -34.89 15.47
N THR M 17 -13.31 -34.02 14.72
CA THR M 17 -13.85 -32.71 14.37
C THR M 17 -13.59 -32.48 12.90
N ASN M 18 -14.23 -31.46 12.35
CA ASN M 18 -13.97 -31.12 10.97
C ASN M 18 -12.69 -30.28 10.89
N VAL M 19 -11.91 -30.54 9.84
CA VAL M 19 -10.65 -29.85 9.62
C VAL M 19 -10.54 -29.53 8.14
N THR M 20 -9.68 -28.56 7.83
CA THR M 20 -9.44 -28.14 6.46
C THR M 20 -7.99 -28.47 6.13
N VAL M 21 -7.80 -29.30 5.12
CA VAL M 21 -6.47 -29.75 4.70
C VAL M 21 -6.14 -29.03 3.40
N TYR M 22 -5.20 -28.09 3.45
CA TYR M 22 -4.77 -27.36 2.27
C TYR M 22 -3.66 -28.14 1.58
N LEU M 23 -3.74 -28.21 0.26
CA LEU M 23 -2.76 -28.93 -0.52
C LEU M 23 -1.96 -27.96 -1.40
N LYS M 24 -0.70 -28.33 -1.66
CA LYS M 24 0.14 -27.55 -2.56
C LYS M 24 -0.50 -27.35 -3.93
N ASP M 25 -1.44 -28.22 -4.31
CA ASP M 25 -2.18 -28.05 -5.55
C ASP M 25 -2.94 -26.73 -5.59
N GLY M 26 -3.10 -26.07 -4.46
CA GLY M 26 -4.12 -25.06 -4.29
C GLY M 26 -5.47 -25.64 -3.90
N LYS M 27 -5.66 -26.95 -4.06
CA LYS M 27 -6.85 -27.64 -3.56
C LYS M 27 -7.02 -27.42 -2.06
N LEU M 28 -8.24 -27.53 -1.57
CA LEU M 28 -8.43 -27.66 -0.12
C LEU M 28 -9.54 -28.66 0.16
N VAL M 29 -9.29 -29.54 1.13
CA VAL M 29 -10.15 -30.66 1.45
C VAL M 29 -10.66 -30.49 2.87
N LYS M 30 -11.98 -30.38 3.02
CA LYS M 30 -12.63 -30.27 4.31
C LYS M 30 -13.29 -31.59 4.65
N GLY M 31 -13.16 -32.01 5.91
CA GLY M 31 -13.78 -33.24 6.37
C GLY M 31 -13.56 -33.44 7.85
N ARG M 32 -14.10 -34.56 8.34
CA ARG M 32 -13.96 -34.97 9.73
C ARG M 32 -12.74 -35.88 9.87
N LEU M 33 -11.79 -35.47 10.71
CA LEU M 33 -10.52 -36.17 10.86
C LEU M 33 -10.71 -37.43 11.74
N LYS M 34 -10.33 -38.59 11.20
CA LYS M 34 -10.40 -39.83 11.95
C LYS M 34 -9.04 -40.38 12.34
N ALA M 35 -7.98 -40.06 11.61
CA ALA M 35 -6.65 -40.55 11.94
C ALA M 35 -5.60 -39.76 11.18
N TYR M 36 -4.40 -39.77 11.74
CA TYR M 36 -3.22 -39.16 11.12
C TYR M 36 -2.00 -39.95 11.55
N ASP M 37 -0.91 -39.82 10.80
CA ASP M 37 0.35 -40.41 11.23
C ASP M 37 1.50 -39.42 11.06
N LEU M 38 2.74 -39.86 11.30
CA LEU M 38 3.87 -38.94 11.24
C LEU M 38 4.30 -38.59 9.82
N HIS M 39 3.83 -39.32 8.81
CA HIS M 39 3.97 -38.80 7.45
C HIS M 39 3.03 -37.64 7.20
N MET M 40 2.07 -37.43 8.10
CA MET M 40 0.93 -36.54 7.92
C MET M 40 -0.04 -37.04 6.87
N ASN M 41 0.00 -38.33 6.52
CA ASN M 41 -1.18 -38.93 5.92
C ASN M 41 -2.34 -38.73 6.88
N VAL M 42 -3.49 -38.35 6.35
CA VAL M 42 -4.65 -38.12 7.20
C VAL M 42 -5.86 -38.82 6.61
N ALA M 43 -6.80 -39.17 7.49
CA ALA M 43 -8.01 -39.90 7.10
C ALA M 43 -9.21 -39.02 7.42
N LEU M 44 -9.84 -38.49 6.37
CA LEU M 44 -11.01 -37.63 6.48
C LEU M 44 -12.26 -38.45 6.20
N GLU M 45 -13.21 -38.41 7.14
CA GLU M 45 -14.52 -39.04 6.96
C GLU M 45 -15.52 -38.00 6.51
N ASN M 46 -16.35 -38.35 5.53
CA ASN M 46 -17.31 -37.42 4.93
C ASN M 46 -16.61 -36.14 4.51
N ALA M 47 -15.91 -36.17 3.39
CA ALA M 47 -15.04 -35.08 3.00
C ALA M 47 -15.53 -34.41 1.72
N LYS M 48 -15.22 -33.12 1.59
CA LYS M 48 -15.62 -32.35 0.43
C LYS M 48 -14.44 -31.56 -0.11
N ILE M 49 -14.44 -31.37 -1.43
CA ILE M 49 -13.48 -30.48 -2.09
C ILE M 49 -14.21 -29.20 -2.47
N GLU M 50 -13.59 -28.07 -2.13
CA GLU M 50 -14.15 -26.76 -2.47
C GLU M 50 -13.90 -26.37 -3.93
N SER M 51 -13.32 -27.25 -4.74
CA SER M 51 -13.19 -27.01 -6.16
C SER M 51 -14.33 -27.68 -6.94
N ASP M 52 -14.56 -28.96 -6.66
CA ASP M 52 -15.53 -29.75 -7.41
C ASP M 52 -16.94 -29.67 -6.84
N GLU M 53 -17.08 -29.23 -5.58
CA GLU M 53 -18.33 -28.78 -5.00
C GLU M 53 -19.31 -29.90 -4.62
N GLU M 54 -19.96 -30.49 -5.62
CA GLU M 54 -21.10 -31.36 -5.39
C GLU M 54 -20.73 -32.77 -4.96
N LYS M 55 -19.45 -33.11 -4.91
CA LYS M 55 -19.04 -34.47 -4.55
C LYS M 55 -18.78 -34.57 -3.05
N GLU M 56 -19.13 -35.72 -2.48
CA GLU M 56 -18.77 -36.04 -1.10
C GLU M 56 -18.14 -37.42 -1.06
N PHE M 57 -17.12 -37.57 -0.22
CA PHE M 57 -16.38 -38.82 -0.08
C PHE M 57 -16.61 -39.41 1.29
N PRO M 58 -17.24 -40.58 1.40
CA PRO M 58 -17.43 -41.19 2.73
C PRO M 58 -16.13 -41.34 3.50
N MET M 59 -15.05 -41.74 2.83
CA MET M 59 -13.74 -41.85 3.45
C MET M 59 -12.67 -41.44 2.45
N LEU M 60 -11.73 -40.63 2.91
CA LEU M 60 -10.67 -40.12 2.04
C LEU M 60 -9.35 -40.19 2.80
N VAL M 61 -8.36 -40.87 2.21
CA VAL M 61 -7.03 -40.96 2.77
C VAL M 61 -6.11 -40.17 1.86
N VAL M 62 -5.49 -39.11 2.41
CA VAL M 62 -4.66 -38.20 1.62
C VAL M 62 -3.20 -38.37 2.04
N ARG M 63 -2.33 -38.40 1.05
CA ARG M 63 -0.90 -38.59 1.26
C ARG M 63 -0.25 -37.30 1.74
N GLY M 64 0.64 -37.43 2.73
CA GLY M 64 1.12 -36.27 3.47
C GLY M 64 1.96 -35.30 2.65
N ASP M 65 2.76 -35.81 1.72
CA ASP M 65 3.68 -34.93 1.01
C ASP M 65 2.93 -33.96 0.10
N ASN M 66 1.61 -34.07 0.05
CA ASN M 66 0.78 -33.07 -0.61
C ASN M 66 0.39 -31.93 0.31
N VAL M 67 0.54 -32.11 1.62
CA VAL M 67 -0.09 -31.19 2.57
C VAL M 67 0.71 -29.91 2.68
N LEU M 68 0.01 -28.79 2.61
CA LEU M 68 0.60 -27.46 2.81
C LEU M 68 0.45 -27.08 4.29
N TYR M 69 -0.78 -26.90 4.74
CA TYR M 69 -1.04 -26.75 6.16
C TYR M 69 -2.47 -27.18 6.46
N VAL M 70 -2.75 -27.40 7.74
CA VAL M 70 -4.05 -27.88 8.18
C VAL M 70 -4.52 -26.98 9.30
N SER M 71 -5.74 -26.43 9.15
CA SER M 71 -6.35 -25.59 10.15
C SER M 71 -7.44 -26.38 10.87
N LEU M 72 -7.31 -26.47 12.19
CA LEU M 72 -8.21 -27.28 13.00
C LEU M 72 -9.49 -26.55 13.36
N MET N 2 21.30 -20.57 19.53
CA MET N 2 22.56 -20.11 20.10
C MET N 2 23.64 -21.17 19.89
N ASP N 3 23.28 -22.42 20.16
CA ASP N 3 24.21 -23.53 19.98
C ASP N 3 24.58 -23.67 18.51
N THR N 4 25.86 -23.93 18.26
CA THR N 4 26.38 -23.78 16.91
C THR N 4 26.01 -24.94 15.98
N GLN N 5 25.63 -26.10 16.53
CA GLN N 5 25.36 -27.26 15.70
C GLN N 5 23.87 -27.54 15.49
N ARG N 6 23.01 -27.02 16.36
CA ARG N 6 21.56 -27.15 16.22
C ARG N 6 20.93 -25.80 15.89
N PRO N 7 20.86 -25.42 14.62
CA PRO N 7 20.15 -24.17 14.28
C PRO N 7 18.74 -24.11 14.81
N LEU N 8 18.04 -25.24 14.89
CA LEU N 8 16.62 -25.23 15.23
C LEU N 8 16.37 -24.93 16.71
N ASP N 9 17.40 -24.83 17.54
CA ASP N 9 17.16 -24.35 18.90
C ASP N 9 16.60 -22.93 18.90
N ALA N 10 16.82 -22.20 17.80
CA ALA N 10 16.29 -20.84 17.67
C ALA N 10 14.76 -20.84 17.66
N LEU N 11 14.14 -21.90 17.17
CA LEU N 11 12.68 -22.00 17.22
C LEU N 11 12.20 -22.25 18.65
N GLY N 12 12.92 -23.11 19.39
CA GLY N 12 12.58 -23.33 20.78
C GLY N 12 12.73 -22.08 21.62
N LYS N 13 13.66 -21.20 21.23
CA LYS N 13 13.83 -19.92 21.91
C LYS N 13 12.62 -19.01 21.71
N SER N 14 11.73 -19.34 20.77
CA SER N 14 10.65 -18.45 20.38
C SER N 14 9.28 -19.07 20.55
N ILE N 15 9.16 -20.09 21.39
CA ILE N 15 7.85 -20.62 21.71
C ILE N 15 6.99 -19.51 22.29
N ASN N 16 5.73 -19.44 21.87
CA ASN N 16 4.80 -18.37 22.26
C ASN N 16 5.30 -16.99 21.81
N THR N 17 5.96 -16.94 20.67
CA THR N 17 6.41 -15.69 20.09
C THR N 17 5.87 -15.61 18.67
N ASN N 18 5.46 -14.43 18.26
CA ASN N 18 5.02 -14.26 16.90
C ASN N 18 6.21 -14.38 15.96
N VAL N 19 6.14 -15.33 15.04
CA VAL N 19 7.18 -15.54 14.03
C VAL N 19 6.55 -15.44 12.65
N THR N 20 7.40 -15.43 11.63
CA THR N 20 6.94 -15.40 10.25
C THR N 20 7.60 -16.53 9.49
N VAL N 21 6.77 -17.44 8.98
CA VAL N 21 7.24 -18.58 8.21
C VAL N 21 6.98 -18.29 6.75
N TYR N 22 8.04 -18.21 5.95
CA TYR N 22 7.91 -18.03 4.52
C TYR N 22 7.76 -19.40 3.87
N LEU N 23 6.72 -19.56 3.05
CA LEU N 23 6.43 -20.82 2.38
C LEU N 23 6.93 -20.80 0.95
N LYS N 24 7.34 -21.97 0.46
CA LYS N 24 7.99 -22.08 -0.85
C LYS N 24 7.14 -21.48 -1.96
N ASP N 25 5.81 -21.53 -1.83
CA ASP N 25 4.91 -20.90 -2.79
C ASP N 25 4.75 -19.41 -2.54
N GLY N 26 5.79 -18.74 -2.03
CA GLY N 26 5.77 -17.32 -1.81
C GLY N 26 4.98 -16.87 -0.60
N LYS N 27 4.13 -17.72 -0.02
CA LYS N 27 3.24 -17.28 1.05
C LYS N 27 4.03 -16.81 2.26
N LEU N 28 3.33 -16.07 3.13
CA LEU N 28 3.86 -15.63 4.42
C LEU N 28 2.76 -15.85 5.45
N VAL N 29 3.05 -16.70 6.43
CA VAL N 29 2.13 -17.01 7.53
C VAL N 29 2.75 -16.48 8.80
N LYS N 30 2.01 -15.64 9.51
CA LYS N 30 2.42 -15.12 10.81
C LYS N 30 1.47 -15.63 11.89
N GLY N 31 2.01 -15.87 13.07
CA GLY N 31 1.25 -16.49 14.12
C GLY N 31 2.15 -16.77 15.31
N ARG N 32 1.54 -17.27 16.37
CA ARG N 32 2.23 -17.56 17.62
C ARG N 32 2.77 -18.99 17.60
N LEU N 33 4.08 -19.13 17.77
CA LEU N 33 4.73 -20.44 17.72
C LEU N 33 4.36 -21.26 18.94
N LYS N 34 3.66 -22.37 18.72
CA LYS N 34 3.27 -23.28 19.79
C LYS N 34 4.13 -24.52 19.86
N ALA N 35 4.51 -25.09 18.71
CA ALA N 35 5.30 -26.32 18.70
C ALA N 35 6.07 -26.41 17.40
N TYR N 36 7.18 -27.16 17.45
CA TYR N 36 8.01 -27.42 16.29
C TYR N 36 8.72 -28.75 16.49
N ASP N 37 8.99 -29.46 15.39
CA ASP N 37 9.81 -30.67 15.38
C ASP N 37 10.98 -30.50 14.43
N LEU N 38 11.77 -31.58 14.26
CA LEU N 38 12.97 -31.52 13.42
C LEU N 38 12.69 -31.66 11.92
N HIS N 39 11.44 -31.89 11.50
CA HIS N 39 11.10 -31.71 10.10
C HIS N 39 10.91 -30.24 9.75
N MET N 40 10.80 -29.39 10.77
CA MET N 40 10.30 -28.01 10.71
C MET N 40 8.78 -27.95 10.55
N ASN N 41 8.05 -29.01 10.90
CA ASN N 41 6.61 -28.85 11.13
C ASN N 41 6.40 -27.90 12.30
N VAL N 42 5.59 -26.87 12.10
CA VAL N 42 5.32 -25.88 13.15
C VAL N 42 3.82 -25.79 13.39
N ALA N 43 3.47 -25.39 14.61
CA ALA N 43 2.08 -25.17 15.01
C ALA N 43 1.91 -23.71 15.39
N LEU N 44 1.03 -23.01 14.67
CA LEU N 44 0.79 -21.59 14.90
C LEU N 44 -0.59 -21.38 15.48
N GLU N 45 -0.67 -20.58 16.55
CA GLU N 45 -1.94 -20.22 17.16
C GLU N 45 -2.32 -18.81 16.72
N ASN N 46 -3.58 -18.62 16.33
CA ASN N 46 -4.09 -17.33 15.85
C ASN N 46 -3.27 -16.81 14.68
N ALA N 47 -3.10 -17.66 13.66
CA ALA N 47 -2.27 -17.34 12.51
C ALA N 47 -3.10 -16.70 11.41
N LYS N 48 -2.40 -16.03 10.49
CA LYS N 48 -3.02 -15.39 9.33
C LYS N 48 -2.03 -15.39 8.17
N ILE N 49 -2.56 -15.42 6.94
CA ILE N 49 -1.75 -15.33 5.73
C ILE N 49 -1.84 -13.90 5.21
N GLU N 50 -0.69 -13.24 5.08
CA GLU N 50 -0.68 -11.84 4.71
C GLU N 50 -0.93 -11.65 3.22
N GLU N 53 -6.36 -12.06 4.16
CA GLU N 53 -6.50 -10.82 4.92
C GLU N 53 -7.64 -10.88 5.94
N GLU N 54 -8.80 -11.37 5.48
CA GLU N 54 -10.00 -11.35 6.31
C GLU N 54 -10.00 -12.45 7.35
N LYS N 55 -9.71 -13.69 6.95
CA LYS N 55 -9.92 -14.87 7.77
C LYS N 55 -8.71 -15.16 8.65
N GLU N 56 -8.96 -15.42 9.93
CA GLU N 56 -7.91 -15.76 10.89
C GLU N 56 -7.94 -17.25 11.22
N PHE N 57 -6.77 -17.87 11.28
CA PHE N 57 -6.65 -19.28 11.62
C PHE N 57 -6.48 -19.43 13.13
N PRO N 58 -7.44 -20.01 13.85
CA PRO N 58 -7.23 -20.31 15.28
C PRO N 58 -6.02 -21.21 15.54
N MET N 59 -5.75 -22.18 14.67
CA MET N 59 -4.66 -23.13 14.88
C MET N 59 -4.26 -23.72 13.54
N LEU N 60 -3.00 -23.51 13.16
CA LEU N 60 -2.45 -24.00 11.90
C LEU N 60 -1.30 -24.95 12.20
N VAL N 61 -1.23 -26.05 11.45
CA VAL N 61 -0.07 -26.94 11.48
C VAL N 61 0.53 -26.96 10.07
N VAL N 62 1.80 -26.58 9.96
CA VAL N 62 2.47 -26.42 8.68
C VAL N 62 3.41 -27.60 8.45
N ARG N 63 3.36 -28.19 7.26
CA ARG N 63 4.31 -29.24 6.94
C ARG N 63 5.70 -28.63 6.68
N GLY N 64 6.72 -29.28 7.24
CA GLY N 64 8.06 -28.72 7.19
C GLY N 64 8.57 -28.44 5.79
N ASP N 65 8.39 -29.40 4.87
CA ASP N 65 9.03 -29.25 3.58
C ASP N 65 8.42 -28.15 2.72
N ASN N 66 7.44 -27.39 3.23
CA ASN N 66 7.00 -26.16 2.56
C ASN N 66 7.81 -24.93 2.96
N VAL N 67 8.67 -25.03 3.96
CA VAL N 67 9.25 -23.84 4.56
C VAL N 67 10.45 -23.38 3.75
N LEU N 68 10.48 -22.08 3.42
CA LEU N 68 11.70 -21.44 2.93
C LEU N 68 12.59 -21.06 4.10
N TYR N 69 12.15 -20.07 4.88
CA TYR N 69 12.82 -19.71 6.11
C TYR N 69 11.77 -19.22 7.09
N VAL N 70 12.18 -19.13 8.35
CA VAL N 70 11.31 -18.65 9.42
C VAL N 70 11.99 -17.43 10.03
N SER N 71 11.28 -16.32 10.08
CA SER N 71 11.72 -15.12 10.76
C SER N 71 11.24 -15.16 12.21
N LEU N 72 12.18 -14.99 13.14
CA LEU N 72 11.84 -15.02 14.55
C LEU N 72 11.71 -13.60 15.12
N MET O 2 -17.42 0.84 2.63
CA MET O 2 -17.19 -0.59 2.82
C MET O 2 -16.01 -0.83 3.75
N ASP O 3 -15.31 0.26 4.11
CA ASP O 3 -14.23 0.14 5.07
C ASP O 3 -14.78 -0.11 6.46
N THR O 4 -14.10 -0.98 7.22
CA THR O 4 -14.74 -1.50 8.41
C THR O 4 -14.82 -0.51 9.56
N GLN O 5 -14.08 0.61 9.51
CA GLN O 5 -14.13 1.61 10.57
C GLN O 5 -14.90 2.86 10.16
N ARG O 6 -15.63 2.84 9.05
CA ARG O 6 -16.31 4.02 8.52
C ARG O 6 -17.68 3.64 7.99
N PRO O 7 -18.63 3.33 8.89
CA PRO O 7 -19.99 2.98 8.44
C PRO O 7 -20.67 4.13 7.68
N LEU O 8 -20.34 5.38 7.99
CA LEU O 8 -20.94 6.49 7.27
C LEU O 8 -20.47 6.57 5.82
N ASP O 9 -19.49 5.74 5.43
CA ASP O 9 -19.10 5.66 4.02
C ASP O 9 -20.20 5.03 3.18
N ALA O 10 -21.01 4.12 3.75
CA ALA O 10 -22.14 3.56 3.02
C ALA O 10 -23.07 4.64 2.51
N LEU O 11 -23.21 5.74 3.26
CA LEU O 11 -23.97 6.87 2.77
C LEU O 11 -23.34 7.43 1.50
N GLY O 12 -22.01 7.37 1.41
CA GLY O 12 -21.32 8.00 0.30
C GLY O 12 -21.61 7.36 -1.03
N LYS O 13 -21.71 6.03 -1.06
CA LYS O 13 -22.05 5.36 -2.31
C LYS O 13 -23.51 5.54 -2.68
N SER O 14 -24.34 6.08 -1.79
CA SER O 14 -25.72 6.39 -2.09
C SER O 14 -25.93 7.86 -2.47
N ILE O 15 -24.85 8.58 -2.77
CA ILE O 15 -24.99 9.98 -3.18
C ILE O 15 -25.73 10.03 -4.51
N ASN O 16 -26.70 10.94 -4.61
CA ASN O 16 -27.53 11.09 -5.79
C ASN O 16 -28.34 9.83 -6.11
N THR O 17 -28.53 8.95 -5.13
CA THR O 17 -29.58 7.94 -5.19
C THR O 17 -30.71 8.38 -4.26
N ASN O 18 -31.71 7.53 -4.10
CA ASN O 18 -32.79 7.79 -3.17
C ASN O 18 -32.62 6.91 -1.95
N VAL O 19 -32.93 7.46 -0.77
CA VAL O 19 -32.77 6.80 0.51
C VAL O 19 -33.94 7.18 1.41
N THR O 20 -34.07 6.48 2.52
CA THR O 20 -35.13 6.71 3.49
C THR O 20 -34.53 6.94 4.86
N VAL O 21 -34.92 8.06 5.48
CA VAL O 21 -34.36 8.51 6.74
C VAL O 21 -35.40 8.26 7.83
N TYR O 22 -35.18 7.20 8.63
CA TYR O 22 -36.05 6.92 9.77
C TYR O 22 -35.63 7.77 10.95
N LEU O 23 -36.51 8.64 11.42
CA LEU O 23 -36.22 9.50 12.56
C LEU O 23 -36.63 8.77 13.86
N LYS O 24 -36.56 9.48 14.99
CA LYS O 24 -36.80 8.84 16.27
C LYS O 24 -38.28 8.85 16.66
N ASP O 25 -39.00 9.91 16.30
CA ASP O 25 -40.41 10.08 16.67
C ASP O 25 -41.30 9.41 15.64
N GLY O 26 -40.91 8.21 15.20
CA GLY O 26 -41.52 7.44 14.14
C GLY O 26 -41.52 8.03 12.76
N LYS O 27 -41.02 9.25 12.57
CA LYS O 27 -41.12 9.90 11.28
C LYS O 27 -40.25 9.20 10.23
N LEU O 28 -40.58 9.48 8.97
CA LEU O 28 -39.96 8.84 7.80
C LEU O 28 -39.80 9.89 6.71
N VAL O 29 -38.56 10.25 6.39
CA VAL O 29 -38.24 11.12 5.27
C VAL O 29 -37.61 10.27 4.17
N LYS O 30 -38.03 10.49 2.94
CA LYS O 30 -37.47 9.80 1.80
C LYS O 30 -37.18 10.82 0.70
N GLY O 31 -35.98 10.75 0.14
CA GLY O 31 -35.56 11.67 -0.89
C GLY O 31 -34.19 11.26 -1.41
N ARG O 32 -33.65 12.08 -2.31
CA ARG O 32 -32.37 11.77 -2.94
C ARG O 32 -31.24 12.43 -2.17
N LEU O 33 -30.24 11.63 -1.81
CA LEU O 33 -29.16 12.09 -0.95
C LEU O 33 -28.26 13.02 -1.74
N LYS O 34 -28.15 14.28 -1.30
CA LYS O 34 -27.23 15.25 -1.86
C LYS O 34 -25.94 15.37 -1.07
N ALA O 35 -26.01 15.34 0.25
CA ALA O 35 -24.84 15.59 1.08
C ALA O 35 -25.06 15.02 2.47
N TYR O 36 -23.95 14.73 3.14
CA TYR O 36 -24.01 14.32 4.54
C TYR O 36 -22.68 14.68 5.17
N ASP O 37 -22.70 14.86 6.49
CA ASP O 37 -21.48 15.09 7.23
C ASP O 37 -21.34 14.05 8.34
N LEU O 38 -20.22 14.13 9.06
CA LEU O 38 -19.94 13.15 10.10
C LEU O 38 -20.83 13.30 11.33
N HIS O 39 -21.63 14.37 11.41
CA HIS O 39 -22.69 14.49 12.40
C HIS O 39 -23.88 13.61 12.07
N MET O 40 -23.96 13.09 10.84
CA MET O 40 -25.12 12.46 10.22
C MET O 40 -26.20 13.47 9.84
N ASN O 41 -25.88 14.77 9.84
CA ASN O 41 -26.67 15.71 9.07
C ASN O 41 -26.74 15.24 7.62
N VAL O 42 -27.91 15.41 7.01
CA VAL O 42 -28.12 14.99 5.64
C VAL O 42 -28.91 16.07 4.91
N ALA O 43 -28.64 16.22 3.62
CA ALA O 43 -29.41 17.05 2.73
C ALA O 43 -30.19 16.15 1.78
N LEU O 44 -31.51 16.34 1.70
CA LEU O 44 -32.40 15.52 0.88
C LEU O 44 -33.11 16.39 -0.14
N GLU O 45 -33.01 16.00 -1.41
CA GLU O 45 -33.67 16.67 -2.52
C GLU O 45 -34.94 15.93 -2.90
N ASN O 46 -36.01 16.70 -3.12
CA ASN O 46 -37.34 16.15 -3.45
C ASN O 46 -37.79 15.16 -2.38
N ALA O 47 -37.82 15.66 -1.15
CA ALA O 47 -38.09 14.81 0.01
C ALA O 47 -39.59 14.62 0.20
N LYS O 48 -39.93 13.48 0.78
CA LYS O 48 -41.30 13.01 0.89
C LYS O 48 -41.47 12.32 2.24
N ILE O 49 -42.45 12.77 3.03
CA ILE O 49 -42.74 12.16 4.32
C ILE O 49 -43.96 11.25 4.16
N GLU O 50 -43.74 9.96 4.40
CA GLU O 50 -44.83 8.98 4.28
C GLU O 50 -45.99 9.30 5.22
N SER O 51 -45.73 10.11 6.26
CA SER O 51 -46.81 10.61 7.10
C SER O 51 -47.75 11.53 6.33
N ASP O 52 -47.19 12.52 5.61
CA ASP O 52 -48.01 13.58 5.04
C ASP O 52 -48.57 13.19 3.67
N GLU O 53 -47.76 12.53 2.83
CA GLU O 53 -48.16 12.11 1.49
C GLU O 53 -48.42 13.29 0.55
N GLU O 54 -49.13 14.30 1.04
CA GLU O 54 -49.40 15.48 0.23
C GLU O 54 -48.11 16.20 -0.17
N LYS O 55 -47.32 16.59 0.83
CA LYS O 55 -46.21 17.50 0.63
C LYS O 55 -44.98 16.78 0.08
N GLU O 56 -44.34 17.39 -0.92
CA GLU O 56 -43.01 17.01 -1.35
C GLU O 56 -42.09 18.21 -1.11
N PHE O 57 -41.00 17.98 -0.37
CA PHE O 57 -40.11 19.10 -0.05
C PHE O 57 -38.96 19.15 -1.04
N PRO O 58 -38.66 20.30 -1.62
CA PRO O 58 -37.61 20.34 -2.66
C PRO O 58 -36.21 20.20 -2.10
N MET O 59 -35.94 20.70 -0.89
CA MET O 59 -34.64 20.51 -0.25
C MET O 59 -34.86 20.54 1.26
N LEU O 60 -34.65 19.38 1.90
CA LEU O 60 -34.71 19.25 3.35
C LEU O 60 -33.31 19.08 3.91
N VAL O 61 -33.05 19.71 5.05
CA VAL O 61 -31.80 19.58 5.78
C VAL O 61 -32.14 18.98 7.14
N VAL O 62 -31.73 17.75 7.37
CA VAL O 62 -32.16 16.98 8.54
C VAL O 62 -31.05 16.99 9.58
N ARG O 63 -31.34 17.56 10.76
CA ARG O 63 -30.36 17.53 11.84
C ARG O 63 -30.03 16.09 12.21
N GLY O 64 -28.74 15.84 12.41
CA GLY O 64 -28.27 14.48 12.62
C GLY O 64 -28.87 13.82 13.85
N ASP O 65 -28.90 14.54 14.98
CA ASP O 65 -29.31 13.82 16.18
C ASP O 65 -30.77 13.40 16.17
N ASN O 66 -31.50 13.72 15.10
CA ASN O 66 -32.87 13.24 14.93
C ASN O 66 -32.93 11.82 14.35
N VAL O 67 -31.81 11.26 13.94
CA VAL O 67 -31.79 10.09 13.08
C VAL O 67 -31.88 8.81 13.90
N LEU O 68 -32.64 7.86 13.40
CA LEU O 68 -32.66 6.52 13.98
C LEU O 68 -31.74 5.62 13.15
N TYR O 69 -32.13 5.38 11.91
CA TYR O 69 -31.21 4.77 10.96
C TYR O 69 -31.59 5.22 9.54
N VAL O 70 -30.74 4.86 8.59
CA VAL O 70 -30.89 5.26 7.19
C VAL O 70 -30.86 4.00 6.35
N SER O 71 -31.81 3.90 5.41
CA SER O 71 -31.98 2.71 4.58
C SER O 71 -31.38 2.96 3.21
N LEU O 72 -30.50 2.07 2.78
CA LEU O 72 -29.87 2.11 1.47
C LEU O 72 -29.15 0.80 1.18
N MET P 2 -9.89 -8.09 22.57
CA MET P 2 -9.65 -8.81 23.82
C MET P 2 -9.13 -7.86 24.87
N ASP P 3 -8.76 -6.65 24.45
CA ASP P 3 -8.11 -5.71 25.36
C ASP P 3 -9.13 -5.13 26.33
N THR P 4 -8.75 -5.10 27.60
CA THR P 4 -9.66 -4.72 28.68
C THR P 4 -10.04 -3.24 28.65
N GLN P 5 -9.47 -2.45 27.74
CA GLN P 5 -9.76 -1.02 27.69
C GLN P 5 -10.46 -0.60 26.41
N ARG P 6 -10.74 -1.53 25.50
CA ARG P 6 -11.46 -1.25 24.26
C ARG P 6 -12.59 -2.25 24.12
N PRO P 7 -13.73 -2.00 24.77
CA PRO P 7 -14.87 -2.92 24.61
C PRO P 7 -15.38 -2.99 23.19
N LEU P 8 -15.25 -1.91 22.42
CA LEU P 8 -15.71 -1.95 21.03
C LEU P 8 -14.84 -2.83 20.15
N ASP P 9 -13.75 -3.40 20.69
CA ASP P 9 -13.02 -4.42 19.95
C ASP P 9 -13.89 -5.62 19.65
N ALA P 10 -14.94 -5.86 20.44
CA ALA P 10 -15.82 -6.98 20.20
C ALA P 10 -16.54 -6.85 18.86
N LEU P 11 -17.13 -5.67 18.59
CA LEU P 11 -17.73 -5.43 17.28
C LEU P 11 -16.76 -5.73 16.14
N GLY P 12 -15.48 -5.43 16.34
CA GLY P 12 -14.47 -5.73 15.35
C GLY P 12 -14.37 -7.21 15.05
N LYS P 13 -14.11 -8.02 16.08
CA LYS P 13 -14.01 -9.45 15.87
C LYS P 13 -15.30 -10.06 15.31
N SER P 14 -16.44 -9.42 15.55
CA SER P 14 -17.71 -9.87 14.99
C SER P 14 -18.02 -9.22 13.64
N ILE P 15 -17.03 -8.67 12.95
CA ILE P 15 -17.24 -8.16 11.59
C ILE P 15 -17.58 -9.32 10.68
N ASN P 16 -18.47 -9.06 9.71
CA ASN P 16 -18.88 -10.07 8.74
C ASN P 16 -19.52 -11.27 9.43
N THR P 17 -20.28 -10.98 10.49
CA THR P 17 -21.11 -11.94 11.19
C THR P 17 -22.49 -11.34 11.40
N ASN P 18 -23.44 -12.19 11.74
CA ASN P 18 -24.79 -11.75 12.01
C ASN P 18 -24.90 -11.35 13.48
N VAL P 19 -25.31 -10.11 13.71
CA VAL P 19 -25.39 -9.54 15.04
C VAL P 19 -26.77 -8.97 15.23
N THR P 20 -27.11 -8.72 16.50
CA THR P 20 -28.40 -8.16 16.87
C THR P 20 -28.13 -6.94 17.72
N VAL P 21 -28.66 -5.79 17.32
CA VAL P 21 -28.43 -4.54 18.03
C VAL P 21 -29.75 -4.06 18.60
N TYR P 22 -29.80 -3.94 19.92
CA TYR P 22 -30.98 -3.47 20.62
C TYR P 22 -30.98 -1.95 20.70
N LEU P 23 -32.11 -1.34 20.38
CA LEU P 23 -32.24 0.11 20.44
C LEU P 23 -33.09 0.54 21.62
N LYS P 24 -33.04 1.84 21.92
CA LYS P 24 -33.65 2.36 23.14
C LYS P 24 -35.18 2.26 23.12
N ASP P 25 -35.80 2.38 21.94
CA ASP P 25 -37.26 2.31 21.83
C ASP P 25 -37.79 0.89 21.64
N GLY P 26 -37.15 -0.10 22.25
CA GLY P 26 -37.61 -1.47 22.12
C GLY P 26 -37.28 -2.12 20.80
N LYS P 27 -36.66 -1.40 19.85
CA LYS P 27 -36.42 -1.94 18.54
C LYS P 27 -35.23 -2.89 18.53
N LEU P 28 -35.27 -3.84 17.60
CA LEU P 28 -34.19 -4.80 17.42
C LEU P 28 -33.86 -4.84 15.95
N VAL P 29 -32.58 -4.82 15.61
CA VAL P 29 -32.12 -4.96 14.23
C VAL P 29 -31.10 -6.09 14.16
N LYS P 30 -31.18 -6.88 13.10
CA LYS P 30 -30.26 -7.98 12.86
C LYS P 30 -29.80 -7.97 11.40
N GLY P 31 -28.50 -8.17 11.21
CA GLY P 31 -27.93 -8.23 9.86
C GLY P 31 -26.47 -8.60 9.93
N ARG P 32 -25.84 -8.63 8.76
CA ARG P 32 -24.41 -8.90 8.73
C ARG P 32 -23.63 -7.60 8.97
N LEU P 33 -22.73 -7.63 9.94
CA LEU P 33 -21.97 -6.44 10.29
C LEU P 33 -20.90 -6.16 9.24
N LYS P 34 -20.89 -4.92 8.74
CA LYS P 34 -19.90 -4.53 7.74
C LYS P 34 -18.94 -3.43 8.21
N ALA P 35 -19.35 -2.57 9.12
CA ALA P 35 -18.51 -1.47 9.59
C ALA P 35 -19.13 -0.85 10.83
N TYR P 36 -18.26 -0.32 11.70
CA TYR P 36 -18.68 0.39 12.90
C TYR P 36 -17.65 1.47 13.22
N ASP P 37 -17.98 2.35 14.16
CA ASP P 37 -17.05 3.40 14.55
C ASP P 37 -17.25 3.73 16.02
N LEU P 38 -16.39 4.62 16.54
CA LEU P 38 -16.28 4.90 17.97
C LEU P 38 -17.50 5.61 18.53
N HIS P 39 -18.39 6.15 17.69
CA HIS P 39 -19.70 6.58 18.17
C HIS P 39 -20.67 5.43 18.37
N MET P 40 -20.30 4.22 17.93
CA MET P 40 -21.16 3.04 17.81
C MET P 40 -22.16 3.15 16.67
N ASN P 41 -21.93 4.06 15.72
CA ASN P 41 -22.55 3.93 14.40
C ASN P 41 -22.19 2.56 13.84
N VAL P 42 -23.17 1.89 13.23
CA VAL P 42 -22.96 0.55 12.69
C VAL P 42 -23.60 0.45 11.32
N ALA P 43 -23.04 -0.40 10.48
CA ALA P 43 -23.56 -0.66 9.14
C ALA P 43 -23.94 -2.14 9.05
N LEU P 44 -25.20 -2.40 8.71
CA LEU P 44 -25.75 -3.75 8.64
C LEU P 44 -26.33 -3.97 7.25
N GLU P 45 -25.86 -5.00 6.58
CA GLU P 45 -26.43 -5.36 5.29
C GLU P 45 -27.35 -6.55 5.45
N ASN P 46 -28.36 -6.63 4.57
CA ASN P 46 -29.43 -7.62 4.69
C ASN P 46 -30.03 -7.58 6.08
N ALA P 47 -30.36 -6.38 6.53
CA ALA P 47 -30.80 -6.13 7.89
C ALA P 47 -32.29 -6.31 8.02
N LYS P 48 -32.71 -6.76 9.21
CA LYS P 48 -34.11 -7.02 9.51
C LYS P 48 -34.43 -6.52 10.91
N ILE P 49 -35.46 -5.69 11.03
CA ILE P 49 -35.89 -5.20 12.34
C ILE P 49 -36.81 -6.22 12.98
N GLU P 50 -36.39 -6.77 14.12
CA GLU P 50 -37.17 -7.74 14.89
C GLU P 50 -38.39 -7.13 15.57
N SER P 51 -38.61 -5.82 15.42
CA SER P 51 -39.83 -5.23 15.93
C SER P 51 -40.96 -5.24 14.88
N ASP P 52 -40.64 -4.98 13.61
CA ASP P 52 -41.65 -4.96 12.56
C ASP P 52 -41.52 -6.11 11.57
N GLU P 53 -40.42 -6.86 11.59
CA GLU P 53 -40.30 -8.19 10.96
C GLU P 53 -40.36 -8.18 9.44
N GLU P 54 -41.34 -7.48 8.86
CA GLU P 54 -41.65 -7.68 7.44
C GLU P 54 -40.55 -7.12 6.53
N LYS P 55 -40.02 -5.94 6.83
CA LYS P 55 -39.19 -5.21 5.88
C LYS P 55 -37.73 -5.60 6.03
N GLU P 56 -37.11 -5.94 4.91
CA GLU P 56 -35.66 -6.18 4.82
C GLU P 56 -34.99 -4.98 4.15
N PHE P 57 -33.73 -4.76 4.52
CA PHE P 57 -32.95 -3.63 4.04
C PHE P 57 -31.63 -4.14 3.52
N PRO P 58 -31.32 -3.96 2.23
CA PRO P 58 -29.99 -4.36 1.73
C PRO P 58 -28.84 -3.66 2.42
N MET P 59 -29.09 -2.49 3.03
CA MET P 59 -28.05 -1.78 3.78
C MET P 59 -28.73 -0.76 4.67
N LEU P 60 -28.47 -0.83 5.98
CA LEU P 60 -29.04 0.10 6.95
C LEU P 60 -27.94 0.64 7.85
N VAL P 61 -27.85 1.96 7.97
CA VAL P 61 -26.83 2.60 8.79
C VAL P 61 -27.49 3.14 10.05
N VAL P 62 -27.11 2.60 11.20
CA VAL P 62 -27.72 2.95 12.48
C VAL P 62 -26.89 4.06 13.13
N ARG P 63 -27.55 5.16 13.49
CA ARG P 63 -26.91 6.15 14.31
C ARG P 63 -26.62 5.61 15.70
N GLY P 64 -25.46 5.97 16.25
CA GLY P 64 -24.93 5.33 17.44
C GLY P 64 -25.64 5.62 18.74
N ASP P 65 -26.10 6.86 18.93
CA ASP P 65 -26.74 7.23 20.19
C ASP P 65 -28.15 6.63 20.36
N ASN P 66 -28.55 5.72 19.46
CA ASN P 66 -29.80 4.98 19.56
C ASN P 66 -29.61 3.59 20.14
N VAL P 67 -28.39 3.17 20.38
CA VAL P 67 -28.07 1.78 20.68
C VAL P 67 -28.21 1.54 22.18
N LEU P 68 -28.94 0.48 22.53
CA LEU P 68 -28.95 0.00 23.91
C LEU P 68 -27.70 -0.85 24.16
N TYR P 69 -27.66 -2.01 23.53
CA TYR P 69 -26.49 -2.86 23.55
C TYR P 69 -26.51 -3.71 22.29
N VAL P 70 -25.44 -4.46 22.06
CA VAL P 70 -25.28 -5.26 20.85
C VAL P 70 -24.89 -6.67 21.26
N SER P 71 -25.56 -7.66 20.68
CA SER P 71 -25.32 -9.06 21.01
C SER P 71 -24.40 -9.68 19.97
N LEU P 72 -23.43 -10.43 20.44
CA LEU P 72 -22.49 -11.12 19.57
C LEU P 72 -22.42 -12.59 19.96
N MET Q 2 -9.25 2.77 44.25
CA MET Q 2 -8.07 3.00 45.08
C MET Q 2 -7.62 4.47 44.98
N ASP Q 3 -7.72 5.03 43.78
CA ASP Q 3 -7.30 6.41 43.52
C ASP Q 3 -8.52 7.33 43.52
N THR Q 4 -8.34 8.52 44.10
CA THR Q 4 -9.49 9.36 44.42
C THR Q 4 -10.10 10.07 43.23
N GLN Q 5 -9.45 10.07 42.07
CA GLN Q 5 -10.02 10.81 40.94
C GLN Q 5 -10.14 9.96 39.67
N ARG Q 6 -10.09 8.64 39.80
CA ARG Q 6 -10.38 7.72 38.69
C ARG Q 6 -11.40 6.67 39.13
N PRO Q 7 -12.66 7.08 39.37
CA PRO Q 7 -13.66 6.11 39.84
C PRO Q 7 -13.81 4.88 38.96
N LEU Q 8 -13.60 5.01 37.64
CA LEU Q 8 -13.71 3.85 36.77
C LEU Q 8 -12.55 2.88 36.95
N ASP Q 9 -11.54 3.23 37.75
CA ASP Q 9 -10.47 2.29 38.03
C ASP Q 9 -10.96 1.12 38.86
N ALA Q 10 -11.82 1.37 39.85
CA ALA Q 10 -12.40 0.30 40.65
C ALA Q 10 -13.00 -0.75 39.74
N LEU Q 11 -13.59 -0.31 38.63
CA LEU Q 11 -14.10 -1.25 37.64
C LEU Q 11 -12.96 -1.94 36.91
N GLY Q 12 -11.85 -1.22 36.71
CA GLY Q 12 -10.66 -1.89 36.20
C GLY Q 12 -10.21 -3.01 37.11
N LYS Q 13 -10.25 -2.77 38.43
CA LYS Q 13 -9.93 -3.83 39.38
C LYS Q 13 -10.89 -5.00 39.26
N SER Q 14 -12.09 -4.78 38.70
CA SER Q 14 -13.11 -5.81 38.64
C SER Q 14 -13.23 -6.47 37.27
N ILE Q 15 -12.15 -6.46 36.48
CA ILE Q 15 -12.18 -7.21 35.23
C ILE Q 15 -12.26 -8.70 35.57
N ASN Q 16 -13.31 -9.36 35.04
CA ASN Q 16 -13.61 -10.77 35.28
C ASN Q 16 -14.15 -11.03 36.68
N THR Q 17 -14.68 -10.02 37.35
CA THR Q 17 -15.63 -10.24 38.44
C THR Q 17 -17.00 -9.96 37.86
N ASN Q 18 -17.93 -10.88 38.10
CA ASN Q 18 -19.27 -10.69 37.56
C ASN Q 18 -19.86 -9.41 38.11
N VAL Q 19 -20.52 -8.67 37.22
CA VAL Q 19 -21.05 -7.36 37.55
C VAL Q 19 -22.49 -7.30 37.05
N THR Q 20 -23.25 -6.40 37.65
CA THR Q 20 -24.62 -6.14 37.24
C THR Q 20 -24.66 -4.73 36.67
N VAL Q 21 -25.15 -4.60 35.44
CA VAL Q 21 -25.26 -3.28 34.83
C VAL Q 21 -26.69 -2.79 35.01
N TYR Q 22 -26.83 -1.62 35.62
CA TYR Q 22 -28.11 -0.99 35.87
C TYR Q 22 -28.32 0.09 34.82
N LEU Q 23 -29.35 -0.06 33.99
CA LEU Q 23 -29.56 0.87 32.88
C LEU Q 23 -30.56 1.96 33.26
N LYS Q 24 -30.64 2.98 32.40
CA LYS Q 24 -31.50 4.12 32.68
C LYS Q 24 -32.97 3.77 32.55
N ASP Q 25 -33.31 2.84 31.66
CA ASP Q 25 -34.71 2.46 31.49
C ASP Q 25 -35.18 1.56 32.63
N GLY Q 26 -34.28 0.78 33.22
CA GLY Q 26 -34.63 -0.04 34.37
C GLY Q 26 -34.25 -1.50 34.26
N LYS Q 27 -33.41 -1.86 33.29
CA LYS Q 27 -32.97 -3.23 33.16
C LYS Q 27 -31.69 -3.49 33.95
N LEU Q 28 -31.37 -4.78 34.09
CA LEU Q 28 -30.07 -5.20 34.61
C LEU Q 28 -29.51 -6.26 33.67
N VAL Q 29 -28.28 -6.08 33.20
CA VAL Q 29 -27.54 -7.12 32.52
C VAL Q 29 -26.45 -7.60 33.47
N LYS Q 30 -26.18 -8.90 33.43
CA LYS Q 30 -25.33 -9.55 34.41
C LYS Q 30 -24.32 -10.42 33.68
N GLY Q 31 -23.04 -10.20 33.95
CA GLY Q 31 -22.02 -10.98 33.28
C GLY Q 31 -20.65 -10.65 33.83
N ARG Q 32 -19.65 -11.31 33.26
CA ARG Q 32 -18.26 -11.07 33.61
C ARG Q 32 -17.71 -9.96 32.73
N LEU Q 33 -17.07 -8.96 33.34
CA LEU Q 33 -16.58 -7.84 32.58
C LEU Q 33 -15.28 -8.17 31.86
N LYS Q 34 -15.26 -7.94 30.56
CA LYS Q 34 -14.07 -8.15 29.74
C LYS Q 34 -13.33 -6.87 29.38
N ALA Q 35 -14.03 -5.75 29.28
CA ALA Q 35 -13.42 -4.49 28.84
C ALA Q 35 -14.39 -3.32 29.03
N TYR Q 36 -13.95 -2.29 29.75
CA TYR Q 36 -14.66 -1.02 29.88
C TYR Q 36 -13.84 0.10 29.22
N ASP Q 37 -14.39 1.32 29.23
CA ASP Q 37 -13.65 2.49 28.78
C ASP Q 37 -14.26 3.76 29.39
N LEU Q 38 -13.66 4.90 29.07
CA LEU Q 38 -14.03 6.17 29.69
C LEU Q 38 -15.40 6.67 29.26
N HIS Q 39 -16.02 6.09 28.26
CA HIS Q 39 -17.43 6.33 27.99
C HIS Q 39 -18.34 5.54 28.92
N MET Q 40 -17.78 4.67 29.75
CA MET Q 40 -18.51 3.67 30.52
C MET Q 40 -19.13 2.60 29.61
N ASN Q 41 -18.66 2.48 28.37
CA ASN Q 41 -19.00 1.33 27.54
C ASN Q 41 -18.50 0.06 28.23
N VAL Q 42 -19.17 -1.04 27.97
CA VAL Q 42 -18.99 -2.25 28.78
C VAL Q 42 -19.11 -3.49 27.89
N ALA Q 43 -18.20 -4.43 28.07
CA ALA Q 43 -18.22 -5.69 27.34
C ALA Q 43 -18.37 -6.83 28.34
N LEU Q 44 -19.60 -7.33 28.47
CA LEU Q 44 -19.93 -8.45 29.34
C LEU Q 44 -19.96 -9.74 28.54
N GLU Q 45 -19.27 -10.75 29.07
CA GLU Q 45 -19.37 -12.12 28.57
C GLU Q 45 -20.33 -12.89 29.45
N ASN Q 46 -21.15 -13.74 28.83
CA ASN Q 46 -22.18 -14.53 29.51
C ASN Q 46 -23.20 -13.62 30.22
N ALA Q 47 -23.95 -12.91 29.38
CA ALA Q 47 -24.86 -11.88 29.85
C ALA Q 47 -26.31 -12.35 29.79
N LYS Q 48 -27.04 -12.12 30.87
CA LYS Q 48 -28.48 -12.40 30.92
C LYS Q 48 -29.17 -11.24 31.62
N ILE Q 49 -30.32 -10.83 31.08
CA ILE Q 49 -31.07 -9.70 31.61
C ILE Q 49 -32.16 -10.22 32.55
N GLU Q 50 -32.35 -9.53 33.67
CA GLU Q 50 -33.40 -9.87 34.64
C GLU Q 50 -34.79 -9.82 34.01
N SER Q 51 -34.95 -9.23 32.83
CA SER Q 51 -36.23 -9.24 32.14
C SER Q 51 -36.51 -10.59 31.48
N ASP Q 52 -35.54 -11.13 30.74
CA ASP Q 52 -35.81 -12.25 29.84
C ASP Q 52 -35.59 -13.62 30.47
N GLU Q 53 -34.70 -13.74 31.47
CA GLU Q 53 -34.41 -15.01 32.15
C GLU Q 53 -33.84 -16.07 31.22
N GLU Q 54 -34.58 -16.44 30.18
CA GLU Q 54 -34.25 -17.62 29.41
C GLU Q 54 -33.08 -17.36 28.44
N LYS Q 55 -33.00 -16.17 27.87
CA LYS Q 55 -31.95 -15.89 26.89
C LYS Q 55 -30.63 -15.57 27.58
N GLU Q 56 -29.55 -16.11 27.01
CA GLU Q 56 -28.19 -15.84 27.47
C GLU Q 56 -27.39 -15.28 26.30
N PHE Q 57 -26.73 -14.15 26.52
CA PHE Q 57 -26.00 -13.45 25.46
C PHE Q 57 -24.53 -13.77 25.56
N PRO Q 58 -23.95 -14.50 24.60
CA PRO Q 58 -22.52 -14.82 24.68
C PRO Q 58 -21.60 -13.62 24.84
N MET Q 59 -21.89 -12.52 24.15
CA MET Q 59 -21.06 -11.31 24.26
C MET Q 59 -21.95 -10.09 24.09
N LEU Q 60 -22.08 -9.30 25.15
CA LEU Q 60 -22.88 -8.08 25.11
C LEU Q 60 -21.99 -6.86 25.19
N VAL Q 61 -22.20 -5.92 24.25
CA VAL Q 61 -21.52 -4.63 24.23
C VAL Q 61 -22.55 -3.56 24.55
N VAL Q 62 -22.41 -2.91 25.70
CA VAL Q 62 -23.41 -1.97 26.19
C VAL Q 62 -22.86 -0.56 26.06
N ARG Q 63 -23.66 0.33 25.48
CA ARG Q 63 -23.26 1.72 25.31
C ARG Q 63 -23.37 2.48 26.62
N GLY Q 64 -22.37 3.31 26.90
CA GLY Q 64 -22.21 3.87 28.23
C GLY Q 64 -23.27 4.88 28.64
N ASP Q 65 -23.88 5.58 27.68
CA ASP Q 65 -24.89 6.55 28.07
C ASP Q 65 -26.17 5.89 28.56
N ASN Q 66 -26.36 4.62 28.27
CA ASN Q 66 -27.44 3.80 28.82
C ASN Q 66 -27.16 3.29 30.23
N VAL Q 67 -26.13 3.81 30.90
CA VAL Q 67 -25.65 3.23 32.15
C VAL Q 67 -26.04 4.14 33.31
N LEU Q 68 -26.62 3.53 34.35
CA LEU Q 68 -27.06 4.24 35.54
C LEU Q 68 -26.02 4.13 36.66
N TYR Q 69 -25.68 2.91 37.07
CA TYR Q 69 -24.53 2.67 37.93
C TYR Q 69 -24.20 1.19 37.80
N VAL Q 70 -22.99 0.81 38.21
CA VAL Q 70 -22.56 -0.58 38.15
C VAL Q 70 -22.23 -1.08 39.54
N SER Q 71 -22.74 -2.28 39.87
CA SER Q 71 -22.43 -2.96 41.12
C SER Q 71 -21.25 -3.90 40.89
N LEU Q 72 -20.18 -3.68 41.62
CA LEU Q 72 -18.95 -4.44 41.45
C LEU Q 72 -18.90 -5.62 42.42
N MET R 2 -11.00 26.09 49.52
CA MET R 2 -12.36 26.56 49.29
C MET R 2 -12.46 27.44 48.04
N ASP R 3 -12.13 26.89 46.87
CA ASP R 3 -11.98 27.69 45.68
C ASP R 3 -13.33 28.02 45.06
N THR R 4 -13.44 29.24 44.51
CA THR R 4 -14.69 29.73 43.95
C THR R 4 -14.95 29.20 42.55
N GLN R 5 -13.97 28.60 41.89
CA GLN R 5 -14.12 28.19 40.50
C GLN R 5 -14.13 26.69 40.30
N ARG R 6 -14.02 25.89 41.37
CA ARG R 6 -14.02 24.44 41.28
C ARG R 6 -15.03 23.88 42.27
N PRO R 7 -16.32 23.98 41.97
CA PRO R 7 -17.33 23.41 42.88
C PRO R 7 -17.11 21.94 43.17
N LEU R 8 -16.46 21.21 42.28
CA LEU R 8 -16.30 19.77 42.48
C LEU R 8 -15.19 19.42 43.47
N ASP R 9 -14.46 20.42 43.97
CA ASP R 9 -13.56 20.17 45.09
C ASP R 9 -14.29 19.76 46.36
N ALA R 10 -15.58 20.11 46.48
CA ALA R 10 -16.32 19.75 47.68
C ALA R 10 -16.37 18.24 47.86
N LEU R 11 -16.47 17.50 46.76
CA LEU R 11 -16.37 16.04 46.84
C LEU R 11 -14.97 15.60 47.24
N GLY R 12 -13.96 16.39 46.89
CA GLY R 12 -12.61 16.05 47.30
C GLY R 12 -12.41 16.27 48.79
N LYS R 13 -12.88 17.40 49.31
CA LYS R 13 -12.85 17.65 50.74
C LYS R 13 -13.67 16.64 51.52
N SER R 14 -14.65 16.00 50.88
CA SER R 14 -15.52 15.03 51.52
C SER R 14 -15.18 13.60 51.12
N ILE R 15 -13.96 13.35 50.64
CA ILE R 15 -13.56 11.98 50.33
C ILE R 15 -13.56 11.16 51.61
N ASN R 16 -13.99 9.91 51.50
CA ASN R 16 -13.97 8.96 52.61
C ASN R 16 -14.88 9.40 53.75
N THR R 17 -15.94 10.15 53.43
CA THR R 17 -17.05 10.31 54.34
C THR R 17 -18.31 9.74 53.67
N ASN R 18 -19.49 10.13 54.13
CA ASN R 18 -20.73 9.56 53.64
C ASN R 18 -21.62 10.68 53.09
N VAL R 19 -22.13 10.46 51.88
CA VAL R 19 -22.81 11.51 51.12
C VAL R 19 -23.94 10.89 50.33
N THR R 20 -24.94 11.70 50.00
CA THR R 20 -26.07 11.28 49.16
C THR R 20 -25.84 11.70 47.72
N VAL R 21 -26.02 10.77 46.80
CA VAL R 21 -26.09 11.20 45.41
C VAL R 21 -27.54 11.01 44.93
N TYR R 22 -28.32 12.10 45.01
CA TYR R 22 -29.68 12.10 44.51
C TYR R 22 -29.65 12.00 42.98
N LEU R 23 -30.14 10.88 42.46
CA LEU R 23 -30.17 10.70 41.01
C LEU R 23 -31.23 11.60 40.40
N LYS R 24 -31.33 11.60 39.07
CA LYS R 24 -32.26 12.50 38.42
C LYS R 24 -33.68 11.94 38.44
N ASP R 25 -33.85 10.65 38.12
CA ASP R 25 -35.20 10.07 38.08
C ASP R 25 -35.88 10.15 39.45
N GLY R 26 -35.10 10.02 40.52
CA GLY R 26 -35.66 10.17 41.85
C GLY R 26 -35.12 9.21 42.89
N LYS R 27 -34.53 8.10 42.44
CA LYS R 27 -33.99 7.14 43.39
C LYS R 27 -32.76 7.71 44.09
N LEU R 28 -32.30 6.97 45.10
CA LEU R 28 -31.39 7.47 46.12
C LEU R 28 -30.20 6.52 46.29
N VAL R 29 -29.00 7.09 46.41
CA VAL R 29 -27.83 6.32 46.84
C VAL R 29 -27.02 7.17 47.81
N LYS R 30 -26.92 6.72 49.04
CA LYS R 30 -25.92 7.20 49.99
C LYS R 30 -24.84 6.14 50.14
N GLY R 31 -23.66 6.57 50.55
CA GLY R 31 -22.58 5.63 50.73
C GLY R 31 -21.27 6.36 50.96
N ARG R 32 -20.19 5.58 50.91
CA ARG R 32 -18.85 6.09 51.15
C ARG R 32 -18.25 6.55 49.82
N LEU R 33 -17.91 7.83 49.73
CA LEU R 33 -17.31 8.39 48.53
C LEU R 33 -15.85 7.96 48.43
N LYS R 34 -15.56 7.06 47.49
CA LYS R 34 -14.20 6.63 47.24
C LYS R 34 -13.48 7.51 46.21
N ALA R 35 -14.11 7.73 45.06
CA ALA R 35 -13.46 8.46 43.97
C ALA R 35 -14.50 9.17 43.11
N TYR R 36 -14.19 10.40 42.72
CA TYR R 36 -15.02 11.18 41.82
C TYR R 36 -14.18 11.64 40.63
N ASP R 37 -14.83 11.94 39.51
CA ASP R 37 -14.16 12.55 38.37
C ASP R 37 -15.04 13.69 37.85
N LEU R 38 -14.53 14.37 36.81
CA LEU R 38 -15.11 15.65 36.41
C LEU R 38 -16.40 15.51 35.59
N HIS R 39 -16.74 14.30 35.14
CA HIS R 39 -18.09 14.03 34.69
C HIS R 39 -19.06 13.85 35.85
N MET R 40 -18.55 13.86 37.09
CA MET R 40 -19.30 13.53 38.30
C MET R 40 -19.64 12.04 38.36
N ASN R 41 -18.84 11.18 37.74
CA ASN R 41 -18.85 9.77 38.09
C ASN R 41 -18.43 9.63 39.55
N VAL R 42 -19.08 8.73 40.28
CA VAL R 42 -18.84 8.58 41.72
C VAL R 42 -18.67 7.11 42.06
N ALA R 43 -17.62 6.80 42.80
CA ALA R 43 -17.40 5.46 43.36
C ALA R 43 -17.91 5.45 44.79
N LEU R 44 -18.85 4.56 45.08
CA LEU R 44 -19.51 4.50 46.38
C LEU R 44 -19.30 3.11 46.98
N GLU R 45 -18.63 3.06 48.12
CA GLU R 45 -18.44 1.84 48.89
C GLU R 45 -19.56 1.70 49.90
N ASN R 46 -19.99 0.44 50.13
CA ASN R 46 -21.23 0.11 50.84
C ASN R 46 -22.35 1.09 50.49
N ALA R 47 -22.78 1.04 49.22
CA ALA R 47 -23.82 1.92 48.75
C ALA R 47 -25.18 1.29 49.02
N LYS R 48 -26.11 2.09 49.51
CA LYS R 48 -27.46 1.65 49.78
C LYS R 48 -28.45 2.56 49.05
N ILE R 49 -29.39 1.93 48.35
CA ILE R 49 -30.58 2.57 47.80
C ILE R 49 -31.69 2.46 48.85
N GLU R 50 -32.27 3.59 49.26
CA GLU R 50 -33.28 3.54 50.31
C GLU R 50 -34.69 3.39 49.77
N SER R 51 -34.84 3.11 48.47
CA SER R 51 -36.07 2.49 48.01
C SER R 51 -36.02 0.98 48.26
N ASP R 52 -34.87 0.35 47.93
CA ASP R 52 -34.73 -1.10 48.08
C ASP R 52 -34.44 -1.53 49.52
N GLU R 53 -33.74 -0.70 50.30
CA GLU R 53 -33.46 -0.95 51.71
C GLU R 53 -32.66 -2.23 51.97
N GLU R 54 -33.06 -3.34 51.35
CA GLU R 54 -32.58 -4.66 51.76
C GLU R 54 -31.21 -4.99 51.21
N LYS R 55 -30.95 -4.68 49.94
CA LYS R 55 -29.69 -5.03 49.32
C LYS R 55 -28.67 -3.91 49.52
N GLU R 56 -27.45 -4.30 49.89
CA GLU R 56 -26.31 -3.41 50.01
C GLU R 56 -25.23 -3.87 49.04
N PHE R 57 -24.47 -2.92 48.49
CA PHE R 57 -23.55 -3.32 47.43
C PHE R 57 -22.09 -3.21 47.89
N PRO R 58 -21.26 -4.18 47.47
CA PRO R 58 -19.81 -4.06 47.74
C PRO R 58 -19.25 -2.72 47.28
N MET R 59 -19.34 -2.43 45.99
CA MET R 59 -19.05 -1.08 45.53
C MET R 59 -19.84 -0.79 44.26
N LEU R 60 -20.33 0.43 44.16
CA LEU R 60 -21.15 0.90 43.05
C LEU R 60 -20.47 2.10 42.39
N VAL R 61 -20.37 2.09 41.06
CA VAL R 61 -19.87 3.22 40.31
C VAL R 61 -21.01 3.77 39.47
N VAL R 62 -21.31 5.06 39.65
CA VAL R 62 -22.50 5.69 39.09
C VAL R 62 -22.10 6.65 37.98
N ARG R 63 -22.73 6.49 36.81
CA ARG R 63 -22.46 7.41 35.70
C ARG R 63 -22.97 8.80 36.03
N GLY R 64 -22.14 9.81 35.71
CA GLY R 64 -22.32 11.12 36.28
C GLY R 64 -23.54 11.88 35.77
N ASP R 65 -24.02 11.57 34.56
CA ASP R 65 -25.12 12.37 34.04
C ASP R 65 -26.45 12.06 34.72
N ASN R 66 -26.59 10.91 35.40
CA ASN R 66 -27.78 10.67 36.21
C ASN R 66 -27.85 11.56 37.44
N VAL R 67 -26.78 12.25 37.78
CA VAL R 67 -26.69 12.94 39.07
C VAL R 67 -27.52 14.21 39.04
N LEU R 68 -28.52 14.28 39.92
CA LEU R 68 -29.19 15.53 40.22
C LEU R 68 -28.32 16.40 41.12
N TYR R 69 -28.06 15.94 42.34
CA TYR R 69 -27.14 16.65 43.23
C TYR R 69 -26.61 15.72 44.31
N VAL R 70 -25.60 16.20 45.01
CA VAL R 70 -24.89 15.44 46.04
C VAL R 70 -24.84 16.25 47.32
N SER R 71 -25.21 15.65 48.44
CA SER R 71 -25.10 16.29 49.74
C SER R 71 -23.91 15.70 50.49
N LEU R 72 -23.06 16.57 51.01
CA LEU R 72 -21.85 16.15 51.70
C LEU R 72 -22.05 16.31 53.21
N MET S 2 -25.99 40.00 11.54
CA MET S 2 -25.71 40.60 10.23
C MET S 2 -24.84 39.65 9.40
N ASP S 3 -23.68 39.26 9.96
CA ASP S 3 -22.79 38.31 9.29
C ASP S 3 -23.48 36.96 9.14
N THR S 4 -23.42 36.39 7.93
CA THR S 4 -24.21 35.18 7.63
C THR S 4 -23.74 33.95 8.39
N GLN S 5 -22.65 34.03 9.15
CA GLN S 5 -22.07 32.86 9.78
C GLN S 5 -22.14 32.87 11.30
N ARG S 6 -22.36 34.03 11.92
CA ARG S 6 -22.43 34.15 13.38
C ARG S 6 -23.82 34.62 13.76
N PRO S 7 -24.83 33.74 13.71
CA PRO S 7 -26.21 34.18 14.02
C PRO S 7 -26.38 34.68 15.43
N LEU S 8 -25.60 34.17 16.38
CA LEU S 8 -25.67 34.69 17.74
C LEU S 8 -25.23 36.15 17.83
N ASP S 9 -24.65 36.72 16.76
CA ASP S 9 -24.31 38.13 16.77
C ASP S 9 -25.54 38.99 16.95
N ALA S 10 -26.68 38.56 16.41
CA ALA S 10 -27.94 39.28 16.61
C ALA S 10 -28.16 39.62 18.06
N LEU S 11 -27.82 38.70 18.98
CA LEU S 11 -27.90 39.01 20.40
C LEU S 11 -26.93 40.13 20.76
N GLY S 12 -25.75 40.15 20.14
CA GLY S 12 -24.77 41.19 20.41
C GLY S 12 -25.17 42.56 19.94
N LYS S 13 -26.05 42.62 18.94
CA LYS S 13 -26.61 43.90 18.52
C LYS S 13 -27.72 44.37 19.45
N SER S 14 -28.35 43.45 20.17
CA SER S 14 -29.50 43.76 21.02
C SER S 14 -29.16 43.80 22.51
N ILE S 15 -27.88 43.94 22.86
CA ILE S 15 -27.50 43.97 24.27
C ILE S 15 -28.06 45.24 24.92
N ASN S 16 -28.39 45.15 26.20
CA ASN S 16 -29.05 46.23 26.92
C ASN S 16 -30.36 46.61 26.22
N THR S 17 -31.26 45.64 26.16
CA THR S 17 -32.53 45.80 25.47
C THR S 17 -33.46 44.71 25.95
N ASN S 18 -34.74 45.06 26.12
CA ASN S 18 -35.70 44.05 26.56
C ASN S 18 -35.79 42.94 25.53
N VAL S 19 -36.00 41.72 26.02
CA VAL S 19 -35.91 40.53 25.20
C VAL S 19 -36.76 39.46 25.85
N THR S 20 -37.20 38.49 25.05
CA THR S 20 -38.03 37.41 25.57
C THR S 20 -37.46 36.08 25.09
N VAL S 21 -37.30 35.16 26.03
CA VAL S 21 -36.64 33.88 25.81
C VAL S 21 -37.67 32.78 25.92
N TYR S 22 -37.91 32.09 24.82
CA TYR S 22 -38.82 30.96 24.79
C TYR S 22 -38.05 29.72 25.23
N LEU S 23 -38.64 28.93 26.13
CA LEU S 23 -37.97 27.77 26.70
C LEU S 23 -38.70 26.49 26.34
N LYS S 24 -37.98 25.37 26.47
CA LYS S 24 -38.47 24.09 25.98
C LYS S 24 -39.71 23.64 26.74
N ASP S 25 -39.77 23.87 28.05
CA ASP S 25 -40.89 23.38 28.82
C ASP S 25 -42.17 24.15 28.51
N GLY S 26 -42.06 25.36 27.98
CA GLY S 26 -43.21 26.17 27.64
C GLY S 26 -43.12 27.58 28.18
N LYS S 27 -42.06 27.85 28.93
CA LYS S 27 -41.91 29.11 29.64
C LYS S 27 -41.43 30.22 28.72
N LEU S 28 -41.89 31.43 29.01
CA LEU S 28 -41.42 32.65 28.38
C LEU S 28 -40.81 33.53 29.46
N VAL S 29 -39.55 33.92 29.28
CA VAL S 29 -38.83 34.76 30.23
C VAL S 29 -38.45 36.05 29.53
N LYS S 30 -38.80 37.18 30.14
CA LYS S 30 -38.63 38.48 29.51
C LYS S 30 -37.80 39.37 30.42
N GLY S 31 -36.86 40.10 29.84
CA GLY S 31 -36.00 40.97 30.64
C GLY S 31 -34.99 41.67 29.78
N ARG S 32 -34.08 42.37 30.45
CA ARG S 32 -33.03 43.14 29.78
C ARG S 32 -31.80 42.26 29.53
N LEU S 33 -31.26 42.31 28.31
CA LEU S 33 -30.15 41.46 27.90
C LEU S 33 -28.83 42.16 28.16
N LYS S 34 -28.08 41.67 29.16
CA LYS S 34 -26.79 42.25 29.49
C LYS S 34 -25.60 41.37 29.13
N ALA S 35 -25.80 40.06 28.98
CA ALA S 35 -24.69 39.18 28.64
C ALA S 35 -25.21 37.88 28.04
N TYR S 36 -24.44 37.36 27.09
CA TYR S 36 -24.72 36.07 26.46
C TYR S 36 -23.41 35.44 26.05
N ASP S 37 -23.35 34.10 26.07
CA ASP S 37 -22.17 33.35 25.63
C ASP S 37 -22.56 32.39 24.50
N LEU S 38 -21.55 31.72 23.95
CA LEU S 38 -21.75 30.85 22.81
C LEU S 38 -22.52 29.57 23.14
N HIS S 39 -22.67 29.23 24.43
CA HIS S 39 -23.63 28.19 24.79
C HIS S 39 -25.07 28.67 24.66
N MET S 40 -25.27 29.95 24.37
CA MET S 40 -26.54 30.66 24.43
C MET S 40 -27.03 30.89 25.86
N ASN S 41 -26.15 30.74 26.86
CA ASN S 41 -26.45 31.27 28.18
C ASN S 41 -26.70 32.77 28.07
N VAL S 42 -27.72 33.27 28.78
CA VAL S 42 -27.97 34.71 28.80
C VAL S 42 -28.17 35.20 30.24
N ALA S 43 -27.70 36.42 30.47
CA ALA S 43 -27.88 37.12 31.73
C ALA S 43 -28.95 38.18 31.53
N LEU S 44 -30.04 38.06 32.29
CA LEU S 44 -31.18 38.96 32.16
C LEU S 44 -31.21 39.90 33.36
N GLU S 45 -31.11 41.21 33.09
CA GLU S 45 -31.19 42.21 34.13
C GLU S 45 -32.64 42.59 34.37
N ASN S 46 -33.08 42.47 35.63
CA ASN S 46 -34.46 42.69 36.04
C ASN S 46 -35.46 42.07 35.07
N ALA S 47 -35.74 40.78 35.23
CA ALA S 47 -36.59 40.03 34.32
C ALA S 47 -37.78 39.43 35.05
N LYS S 48 -38.87 39.23 34.31
CA LYS S 48 -40.08 38.61 34.82
C LYS S 48 -40.41 37.39 33.97
N ILE S 49 -41.15 36.45 34.56
CA ILE S 49 -41.64 35.29 33.83
C ILE S 49 -43.15 35.34 33.77
N GLU S 50 -43.71 34.93 32.63
CA GLU S 50 -45.14 35.12 32.38
C GLU S 50 -46.03 34.16 33.16
N SER S 51 -45.45 33.18 33.85
CA SER S 51 -46.24 32.26 34.66
C SER S 51 -46.44 32.81 36.08
N ASP S 52 -45.33 33.09 36.77
CA ASP S 52 -45.39 33.54 38.16
C ASP S 52 -46.00 34.93 38.28
N GLU S 53 -45.77 35.80 37.29
CA GLU S 53 -46.38 37.13 37.24
C GLU S 53 -45.86 38.03 38.37
N GLU S 54 -46.04 37.57 39.62
CA GLU S 54 -45.84 38.43 40.79
C GLU S 54 -44.37 38.82 40.96
N LYS S 55 -43.46 37.84 40.94
CA LYS S 55 -42.07 38.07 41.30
C LYS S 55 -41.22 38.33 40.06
N GLU S 56 -40.34 39.33 40.16
CA GLU S 56 -39.31 39.53 39.17
C GLU S 56 -37.96 39.53 39.87
N PHE S 57 -36.91 39.42 39.06
CA PHE S 57 -35.60 39.03 39.54
C PHE S 57 -34.56 40.03 39.03
N PRO S 58 -33.78 40.64 39.93
CA PRO S 58 -32.86 41.71 39.50
C PRO S 58 -31.77 41.24 38.54
N MET S 59 -31.46 39.95 38.50
CA MET S 59 -30.50 39.39 37.57
C MET S 59 -30.81 37.91 37.40
N LEU S 60 -31.00 37.49 36.16
CA LEU S 60 -31.39 36.11 35.86
C LEU S 60 -30.41 35.48 34.89
N VAL S 61 -30.02 34.24 35.18
CA VAL S 61 -29.02 33.51 34.42
C VAL S 61 -29.65 32.21 33.93
N VAL S 62 -29.83 32.08 32.63
CA VAL S 62 -30.48 30.91 32.05
C VAL S 62 -29.42 30.05 31.37
N ARG S 63 -29.53 28.75 31.55
CA ARG S 63 -28.65 27.81 30.88
C ARG S 63 -29.07 27.66 29.42
N GLY S 64 -28.10 27.84 28.52
CA GLY S 64 -28.42 27.98 27.10
C GLY S 64 -29.24 26.83 26.55
N ASP S 65 -28.96 25.61 27.00
CA ASP S 65 -29.68 24.44 26.48
C ASP S 65 -31.11 24.33 27.02
N ASN S 66 -31.68 25.42 27.53
CA ASN S 66 -33.11 25.51 27.80
C ASN S 66 -33.87 26.32 26.75
N VAL S 67 -33.15 27.06 25.91
CA VAL S 67 -33.78 27.97 24.97
C VAL S 67 -34.38 27.20 23.80
N LEU S 68 -35.54 27.64 23.33
CA LEU S 68 -35.94 27.32 21.96
C LEU S 68 -35.53 28.46 21.01
N TYR S 69 -35.95 29.68 21.32
CA TYR S 69 -35.54 30.82 20.51
C TYR S 69 -35.64 32.08 21.33
N VAL S 70 -35.15 33.16 20.74
CA VAL S 70 -35.12 34.47 21.37
C VAL S 70 -35.56 35.48 20.32
N SER S 71 -36.38 36.45 20.73
CA SER S 71 -36.80 37.54 19.86
C SER S 71 -36.27 38.85 20.41
N LEU S 72 -35.56 39.60 19.57
CA LEU S 72 -34.83 40.80 19.99
C LEU S 72 -35.52 42.10 19.54
N MET T 2 -24.63 20.96 -2.94
CA MET T 2 -23.72 21.06 -4.06
C MET T 2 -22.31 20.68 -3.63
N ASP T 3 -22.19 20.07 -2.46
CA ASP T 3 -20.96 19.42 -2.02
C ASP T 3 -21.31 18.27 -1.10
N THR T 4 -20.83 17.07 -1.42
CA THR T 4 -21.31 15.85 -0.78
C THR T 4 -20.97 15.77 0.70
N GLN T 5 -20.13 16.66 1.23
CA GLN T 5 -19.68 16.55 2.62
C GLN T 5 -20.17 17.67 3.52
N ARG T 6 -20.80 18.72 2.97
CA ARG T 6 -21.20 19.90 3.73
C ARG T 6 -22.70 20.16 3.55
N PRO T 7 -23.56 19.27 4.06
CA PRO T 7 -25.02 19.48 3.89
C PRO T 7 -25.50 20.87 4.29
N LEU T 8 -24.95 21.44 5.38
CA LEU T 8 -25.35 22.78 5.82
C LEU T 8 -25.05 23.85 4.78
N ASP T 9 -24.26 23.55 3.75
CA ASP T 9 -24.06 24.54 2.70
C ASP T 9 -25.37 24.84 1.97
N ALA T 10 -26.28 23.87 1.91
CA ALA T 10 -27.62 24.13 1.37
C ALA T 10 -28.27 25.31 2.07
N LEU T 11 -27.93 25.55 3.33
CA LEU T 11 -28.45 26.73 4.02
C LEU T 11 -27.72 27.99 3.61
N GLY T 12 -26.42 27.90 3.31
CA GLY T 12 -25.70 29.08 2.88
C GLY T 12 -26.33 29.70 1.64
N LYS T 13 -26.78 28.85 0.72
CA LYS T 13 -27.39 29.33 -0.51
C LYS T 13 -28.82 29.79 -0.31
N SER T 14 -29.45 29.45 0.82
CA SER T 14 -30.77 29.95 1.14
C SER T 14 -30.76 31.26 1.94
N ILE T 15 -29.57 31.84 2.18
CA ILE T 15 -29.52 33.12 2.86
C ILE T 15 -30.32 34.15 2.09
N ASN T 16 -31.08 34.97 2.82
CA ASN T 16 -31.94 36.03 2.28
C ASN T 16 -33.09 35.49 1.46
N THR T 17 -33.38 34.20 1.54
CA THR T 17 -34.62 33.61 1.10
C THR T 17 -35.42 33.17 2.33
N ASN T 18 -36.65 32.74 2.11
CA ASN T 18 -37.53 32.34 3.20
C ASN T 18 -37.49 30.83 3.37
N VAL T 19 -37.34 30.37 4.61
CA VAL T 19 -37.19 28.95 4.89
C VAL T 19 -38.13 28.57 6.04
N THR T 20 -38.39 27.27 6.14
CA THR T 20 -39.30 26.70 7.15
C THR T 20 -38.48 25.81 8.09
N VAL T 21 -38.36 26.21 9.35
CA VAL T 21 -37.61 25.45 10.34
C VAL T 21 -38.58 24.64 11.18
N TYR T 22 -38.47 23.32 11.08
CA TYR T 22 -39.32 22.40 11.83
C TYR T 22 -38.64 22.04 13.14
N LEU T 23 -39.34 22.27 14.25
CA LEU T 23 -38.80 21.97 15.56
C LEU T 23 -39.23 20.57 16.00
N LYS T 24 -38.62 20.10 17.09
CA LYS T 24 -38.81 18.73 17.55
C LYS T 24 -40.12 18.54 18.30
N ASP T 25 -40.81 19.61 18.68
CA ASP T 25 -42.07 19.53 19.38
C ASP T 25 -43.27 19.64 18.45
N GLY T 26 -43.14 19.18 17.21
CA GLY T 26 -44.17 19.38 16.22
C GLY T 26 -44.38 20.80 15.76
N LYS T 27 -43.87 21.79 16.49
CA LYS T 27 -44.08 23.19 16.17
C LYS T 27 -43.25 23.60 14.95
N LEU T 28 -43.31 24.87 14.59
CA LEU T 28 -42.72 25.31 13.33
C LEU T 28 -42.49 26.82 13.36
N VAL T 29 -41.39 27.27 12.75
CA VAL T 29 -41.15 28.70 12.57
C VAL T 29 -40.72 28.94 11.12
N LYS T 30 -41.38 29.90 10.46
CA LYS T 30 -41.07 30.33 9.11
C LYS T 30 -40.45 31.72 9.15
N GLY T 31 -39.71 32.05 8.11
CA GLY T 31 -39.12 33.38 8.02
C GLY T 31 -37.88 33.41 7.16
N ARG T 32 -37.22 34.57 7.20
CA ARG T 32 -36.15 34.93 6.27
C ARG T 32 -34.80 34.57 6.86
N LEU T 33 -34.09 33.66 6.18
CA LEU T 33 -32.82 33.14 6.69
C LEU T 33 -31.73 34.20 6.58
N LYS T 34 -31.23 34.64 7.74
CA LYS T 34 -30.20 35.67 7.81
C LYS T 34 -28.81 35.14 8.09
N ALA T 35 -28.70 34.09 8.92
CA ALA T 35 -27.41 33.58 9.32
C ALA T 35 -27.61 32.20 9.95
N TYR T 36 -26.59 31.36 9.82
CA TYR T 36 -26.58 30.06 10.49
C TYR T 36 -25.14 29.74 10.87
N ASP T 37 -25.00 28.80 11.81
CA ASP T 37 -23.68 28.27 12.12
C ASP T 37 -23.71 26.75 12.11
N LEU T 38 -22.59 26.11 12.47
CA LEU T 38 -22.49 24.67 12.37
C LEU T 38 -23.17 23.93 13.53
N HIS T 39 -23.58 24.62 14.60
CA HIS T 39 -24.50 24.02 15.55
C HIS T 39 -25.90 23.93 14.99
N MET T 40 -26.17 24.59 13.87
CA MET T 40 -27.47 24.80 13.26
C MET T 40 -28.30 25.83 14.01
N ASN T 41 -27.67 26.72 14.78
CA ASN T 41 -28.33 27.96 15.15
C ASN T 41 -28.65 28.75 13.89
N VAL T 42 -29.84 29.37 13.87
CA VAL T 42 -30.30 30.16 12.73
C VAL T 42 -30.91 31.45 13.23
N ALA T 43 -30.73 32.52 12.46
CA ALA T 43 -31.38 33.80 12.72
C ALA T 43 -32.38 34.06 11.60
N LEU T 44 -33.63 34.27 11.97
CA LEU T 44 -34.73 34.44 11.03
C LEU T 44 -35.29 35.85 11.15
N GLU T 45 -35.24 36.60 10.06
CA GLU T 45 -35.85 37.93 10.00
C GLU T 45 -37.33 37.79 9.62
N ASN T 46 -38.19 38.54 10.32
CA ASN T 46 -39.64 38.53 10.07
C ASN T 46 -40.20 37.12 10.24
N ALA T 47 -39.97 36.55 11.42
CA ALA T 47 -40.39 35.19 11.71
C ALA T 47 -41.80 35.16 12.28
N LYS T 48 -42.48 34.02 12.09
CA LYS T 48 -43.80 33.86 12.66
C LYS T 48 -44.04 32.39 13.03
N ILE T 49 -44.69 32.19 14.18
CA ILE T 49 -45.04 30.86 14.67
C ILE T 49 -46.50 30.58 14.31
N GLU T 50 -46.71 29.53 13.51
CA GLU T 50 -48.07 29.13 13.13
C GLU T 50 -48.90 28.75 14.34
N GLU T 56 -45.88 38.99 15.37
CA GLU T 56 -44.73 38.49 14.64
C GLU T 56 -43.44 39.03 15.29
N PHE T 57 -42.34 38.30 15.10
CA PHE T 57 -41.03 38.65 15.64
C PHE T 57 -40.17 39.23 14.54
N PRO T 58 -39.65 40.44 14.74
CA PRO T 58 -38.69 40.99 13.77
C PRO T 58 -37.50 40.08 13.59
N MET T 59 -36.80 39.79 14.69
CA MET T 59 -35.61 38.95 14.67
C MET T 59 -35.79 37.79 15.65
N LEU T 60 -35.74 36.57 15.13
CA LEU T 60 -35.82 35.36 15.93
C LEU T 60 -34.58 34.51 15.65
N VAL T 61 -33.90 34.08 16.71
CA VAL T 61 -32.78 33.16 16.56
C VAL T 61 -33.09 31.89 17.38
N VAL T 62 -32.94 30.75 16.74
CA VAL T 62 -33.39 29.47 17.26
C VAL T 62 -32.16 28.66 17.65
N ARG T 63 -32.20 28.07 18.85
CA ARG T 63 -31.12 27.16 19.23
C ARG T 63 -31.17 25.91 18.36
N GLY T 64 -30.01 25.57 17.77
CA GLY T 64 -29.97 24.50 16.78
C GLY T 64 -30.33 23.13 17.28
N ASP T 65 -30.07 22.84 18.56
CA ASP T 65 -30.37 21.50 19.07
C ASP T 65 -31.87 21.21 19.09
N ASN T 66 -32.71 22.21 18.81
CA ASN T 66 -34.16 22.06 18.73
C ASN T 66 -34.65 21.73 17.34
N VAL T 67 -33.77 21.71 16.35
CA VAL T 67 -34.17 21.62 14.95
C VAL T 67 -34.37 20.16 14.58
N LEU T 68 -35.48 19.88 13.90
CA LEU T 68 -35.73 18.54 13.36
C LEU T 68 -35.30 18.50 11.89
N TYR T 69 -35.81 19.43 11.08
CA TYR T 69 -35.25 19.69 9.76
C TYR T 69 -35.69 21.07 9.30
N VAL T 70 -35.04 21.53 8.24
CA VAL T 70 -35.35 22.81 7.61
C VAL T 70 -35.69 22.54 6.15
N SER T 71 -36.63 23.32 5.62
CA SER T 71 -37.07 23.21 4.24
C SER T 71 -36.71 24.51 3.51
N LEU T 72 -36.07 24.39 2.36
CA LEU T 72 -35.53 25.56 1.67
C LEU T 72 -36.33 25.95 0.43
N MET U 2 8.60 -24.91 -23.11
CA MET U 2 8.95 -26.15 -23.79
C MET U 2 7.90 -26.52 -24.82
N ASP U 3 6.76 -25.81 -24.81
CA ASP U 3 5.67 -26.16 -25.71
C ASP U 3 6.09 -26.03 -27.17
N THR U 4 5.80 -27.07 -27.95
CA THR U 4 6.31 -27.18 -29.30
C THR U 4 5.88 -26.05 -30.20
N GLN U 5 4.86 -25.27 -29.80
CA GLN U 5 4.28 -24.24 -30.64
C GLN U 5 4.49 -22.82 -30.15
N ARG U 6 4.97 -22.61 -28.92
CA ARG U 6 5.12 -21.27 -28.35
C ARG U 6 6.56 -21.05 -27.90
N PRO U 7 7.46 -20.72 -28.84
CA PRO U 7 8.88 -20.57 -28.46
C PRO U 7 9.12 -19.61 -27.32
N LEU U 8 8.30 -18.55 -27.20
CA LEU U 8 8.51 -17.56 -26.15
C LEU U 8 8.08 -18.05 -24.77
N ASP U 9 7.44 -19.21 -24.68
CA ASP U 9 7.11 -19.76 -23.38
C ASP U 9 8.36 -20.06 -22.57
N ALA U 10 9.41 -20.53 -23.25
CA ALA U 10 10.63 -20.95 -22.57
C ALA U 10 11.18 -19.84 -21.69
N LEU U 11 11.22 -18.62 -22.22
CA LEU U 11 11.69 -17.52 -21.39
C LEU U 11 10.67 -17.10 -20.35
N GLY U 12 9.40 -17.45 -20.54
CA GLY U 12 8.45 -17.35 -19.44
C GLY U 12 8.85 -18.24 -18.28
N LYS U 13 9.44 -19.40 -18.57
CA LYS U 13 9.94 -20.29 -17.53
C LYS U 13 11.25 -19.80 -16.92
N SER U 14 11.96 -18.91 -17.62
CA SER U 14 13.22 -18.34 -17.12
C SER U 14 13.05 -16.92 -16.59
N ILE U 15 11.90 -16.63 -15.99
CA ILE U 15 11.68 -15.32 -15.39
C ILE U 15 12.31 -15.30 -14.00
N ASN U 16 12.78 -14.13 -13.58
CA ASN U 16 13.59 -13.99 -12.39
C ASN U 16 14.86 -14.84 -12.52
N THR U 17 15.56 -14.65 -13.63
CA THR U 17 16.87 -15.27 -13.87
C THR U 17 17.75 -14.25 -14.60
N ASN U 18 19.06 -14.41 -14.46
CA ASN U 18 20.01 -13.45 -15.02
C ASN U 18 20.24 -13.70 -16.52
N VAL U 19 19.12 -13.69 -17.26
CA VAL U 19 19.17 -13.90 -18.69
C VAL U 19 19.99 -12.81 -19.37
N THR U 20 20.52 -13.13 -20.55
CA THR U 20 21.34 -12.20 -21.32
C THR U 20 20.74 -12.02 -22.71
N VAL U 21 20.83 -10.79 -23.23
CA VAL U 21 20.13 -10.39 -24.43
C VAL U 21 21.12 -9.76 -25.40
N TYR U 22 21.27 -10.36 -26.57
CA TYR U 22 22.14 -9.82 -27.60
C TYR U 22 21.33 -8.92 -28.54
N LEU U 23 21.84 -7.73 -28.83
CA LEU U 23 21.16 -6.75 -29.65
C LEU U 23 21.77 -6.71 -31.05
N LYS U 24 21.09 -5.99 -31.95
CA LYS U 24 21.51 -5.97 -33.36
C LYS U 24 22.92 -5.43 -33.50
N ASP U 25 23.22 -4.29 -32.87
CA ASP U 25 24.54 -3.67 -32.96
C ASP U 25 25.59 -4.40 -32.14
N GLY U 26 25.37 -5.70 -31.89
CA GLY U 26 26.26 -6.47 -31.06
C GLY U 26 26.26 -6.11 -29.59
N LYS U 27 25.46 -5.12 -29.19
CA LYS U 27 25.31 -4.79 -27.78
C LYS U 27 24.92 -6.02 -27.00
N LEU U 28 25.24 -6.04 -25.71
CA LEU U 28 24.92 -7.17 -24.84
C LEU U 28 24.40 -6.62 -23.53
N VAL U 29 23.16 -6.94 -23.18
CA VAL U 29 22.57 -6.50 -21.92
C VAL U 29 22.28 -7.73 -21.06
N LYS U 30 22.72 -7.67 -19.81
CA LYS U 30 22.44 -8.70 -18.81
C LYS U 30 21.53 -8.12 -17.74
N GLY U 31 20.68 -8.97 -17.17
CA GLY U 31 19.78 -8.50 -16.14
C GLY U 31 18.85 -9.61 -15.71
N ARG U 32 17.98 -9.26 -14.77
CA ARG U 32 16.99 -10.18 -14.23
C ARG U 32 15.69 -9.98 -14.99
N LEU U 33 15.21 -11.04 -15.63
CA LEU U 33 14.00 -10.98 -16.45
C LEU U 33 12.79 -10.71 -15.56
N LYS U 34 12.24 -9.51 -15.69
CA LYS U 34 11.02 -9.16 -14.97
C LYS U 34 9.75 -9.52 -15.76
N ALA U 35 9.64 -9.02 -16.99
CA ALA U 35 8.46 -9.26 -17.80
C ALA U 35 8.84 -9.34 -19.28
N TYR U 36 7.89 -9.79 -20.09
CA TYR U 36 8.05 -9.91 -21.54
C TYR U 36 6.69 -10.10 -22.19
N ASP U 37 6.56 -9.62 -23.42
CA ASP U 37 5.30 -9.83 -24.15
C ASP U 37 5.54 -10.55 -25.48
N LEU U 38 4.67 -10.33 -26.45
CA LEU U 38 4.77 -11.05 -27.72
C LEU U 38 5.62 -10.33 -28.74
N HIS U 39 5.85 -9.02 -28.57
CA HIS U 39 6.82 -8.33 -29.42
C HIS U 39 8.25 -8.69 -29.05
N MET U 40 8.44 -9.51 -28.01
CA MET U 40 9.72 -9.75 -27.36
C MET U 40 10.27 -8.51 -26.67
N ASN U 41 9.42 -7.53 -26.37
CA ASN U 41 9.78 -6.51 -25.39
C ASN U 41 10.06 -7.21 -24.06
N VAL U 42 11.19 -6.88 -23.43
CA VAL U 42 11.53 -7.46 -22.15
C VAL U 42 11.87 -6.36 -21.15
N ALA U 43 11.74 -6.69 -19.87
CA ALA U 43 12.10 -5.83 -18.76
C ALA U 43 13.12 -6.55 -17.89
N LEU U 44 14.21 -5.85 -17.57
CA LEU U 44 15.27 -6.41 -16.74
C LEU U 44 15.59 -5.44 -15.61
N GLU U 45 15.53 -5.93 -14.37
CA GLU U 45 15.94 -5.13 -13.24
C GLU U 45 17.41 -5.38 -12.92
N ASN U 46 18.05 -4.39 -12.29
CA ASN U 46 19.49 -4.31 -12.08
C ASN U 46 20.24 -4.84 -13.30
N ALA U 47 20.22 -4.08 -14.39
CA ALA U 47 20.72 -4.54 -15.67
C ALA U 47 22.09 -3.93 -15.98
N LYS U 48 22.85 -4.65 -16.79
CA LYS U 48 24.21 -4.30 -17.17
C LYS U 48 24.31 -4.22 -18.68
N ILE U 49 25.21 -3.37 -19.15
CA ILE U 49 25.75 -3.44 -20.51
C ILE U 49 27.24 -3.70 -20.39
N GLU U 50 27.72 -4.79 -21.00
CA GLU U 50 29.15 -5.07 -20.98
C GLU U 50 29.96 -4.05 -21.76
N SER U 51 29.31 -3.14 -22.49
CA SER U 51 29.99 -2.06 -23.20
C SER U 51 30.26 -0.87 -22.29
N ASP U 52 29.23 -0.40 -21.57
CA ASP U 52 29.41 0.74 -20.69
C ASP U 52 30.17 0.36 -19.41
N GLU U 53 29.91 -0.84 -18.89
CA GLU U 53 30.63 -1.43 -17.75
C GLU U 53 30.31 -0.75 -16.43
N GLU U 54 30.37 0.58 -16.38
CA GLU U 54 30.30 1.24 -15.08
C GLU U 54 28.87 1.62 -14.68
N LYS U 55 27.98 1.93 -15.62
CA LYS U 55 26.62 2.33 -15.25
C LYS U 55 25.75 1.08 -15.19
N GLU U 56 25.09 0.88 -14.06
CA GLU U 56 24.07 -0.16 -13.94
C GLU U 56 22.70 0.49 -14.05
N PHE U 57 21.77 -0.21 -14.71
CA PHE U 57 20.42 0.28 -14.85
C PHE U 57 19.53 -0.51 -13.90
N PRO U 58 18.97 0.13 -12.86
CA PRO U 58 18.11 -0.62 -11.93
C PRO U 58 16.92 -1.26 -12.61
N MET U 59 16.44 -0.69 -13.72
CA MET U 59 15.34 -1.25 -14.49
C MET U 59 15.46 -0.79 -15.94
N LEU U 60 15.48 -1.73 -16.87
CA LEU U 60 15.54 -1.43 -18.30
C LEU U 60 14.46 -2.13 -19.12
N VAL U 61 13.88 -1.39 -20.06
CA VAL U 61 12.86 -1.88 -20.96
C VAL U 61 13.40 -1.74 -22.39
N VAL U 62 13.59 -2.86 -23.08
CA VAL U 62 14.21 -2.87 -24.40
C VAL U 62 13.19 -3.31 -25.45
N ARG U 63 13.08 -2.51 -26.51
CA ARG U 63 12.10 -2.73 -27.56
C ARG U 63 12.45 -3.98 -28.35
N GLY U 64 11.54 -4.96 -28.31
CA GLY U 64 11.85 -6.30 -28.78
C GLY U 64 12.16 -6.43 -30.26
N ASP U 65 11.96 -5.37 -31.05
CA ASP U 65 12.40 -5.46 -32.44
C ASP U 65 13.92 -5.44 -32.56
N ASN U 66 14.64 -5.05 -31.51
CA ASN U 66 16.08 -4.91 -31.53
C ASN U 66 16.83 -6.18 -31.12
N VAL U 67 16.16 -7.18 -30.55
CA VAL U 67 16.86 -8.31 -29.97
C VAL U 67 17.30 -9.28 -31.07
N LEU U 68 18.46 -9.91 -30.87
CA LEU U 68 18.91 -11.04 -31.67
C LEU U 68 18.47 -12.37 -31.07
N TYR U 69 18.90 -12.63 -29.84
CA TYR U 69 18.40 -13.78 -29.09
C TYR U 69 18.68 -13.54 -27.62
N VAL U 70 18.25 -14.50 -26.80
CA VAL U 70 18.30 -14.37 -25.34
C VAL U 70 18.71 -15.71 -24.74
N SER U 71 19.73 -15.69 -23.89
CA SER U 71 20.21 -16.90 -23.22
C SER U 71 19.49 -17.10 -21.90
N LEU U 72 19.17 -18.34 -21.59
CA LEU U 72 18.30 -18.64 -20.46
C LEU U 72 19.00 -19.54 -19.45
N MET V 2 5.74 -30.69 -45.86
CA MET V 2 5.53 -31.26 -47.18
C MET V 2 4.25 -30.75 -47.81
N ASP V 3 3.32 -30.26 -46.97
CA ASP V 3 2.11 -29.64 -47.46
C ASP V 3 2.45 -28.47 -48.38
N THR V 4 1.52 -28.14 -49.27
CA THR V 4 1.83 -27.18 -50.32
C THR V 4 1.97 -25.76 -49.79
N GLN V 5 1.08 -25.34 -48.90
CA GLN V 5 1.03 -23.94 -48.47
C GLN V 5 1.41 -23.77 -47.00
N ARG V 6 2.33 -24.58 -46.50
CA ARG V 6 2.82 -24.48 -45.13
C ARG V 6 4.32 -24.72 -45.12
N PRO V 7 5.13 -23.72 -45.47
CA PRO V 7 6.58 -23.90 -45.40
C PRO V 7 7.08 -24.21 -44.00
N LEU V 8 6.38 -23.76 -42.96
CA LEU V 8 6.86 -23.90 -41.59
C LEU V 8 6.51 -25.23 -40.97
N ASP V 9 5.67 -26.04 -41.62
CA ASP V 9 5.42 -27.39 -41.12
C ASP V 9 6.66 -28.27 -41.20
N ALA V 10 7.62 -27.90 -42.04
CA ALA V 10 8.85 -28.68 -42.15
C ALA V 10 9.57 -28.80 -40.83
N LEU V 11 9.47 -27.76 -39.99
CA LEU V 11 10.12 -27.75 -38.69
C LEU V 11 9.30 -28.50 -37.64
N GLY V 12 7.97 -28.42 -37.73
CA GLY V 12 7.14 -29.21 -36.83
C GLY V 12 7.52 -30.67 -36.83
N LYS V 13 7.58 -31.27 -38.02
CA LYS V 13 8.01 -32.66 -38.15
C LYS V 13 9.50 -32.84 -37.89
N SER V 14 10.27 -31.76 -37.75
CA SER V 14 11.70 -31.83 -37.44
C SER V 14 12.01 -31.29 -36.05
N ILE V 15 11.07 -31.46 -35.12
CA ILE V 15 11.25 -31.05 -33.73
C ILE V 15 12.30 -31.93 -33.07
N ASN V 16 13.03 -31.37 -32.09
CA ASN V 16 13.93 -32.11 -31.20
C ASN V 16 15.22 -32.53 -31.88
N THR V 17 15.17 -32.86 -33.17
CA THR V 17 16.40 -33.09 -33.89
C THR V 17 17.24 -31.81 -33.87
N ASN V 18 18.55 -31.99 -34.07
CA ASN V 18 19.41 -30.83 -34.14
C ASN V 18 19.24 -30.13 -35.48
N VAL V 19 19.41 -28.81 -35.47
CA VAL V 19 19.13 -27.95 -36.63
C VAL V 19 20.19 -26.87 -36.69
N THR V 20 20.14 -26.07 -37.76
CA THR V 20 21.07 -24.96 -37.99
C THR V 20 20.30 -23.76 -38.51
N VAL V 21 20.62 -22.56 -38.01
CA VAL V 21 19.89 -21.35 -38.37
C VAL V 21 20.89 -20.29 -38.83
N TYR V 22 20.63 -19.71 -40.00
CA TYR V 22 21.45 -18.65 -40.54
C TYR V 22 20.79 -17.29 -40.28
N LEU V 23 21.61 -16.24 -40.25
CA LEU V 23 21.14 -14.90 -39.92
C LEU V 23 21.70 -13.88 -40.91
N LYS V 24 21.03 -12.73 -40.96
CA LYS V 24 21.29 -11.72 -41.99
C LYS V 24 22.64 -11.02 -41.82
N ASP V 25 23.23 -11.06 -40.63
CA ASP V 25 24.54 -10.46 -40.41
C ASP V 25 25.68 -11.41 -40.75
N GLY V 26 25.37 -12.66 -41.07
CA GLY V 26 26.34 -13.67 -41.40
C GLY V 26 26.50 -14.75 -40.35
N LYS V 27 25.97 -14.54 -39.16
CA LYS V 27 26.16 -15.49 -38.07
C LYS V 27 25.46 -16.81 -38.37
N LEU V 28 25.87 -17.85 -37.62
CA LEU V 28 25.27 -19.18 -37.70
C LEU V 28 25.02 -19.70 -36.31
N VAL V 29 23.84 -20.27 -36.09
CA VAL V 29 23.46 -20.81 -34.79
C VAL V 29 22.95 -22.23 -34.99
N LYS V 30 23.46 -23.15 -34.17
CA LYS V 30 23.08 -24.55 -34.24
C LYS V 30 22.64 -25.02 -32.87
N GLY V 31 21.57 -25.80 -32.83
CA GLY V 31 21.08 -26.33 -31.58
C GLY V 31 19.99 -27.34 -31.83
N ARG V 32 19.40 -27.81 -30.75
CA ARG V 32 18.27 -28.74 -30.81
C ARG V 32 16.98 -27.93 -30.70
N LEU V 33 16.17 -27.95 -31.76
CA LEU V 33 14.98 -27.13 -31.83
C LEU V 33 13.87 -27.75 -30.98
N LYS V 34 13.26 -26.93 -30.13
CA LYS V 34 12.19 -27.40 -29.26
C LYS V 34 10.84 -26.71 -29.49
N ALA V 35 10.80 -25.62 -30.25
CA ALA V 35 9.57 -24.84 -30.43
C ALA V 35 9.78 -23.78 -31.49
N TYR V 36 8.72 -23.48 -32.23
CA TYR V 36 8.75 -22.46 -33.26
C TYR V 36 7.35 -21.87 -33.41
N ASP V 37 7.27 -20.67 -33.99
CA ASP V 37 5.99 -20.04 -34.30
C ASP V 37 6.06 -19.37 -35.66
N LEU V 38 4.94 -18.81 -36.11
CA LEU V 38 4.86 -18.30 -37.48
C LEU V 38 5.61 -16.98 -37.68
N HIS V 39 6.19 -16.40 -36.63
CA HIS V 39 7.19 -15.36 -36.81
C HIS V 39 8.54 -15.94 -37.20
N MET V 40 8.69 -17.26 -37.13
CA MET V 40 9.92 -18.03 -37.23
C MET V 40 10.76 -17.95 -35.96
N ASN V 41 10.25 -17.32 -34.89
CA ASN V 41 10.91 -17.44 -33.59
C ASN V 41 11.15 -18.91 -33.28
N VAL V 42 12.34 -19.20 -32.77
CA VAL V 42 12.74 -20.58 -32.51
C VAL V 42 13.41 -20.67 -31.15
N ALA V 43 13.12 -21.75 -30.43
CA ALA V 43 13.78 -22.09 -29.18
C ALA V 43 14.80 -23.19 -29.47
N LEU V 44 16.07 -22.89 -29.22
CA LEU V 44 17.18 -23.79 -29.51
C LEU V 44 17.85 -24.19 -28.20
N GLU V 45 17.72 -25.47 -27.83
CA GLU V 45 18.37 -26.01 -26.64
C GLU V 45 19.75 -26.54 -27.00
N ASN V 46 20.65 -26.49 -26.04
CA ASN V 46 22.05 -26.84 -26.26
C ASN V 46 22.59 -26.08 -27.47
N ALA V 47 22.27 -24.80 -27.51
CA ALA V 47 22.61 -23.96 -28.66
C ALA V 47 24.09 -23.63 -28.65
N LYS V 48 24.65 -23.55 -29.85
CA LYS V 48 26.05 -23.24 -30.05
C LYS V 48 26.22 -22.37 -31.29
N ILE V 49 27.05 -21.34 -31.18
CA ILE V 49 27.46 -20.52 -32.31
C ILE V 49 28.91 -20.86 -32.63
N GLU V 50 29.25 -20.83 -33.93
CA GLU V 50 30.55 -21.31 -34.39
C GLU V 50 31.70 -20.40 -34.01
N SER V 51 31.43 -19.25 -33.38
CA SER V 51 32.49 -18.37 -32.89
C SER V 51 32.93 -18.79 -31.49
N ASP V 52 32.04 -18.67 -30.51
CA ASP V 52 32.35 -19.02 -29.13
C ASP V 52 32.53 -20.52 -28.97
N PHE V 57 24.79 -23.04 -24.27
CA PHE V 57 23.50 -22.39 -24.08
C PHE V 57 22.37 -23.40 -23.93
N PRO V 58 22.05 -23.77 -22.69
CA PRO V 58 20.98 -24.74 -22.46
C PRO V 58 19.64 -24.31 -23.04
N MET V 59 19.40 -23.01 -23.22
CA MET V 59 18.18 -22.53 -23.86
C MET V 59 18.46 -21.17 -24.49
N LEU V 60 18.14 -21.04 -25.77
CA LEU V 60 18.35 -19.81 -26.52
C LEU V 60 17.15 -19.58 -27.41
N VAL V 61 16.63 -18.35 -27.42
CA VAL V 61 15.39 -18.01 -28.12
C VAL V 61 15.71 -16.92 -29.14
N VAL V 62 15.61 -17.26 -30.42
CA VAL V 62 16.05 -16.41 -31.51
C VAL V 62 14.84 -15.72 -32.12
N ARG V 63 14.96 -14.41 -32.38
CA ARG V 63 13.90 -13.64 -32.99
C ARG V 63 13.84 -13.88 -34.49
N GLY V 64 12.62 -14.09 -35.00
CA GLY V 64 12.47 -14.57 -36.36
C GLY V 64 12.92 -13.58 -37.42
N ASP V 65 12.64 -12.28 -37.23
CA ASP V 65 12.93 -11.33 -38.30
C ASP V 65 14.45 -11.09 -38.54
N ASN V 66 15.32 -11.87 -37.92
CA ASN V 66 16.74 -11.88 -38.24
C ASN V 66 17.12 -13.08 -39.09
N VAL V 67 16.26 -14.10 -39.17
CA VAL V 67 16.60 -15.33 -39.85
C VAL V 67 16.75 -15.08 -41.34
N LEU V 68 17.85 -15.58 -41.91
CA LEU V 68 18.00 -15.58 -43.37
C LEU V 68 17.29 -16.79 -43.96
N TYR V 69 17.85 -17.99 -43.75
CA TYR V 69 17.16 -19.23 -44.07
C TYR V 69 17.60 -20.28 -43.08
N VAL V 70 16.92 -21.42 -43.10
CA VAL V 70 17.12 -22.48 -42.13
C VAL V 70 17.35 -23.79 -42.85
N SER V 71 18.30 -24.57 -42.36
CA SER V 71 18.58 -25.90 -42.87
C SER V 71 18.60 -26.87 -41.70
N LEU V 72 18.37 -28.13 -42.00
CA LEU V 72 18.18 -29.12 -40.96
C LEU V 72 19.28 -30.20 -40.93
N MET W 2 -1.02 -16.82 -63.19
CA MET W 2 -2.05 -16.79 -64.20
C MET W 2 -3.04 -15.67 -63.90
N ASP W 3 -3.84 -15.86 -62.85
CA ASP W 3 -4.88 -14.91 -62.51
C ASP W 3 -4.27 -13.56 -62.14
N THR W 4 -4.85 -12.49 -62.70
CA THR W 4 -4.21 -11.18 -62.64
C THR W 4 -4.07 -10.62 -61.23
N GLN W 5 -4.81 -11.16 -60.26
CA GLN W 5 -4.77 -10.62 -58.91
C GLN W 5 -3.97 -11.46 -57.93
N ARG W 6 -3.53 -12.65 -58.32
CA ARG W 6 -2.76 -13.54 -57.43
C ARG W 6 -1.40 -13.86 -58.03
N PRO W 7 -0.45 -12.92 -58.01
CA PRO W 7 0.88 -13.23 -58.55
C PRO W 7 1.56 -14.40 -57.84
N LEU W 8 1.26 -14.61 -56.57
CA LEU W 8 1.89 -15.74 -55.88
C LEU W 8 1.33 -17.08 -56.33
N ASP W 9 0.33 -17.09 -57.21
CA ASP W 9 -0.16 -18.37 -57.72
C ASP W 9 0.85 -19.06 -58.61
N ALA W 10 1.76 -18.31 -59.24
CA ALA W 10 2.83 -18.94 -60.00
C ALA W 10 3.55 -19.99 -59.17
N LEU W 11 3.91 -19.63 -57.94
CA LEU W 11 4.64 -20.56 -57.09
C LEU W 11 3.87 -21.85 -56.88
N GLY W 12 2.53 -21.79 -56.85
CA GLY W 12 1.76 -23.01 -56.80
C GLY W 12 1.98 -23.86 -58.03
N LYS W 13 1.81 -23.25 -59.20
CA LYS W 13 2.12 -23.88 -60.49
C LYS W 13 3.61 -24.20 -60.62
N SER W 14 4.31 -24.35 -59.49
CA SER W 14 5.71 -24.72 -59.50
C SER W 14 6.05 -25.61 -58.32
N ILE W 15 5.08 -26.30 -57.71
CA ILE W 15 5.42 -27.26 -56.68
C ILE W 15 6.11 -28.42 -57.36
N ASN W 16 7.22 -28.86 -56.77
CA ASN W 16 8.01 -29.96 -57.29
C ASN W 16 8.68 -29.59 -58.62
N THR W 17 9.23 -28.38 -58.71
CA THR W 17 10.15 -28.05 -59.80
C THR W 17 11.43 -27.45 -59.23
N ASN W 18 12.41 -27.28 -60.12
CA ASN W 18 13.56 -26.46 -59.78
C ASN W 18 13.19 -25.00 -59.87
N VAL W 19 13.35 -24.29 -58.76
CA VAL W 19 13.21 -22.85 -58.74
C VAL W 19 14.52 -22.27 -58.26
N THR W 20 14.72 -20.99 -58.54
CA THR W 20 15.88 -20.28 -58.02
C THR W 20 15.38 -19.04 -57.30
N VAL W 21 15.90 -18.81 -56.10
CA VAL W 21 15.44 -17.74 -55.21
C VAL W 21 16.57 -16.73 -55.08
N TYR W 22 16.46 -15.62 -55.79
CA TYR W 22 17.47 -14.57 -55.69
C TYR W 22 17.19 -13.72 -54.47
N LEU W 23 18.14 -13.65 -53.54
CA LEU W 23 17.93 -13.03 -52.23
C LEU W 23 18.30 -11.56 -52.22
N LYS W 24 17.86 -10.86 -51.17
CA LYS W 24 18.17 -9.44 -51.02
C LYS W 24 19.66 -9.23 -50.85
N ASP W 25 20.29 -10.10 -50.05
CA ASP W 25 21.73 -10.24 -49.93
C ASP W 25 22.38 -10.07 -51.29
N GLY W 26 22.12 -11.02 -52.17
CA GLY W 26 22.86 -11.23 -53.39
C GLY W 26 23.13 -12.72 -53.47
N LYS W 27 22.77 -13.43 -52.39
CA LYS W 27 22.81 -14.88 -52.40
C LYS W 27 21.84 -15.43 -53.43
N LEU W 28 22.04 -16.70 -53.78
CA LEU W 28 21.30 -17.30 -54.88
C LEU W 28 21.09 -18.78 -54.54
N VAL W 29 19.89 -19.10 -54.09
CA VAL W 29 19.56 -20.45 -53.67
C VAL W 29 18.78 -21.14 -54.79
N LYS W 30 19.27 -22.30 -55.20
CA LYS W 30 18.52 -23.20 -56.07
C LYS W 30 17.96 -24.34 -55.23
N GLY W 31 16.92 -24.99 -55.74
CA GLY W 31 16.32 -26.09 -55.03
C GLY W 31 14.93 -26.40 -55.56
N ARG W 32 14.33 -27.42 -54.97
CA ARG W 32 13.02 -27.92 -55.40
C ARG W 32 11.95 -27.32 -54.49
N LEU W 33 11.06 -26.51 -55.08
CA LEU W 33 10.03 -25.82 -54.31
C LEU W 33 8.97 -26.80 -53.85
N LYS W 34 8.75 -26.87 -52.53
CA LYS W 34 7.74 -27.74 -51.96
C LYS W 34 6.67 -27.00 -51.18
N ALA W 35 6.84 -25.71 -50.93
CA ALA W 35 5.89 -24.97 -50.12
C ALA W 35 6.14 -23.48 -50.25
N TYR W 36 5.05 -22.71 -50.14
CA TYR W 36 5.13 -21.26 -50.17
C TYR W 36 3.87 -20.70 -49.51
N ASP W 37 4.04 -19.82 -48.54
CA ASP W 37 2.91 -19.16 -47.92
C ASP W 37 2.86 -17.71 -48.40
N LEU W 38 1.86 -16.98 -47.92
CA LEU W 38 1.64 -15.64 -48.42
C LEU W 38 2.65 -14.62 -47.91
N HIS W 39 3.63 -15.05 -47.11
CA HIS W 39 4.78 -14.22 -46.76
C HIS W 39 5.93 -14.36 -47.76
N MET W 40 5.81 -15.27 -48.72
CA MET W 40 6.88 -15.70 -49.63
C MET W 40 7.98 -16.47 -48.91
N ASN W 41 7.71 -17.00 -47.71
CA ASN W 41 8.56 -18.06 -47.18
C ASN W 41 8.54 -19.24 -48.14
N VAL W 42 9.67 -19.93 -48.28
CA VAL W 42 9.77 -21.03 -49.22
C VAL W 42 10.56 -22.17 -48.63
N ALA W 43 10.08 -23.39 -48.86
CA ALA W 43 10.85 -24.60 -48.62
C ALA W 43 11.45 -25.06 -49.95
N LEU W 44 12.76 -25.28 -49.97
CA LEU W 44 13.48 -25.71 -51.17
C LEU W 44 14.26 -26.97 -50.86
N GLU W 45 13.64 -28.14 -51.11
CA GLU W 45 14.31 -29.42 -50.90
C GLU W 45 15.50 -29.59 -51.84
N ASN W 46 16.59 -30.13 -51.31
CA ASN W 46 17.86 -30.28 -52.01
C ASN W 46 18.33 -28.94 -52.59
N ALA W 47 18.75 -28.07 -51.68
CA ALA W 47 19.10 -26.70 -52.03
C ALA W 47 20.60 -26.51 -52.12
N LYS W 48 21.01 -25.52 -52.92
CA LYS W 48 22.41 -25.22 -53.15
C LYS W 48 22.57 -23.72 -53.36
N ILE W 49 23.58 -23.12 -52.71
CA ILE W 49 23.95 -21.74 -52.96
C ILE W 49 25.18 -21.74 -53.87
N GLU W 50 25.21 -20.82 -54.83
CA GLU W 50 26.36 -20.69 -55.72
C GLU W 50 27.46 -19.88 -55.03
N SER W 51 27.36 -19.73 -53.72
CA SER W 51 28.45 -19.12 -52.97
C SER W 51 29.36 -20.18 -52.38
N ASP W 52 28.77 -21.17 -51.71
CA ASP W 52 29.57 -22.24 -51.12
C ASP W 52 29.83 -23.39 -52.07
N GLU W 53 28.96 -23.60 -53.06
CA GLU W 53 29.09 -24.65 -54.09
C GLU W 53 29.08 -26.05 -53.49
N GLU W 54 29.98 -26.29 -52.53
CA GLU W 54 30.23 -27.63 -52.02
C GLU W 54 28.99 -28.22 -51.35
N LYS W 55 28.56 -27.62 -50.25
CA LYS W 55 27.53 -28.24 -49.41
C LYS W 55 26.15 -28.07 -50.03
N GLU W 56 25.41 -29.17 -50.07
CA GLU W 56 23.99 -29.15 -50.40
C GLU W 56 23.18 -29.34 -49.12
N PHE W 57 22.01 -28.71 -49.09
CA PHE W 57 21.14 -28.72 -47.93
C PHE W 57 19.90 -29.55 -48.23
N PRO W 58 19.65 -30.62 -47.47
CA PRO W 58 18.52 -31.48 -47.80
C PRO W 58 17.17 -30.80 -47.71
N MET W 59 17.05 -29.75 -46.89
CA MET W 59 15.78 -29.04 -46.74
C MET W 59 16.07 -27.62 -46.24
N LEU W 60 15.78 -26.62 -47.07
CA LEU W 60 15.96 -25.22 -46.73
C LEU W 60 14.60 -24.54 -46.59
N VAL W 61 14.47 -23.70 -45.57
CA VAL W 61 13.25 -22.94 -45.31
C VAL W 61 13.65 -21.47 -45.25
N VAL W 62 13.42 -20.75 -46.33
CA VAL W 62 13.81 -19.35 -46.42
C VAL W 62 12.69 -18.48 -45.87
N ARG W 63 13.05 -17.40 -45.18
CA ARG W 63 12.06 -16.42 -44.77
C ARG W 63 11.75 -15.48 -45.93
N GLY W 64 10.46 -15.17 -46.08
CA GLY W 64 10.02 -14.41 -47.23
C GLY W 64 10.56 -13.00 -47.30
N ASP W 65 10.80 -12.37 -46.14
CA ASP W 65 11.31 -11.01 -46.13
C ASP W 65 12.69 -10.92 -46.75
N ASN W 66 13.41 -12.04 -46.84
CA ASN W 66 14.74 -12.05 -47.44
C ASN W 66 14.72 -12.19 -48.95
N VAL W 67 13.55 -12.20 -49.60
CA VAL W 67 13.42 -12.62 -50.99
C VAL W 67 13.37 -11.42 -51.91
N LEU W 68 14.19 -11.45 -52.95
CA LEU W 68 14.21 -10.40 -53.96
C LEU W 68 13.23 -10.74 -55.08
N TYR W 69 13.56 -11.74 -55.90
CA TYR W 69 12.60 -12.31 -56.82
C TYR W 69 12.88 -13.78 -57.01
N VAL W 70 11.90 -14.47 -57.58
CA VAL W 70 11.95 -15.91 -57.73
C VAL W 70 11.73 -16.26 -59.19
N SER W 71 12.67 -17.02 -59.77
CA SER W 71 12.51 -17.53 -61.13
C SER W 71 12.01 -18.97 -61.07
N LEU W 72 10.91 -19.23 -61.77
CA LEU W 72 10.19 -20.48 -61.60
C LEU W 72 10.23 -21.37 -62.83
N MET X 2 -6.83 5.43 -62.92
CA MET X 2 -7.90 6.43 -63.01
C MET X 2 -8.42 6.82 -61.63
N ASP X 3 -9.06 5.89 -60.92
CA ASP X 3 -9.72 6.25 -59.66
C ASP X 3 -8.71 6.75 -58.62
N THR X 4 -8.99 7.94 -58.07
CA THR X 4 -8.00 8.69 -57.31
C THR X 4 -7.61 8.07 -55.98
N GLN X 5 -8.21 6.95 -55.59
CA GLN X 5 -7.90 6.30 -54.33
C GLN X 5 -7.25 4.93 -54.49
N ARG X 6 -7.11 4.45 -55.73
CA ARG X 6 -6.54 3.13 -56.02
C ARG X 6 -5.39 3.29 -57.01
N PRO X 7 -4.24 3.79 -56.56
CA PRO X 7 -3.11 3.94 -57.49
C PRO X 7 -2.63 2.63 -58.07
N LEU X 8 -2.82 1.51 -57.36
CA LEU X 8 -2.38 0.23 -57.93
C LEU X 8 -3.26 -0.21 -59.09
N ASP X 9 -4.36 0.50 -59.36
CA ASP X 9 -5.21 0.12 -60.49
C ASP X 9 -4.58 0.42 -61.84
N ALA X 10 -3.58 1.29 -61.89
CA ALA X 10 -2.85 1.50 -63.14
C ALA X 10 -2.15 0.22 -63.59
N LEU X 11 -1.63 -0.55 -62.63
CA LEU X 11 -1.04 -1.84 -62.96
C LEU X 11 -2.01 -2.71 -63.75
N GLY X 12 -3.27 -2.78 -63.30
CA GLY X 12 -4.24 -3.57 -64.01
C GLY X 12 -4.42 -3.13 -65.45
N LYS X 13 -4.36 -1.82 -65.69
CA LYS X 13 -4.39 -1.32 -67.06
C LYS X 13 -3.15 -1.69 -67.85
N SER X 14 -2.14 -2.25 -67.20
CA SER X 14 -0.91 -2.70 -67.87
C SER X 14 -0.73 -4.21 -67.80
N ILE X 15 -1.77 -4.96 -67.45
CA ILE X 15 -1.68 -6.42 -67.47
C ILE X 15 -1.41 -6.88 -68.89
N ASN X 16 -0.56 -7.90 -69.02
CA ASN X 16 -0.21 -8.50 -70.32
C ASN X 16 0.47 -7.49 -71.25
N THR X 17 1.16 -6.49 -70.69
CA THR X 17 2.01 -5.59 -71.46
C THR X 17 3.37 -5.50 -70.80
N ASN X 18 4.29 -4.83 -71.48
CA ASN X 18 5.66 -4.74 -71.01
C ASN X 18 5.82 -3.58 -70.04
N VAL X 19 6.42 -3.88 -68.89
CA VAL X 19 6.68 -2.89 -67.85
C VAL X 19 8.09 -3.11 -67.33
N THR X 20 8.61 -2.10 -66.64
CA THR X 20 9.89 -2.23 -65.94
C THR X 20 9.71 -1.87 -64.48
N VAL X 21 10.35 -2.65 -63.62
CA VAL X 21 10.19 -2.58 -62.17
C VAL X 21 11.55 -2.23 -61.59
N TYR X 22 11.68 -1.00 -61.08
CA TYR X 22 12.91 -0.56 -60.44
C TYR X 22 12.94 -1.12 -59.02
N LEU X 23 13.92 -1.96 -58.74
CA LEU X 23 14.06 -2.49 -57.38
C LEU X 23 14.88 -1.53 -56.52
N LYS X 24 14.71 -1.67 -55.20
CA LYS X 24 15.27 -0.70 -54.26
C LYS X 24 16.78 -0.61 -54.39
N ASP X 25 17.45 -1.75 -54.55
CA ASP X 25 18.91 -1.78 -54.62
C ASP X 25 19.41 -1.38 -56.00
N GLY X 26 18.72 -0.45 -56.64
CA GLY X 26 19.11 0.07 -57.94
C GLY X 26 18.89 -0.85 -59.11
N LYS X 27 18.37 -2.05 -58.88
CA LYS X 27 18.23 -3.01 -59.96
C LYS X 27 17.11 -2.60 -60.91
N LEU X 28 17.06 -3.27 -62.06
CA LEU X 28 16.07 -2.99 -63.09
C LEU X 28 15.65 -4.31 -63.74
N VAL X 29 14.34 -4.56 -63.80
CA VAL X 29 13.81 -5.76 -64.41
C VAL X 29 12.70 -5.35 -65.38
N LYS X 30 12.97 -5.50 -66.68
CA LYS X 30 11.95 -5.30 -67.70
C LYS X 30 11.27 -6.63 -67.97
N GLY X 31 9.96 -6.61 -68.09
CA GLY X 31 9.22 -7.82 -68.37
C GLY X 31 7.80 -7.51 -68.78
N ARG X 32 7.03 -8.58 -69.00
CA ARG X 32 5.62 -8.47 -69.35
C ARG X 32 4.77 -8.76 -68.11
N LEU X 33 3.89 -7.83 -67.75
CA LEU X 33 3.18 -7.90 -66.48
C LEU X 33 1.98 -8.83 -66.60
N LYS X 34 2.00 -9.92 -65.83
CA LYS X 34 0.91 -10.88 -65.86
C LYS X 34 0.06 -10.91 -64.60
N ALA X 35 0.53 -10.35 -63.48
CA ALA X 35 -0.22 -10.43 -62.23
C ALA X 35 0.41 -9.52 -61.18
N TYR X 36 -0.44 -9.02 -60.28
CA TYR X 36 0.01 -8.21 -59.17
C TYR X 36 -1.01 -8.28 -58.04
N ASP X 37 -0.60 -7.78 -56.88
CA ASP X 37 -1.49 -7.72 -55.73
C ASP X 37 -1.12 -6.49 -54.90
N LEU X 38 -1.77 -6.36 -53.75
CA LEU X 38 -1.72 -5.14 -52.95
C LEU X 38 -0.40 -4.97 -52.21
N HIS X 39 0.38 -6.03 -52.05
CA HIS X 39 1.75 -5.85 -51.57
C HIS X 39 2.66 -5.26 -52.62
N MET X 40 2.15 -5.06 -53.83
CA MET X 40 2.93 -4.77 -55.03
C MET X 40 3.87 -5.92 -55.40
N ASN X 41 3.60 -7.13 -54.92
CA ASN X 41 4.13 -8.31 -55.58
C ASN X 41 3.67 -8.30 -57.03
N VAL X 42 4.58 -8.66 -57.96
CA VAL X 42 4.22 -8.72 -59.37
C VAL X 42 4.82 -9.97 -59.99
N ALA X 43 4.13 -10.49 -61.01
CA ALA X 43 4.57 -11.60 -61.81
C ALA X 43 4.94 -11.11 -63.20
N LEU X 44 6.15 -11.45 -63.66
CA LEU X 44 6.64 -11.02 -64.95
C LEU X 44 7.14 -12.21 -65.75
N GLU X 45 6.73 -12.29 -67.00
CA GLU X 45 7.22 -13.32 -67.92
C GLU X 45 8.02 -12.66 -69.04
N ASN X 46 9.04 -13.39 -69.50
CA ASN X 46 9.97 -12.89 -70.52
C ASN X 46 10.63 -11.60 -70.04
N ALA X 47 11.36 -11.70 -68.93
CA ALA X 47 11.86 -10.54 -68.22
C ALA X 47 13.39 -10.52 -68.22
N LYS X 48 13.96 -9.40 -68.64
CA LYS X 48 15.39 -9.23 -68.76
C LYS X 48 15.86 -8.09 -67.84
N ILE X 49 17.05 -8.26 -67.28
CA ILE X 49 17.56 -7.31 -66.28
C ILE X 49 18.17 -6.07 -66.96
N ASP X 52 22.35 -6.94 -66.34
CA ASP X 52 22.84 -8.21 -66.86
C ASP X 52 22.81 -8.24 -68.38
N GLU X 53 21.71 -7.70 -68.95
CA GLU X 53 21.52 -7.58 -70.41
C GLU X 53 21.42 -8.92 -71.11
N GLU X 54 22.29 -9.86 -70.72
CA GLU X 54 22.43 -11.12 -71.45
C GLU X 54 21.23 -12.04 -71.23
N LYS X 55 20.97 -12.40 -69.97
CA LYS X 55 19.99 -13.42 -69.66
C LYS X 55 18.57 -12.88 -69.65
N GLU X 56 17.64 -13.64 -70.24
CA GLU X 56 16.21 -13.38 -70.11
C GLU X 56 15.57 -14.49 -69.28
N PHE X 57 14.40 -14.17 -68.73
CA PHE X 57 13.78 -15.04 -67.75
C PHE X 57 12.38 -15.46 -68.15
N PRO X 58 12.03 -16.73 -67.97
CA PRO X 58 10.70 -17.20 -68.37
C PRO X 58 9.60 -16.60 -67.52
N MET X 59 9.74 -16.70 -66.20
CA MET X 59 8.70 -16.21 -65.29
C MET X 59 9.35 -15.93 -63.94
N LEU X 60 9.26 -14.68 -63.48
CA LEU X 60 9.76 -14.36 -62.15
C LEU X 60 8.79 -13.46 -61.41
N VAL X 61 8.56 -13.79 -60.15
CA VAL X 61 7.73 -13.00 -59.25
C VAL X 61 8.67 -12.24 -58.32
N VAL X 62 8.59 -10.92 -58.33
CA VAL X 62 9.42 -10.08 -57.48
C VAL X 62 8.58 -9.58 -56.30
N ARG X 63 9.18 -9.62 -55.10
CA ARG X 63 8.50 -9.22 -53.89
C ARG X 63 8.24 -7.71 -53.86
N GLY X 64 7.10 -7.35 -53.26
CA GLY X 64 6.65 -5.97 -53.31
C GLY X 64 7.60 -5.01 -52.61
N ASP X 65 8.01 -5.34 -51.38
CA ASP X 65 8.82 -4.39 -50.62
C ASP X 65 10.11 -4.05 -51.36
N ASN X 66 10.60 -4.96 -52.19
CA ASN X 66 11.77 -4.65 -53.01
C ASN X 66 11.50 -3.55 -54.01
N VAL X 67 10.23 -3.23 -54.28
CA VAL X 67 9.91 -2.37 -55.42
C VAL X 67 10.15 -0.91 -55.05
N LEU X 68 10.94 -0.23 -55.86
CA LEU X 68 11.05 1.21 -55.73
C LEU X 68 9.86 1.87 -56.41
N TYR X 69 9.71 1.66 -57.72
CA TYR X 69 8.50 2.03 -58.43
C TYR X 69 8.42 1.24 -59.73
N VAL X 70 7.35 1.47 -60.48
CA VAL X 70 7.09 0.74 -61.72
C VAL X 70 6.57 1.73 -62.75
N SER X 71 7.12 1.66 -63.97
CA SER X 71 6.71 2.53 -65.06
C SER X 71 5.87 1.74 -66.06
N LEU X 72 4.82 2.37 -66.56
CA LEU X 72 3.82 1.68 -67.34
C LEU X 72 3.70 2.23 -68.75
N MET Y 2 -6.78 19.50 -45.18
CA MET Y 2 -7.42 20.53 -44.37
C MET Y 2 -7.88 19.97 -43.02
N ASP Y 3 -8.30 18.71 -42.98
CA ASP Y 3 -8.77 18.13 -41.73
C ASP Y 3 -7.60 17.89 -40.78
N THR Y 4 -7.84 18.17 -39.50
CA THR Y 4 -6.80 18.07 -38.48
C THR Y 4 -6.23 16.66 -38.38
N GLN Y 5 -7.02 15.66 -38.72
CA GLN Y 5 -6.66 14.28 -38.40
C GLN Y 5 -6.24 13.44 -39.61
N ARG Y 6 -6.35 13.97 -40.83
CA ARG Y 6 -6.03 13.22 -42.05
C ARG Y 6 -5.05 14.01 -42.91
N PRO Y 7 -3.74 13.93 -42.61
CA PRO Y 7 -2.75 14.66 -43.43
C PRO Y 7 -2.80 14.29 -44.90
N LEU Y 8 -2.99 13.01 -45.23
CA LEU Y 8 -3.00 12.60 -46.62
C LEU Y 8 -4.11 13.28 -47.43
N ASP Y 9 -5.03 13.98 -46.78
CA ASP Y 9 -6.02 14.76 -47.52
C ASP Y 9 -5.36 15.90 -48.30
N ALA Y 10 -4.12 16.25 -47.97
CA ALA Y 10 -3.38 17.20 -48.80
C ALA Y 10 -3.09 16.61 -50.16
N LEU Y 11 -2.67 15.34 -50.20
CA LEU Y 11 -2.52 14.63 -51.46
C LEU Y 11 -3.81 14.67 -52.27
N GLY Y 12 -4.96 14.54 -51.60
CA GLY Y 12 -6.22 14.71 -52.29
C GLY Y 12 -6.34 16.07 -52.93
N LYS Y 13 -5.89 17.12 -52.25
CA LYS Y 13 -6.03 18.46 -52.79
C LYS Y 13 -5.05 18.72 -53.92
N SER Y 14 -3.99 17.91 -54.02
CA SER Y 14 -3.01 17.99 -55.08
C SER Y 14 -3.27 16.98 -56.20
N ILE Y 15 -4.49 16.46 -56.31
CA ILE Y 15 -4.84 15.60 -57.44
C ILE Y 15 -4.74 16.43 -58.72
N ASN Y 16 -4.21 15.80 -59.78
CA ASN Y 16 -4.19 16.40 -61.12
C ASN Y 16 -3.41 17.71 -61.18
N THR Y 17 -2.43 17.86 -60.30
CA THR Y 17 -1.46 18.93 -60.39
C THR Y 17 -0.08 18.30 -60.36
N ASN Y 18 0.95 19.13 -60.36
CA ASN Y 18 2.31 18.62 -60.33
C ASN Y 18 2.84 18.67 -58.89
N VAL Y 19 3.17 17.49 -58.37
CA VAL Y 19 3.73 17.35 -57.03
C VAL Y 19 5.13 16.77 -57.15
N THR Y 20 5.89 16.91 -56.08
CA THR Y 20 7.28 16.46 -56.04
C THR Y 20 7.45 15.43 -54.93
N VAL Y 21 7.82 14.21 -55.30
CA VAL Y 21 7.99 13.11 -54.36
C VAL Y 21 9.48 12.93 -54.08
N TYR Y 22 9.86 13.08 -52.82
CA TYR Y 22 11.22 12.85 -52.38
C TYR Y 22 11.32 11.44 -51.79
N LEU Y 23 12.28 10.67 -52.27
CA LEU Y 23 12.45 9.31 -51.81
C LEU Y 23 13.59 9.22 -50.80
N LYS Y 24 13.48 8.25 -49.89
CA LYS Y 24 14.48 8.08 -48.83
C LYS Y 24 15.87 7.81 -49.39
N ASP Y 25 15.98 7.44 -50.67
CA ASP Y 25 17.30 7.25 -51.27
C ASP Y 25 17.99 8.58 -51.49
N GLY Y 26 17.23 9.63 -51.78
CA GLY Y 26 17.77 10.95 -52.03
C GLY Y 26 17.21 11.59 -53.28
N LYS Y 27 16.70 10.77 -54.19
CA LYS Y 27 16.31 11.28 -55.50
C LYS Y 27 14.87 11.80 -55.46
N LEU Y 28 14.52 12.54 -56.52
CA LEU Y 28 13.34 13.39 -56.55
C LEU Y 28 12.60 13.15 -57.85
N VAL Y 29 11.29 12.92 -57.76
CA VAL Y 29 10.46 12.70 -58.94
C VAL Y 29 9.30 13.69 -58.93
N LYS Y 30 8.88 14.09 -60.14
CA LYS Y 30 7.84 15.10 -60.33
C LYS Y 30 6.95 14.69 -61.48
N GLY Y 31 5.63 14.64 -61.23
CA GLY Y 31 4.66 14.32 -62.26
C GLY Y 31 3.27 14.73 -61.81
N ARG Y 32 2.32 14.56 -62.72
CA ARG Y 32 0.92 14.82 -62.38
C ARG Y 32 0.41 13.70 -61.48
N LEU Y 33 -0.09 14.06 -60.30
CA LEU Y 33 -0.50 13.08 -59.31
C LEU Y 33 -1.87 12.56 -59.68
N LYS Y 34 -1.94 11.28 -60.05
CA LYS Y 34 -3.15 10.72 -60.63
C LYS Y 34 -4.05 10.04 -59.60
N ALA Y 35 -3.45 9.52 -58.52
CA ALA Y 35 -4.17 8.79 -57.47
C ALA Y 35 -3.20 8.53 -56.32
N TYR Y 36 -3.76 8.30 -55.14
CA TYR Y 36 -2.96 7.96 -53.97
C TYR Y 36 -3.79 7.06 -53.06
N ASP Y 37 -3.11 6.39 -52.13
CA ASP Y 37 -3.80 5.62 -51.10
C ASP Y 37 -3.06 5.80 -49.77
N LEU Y 38 -3.56 5.13 -48.73
CA LEU Y 38 -3.06 5.32 -47.38
C LEU Y 38 -1.78 4.57 -47.09
N HIS Y 39 -1.26 3.77 -48.03
CA HIS Y 39 0.13 3.33 -47.93
C HIS Y 39 1.09 4.43 -48.33
N MET Y 40 0.56 5.53 -48.87
CA MET Y 40 1.28 6.56 -49.61
C MET Y 40 1.84 6.06 -50.94
N ASN Y 41 1.28 4.99 -51.49
CA ASN Y 41 1.49 4.72 -52.92
C ASN Y 41 0.86 5.83 -53.72
N VAL Y 42 1.48 6.19 -54.84
CA VAL Y 42 0.92 7.17 -55.75
C VAL Y 42 1.21 6.75 -57.19
N ALA Y 43 0.32 7.17 -58.08
CA ALA Y 43 0.51 7.04 -59.52
C ALA Y 43 0.71 8.44 -60.08
N LEU Y 44 1.74 8.61 -60.90
CA LEU Y 44 2.06 9.90 -61.49
C LEU Y 44 2.06 9.77 -63.00
N GLU Y 45 1.21 10.55 -63.66
CA GLU Y 45 1.17 10.55 -65.12
C GLU Y 45 2.10 11.62 -65.66
N ASN Y 46 2.75 11.31 -66.78
CA ASN Y 46 3.81 12.11 -67.38
C ASN Y 46 4.78 12.64 -66.32
N ALA Y 47 5.58 11.75 -65.74
CA ALA Y 47 6.59 12.08 -64.76
C ALA Y 47 7.99 11.83 -65.31
N LYS Y 48 8.98 12.37 -64.61
CA LYS Y 48 10.38 12.27 -65.01
C LYS Y 48 11.27 12.22 -63.76
N ILE Y 49 12.27 11.35 -63.79
CA ILE Y 49 13.17 11.13 -62.66
C ILE Y 49 14.52 11.79 -62.95
N GLU Y 50 14.49 12.93 -63.64
CA GLU Y 50 15.65 13.78 -63.89
C GLU Y 50 16.84 13.08 -64.58
N SER Y 51 17.05 11.79 -64.30
CA SER Y 51 18.13 11.04 -64.95
C SER Y 51 17.65 10.25 -66.17
N LYS Y 55 14.68 9.65 -68.48
CA LYS Y 55 13.72 9.72 -69.57
C LYS Y 55 12.31 10.00 -69.03
N GLU Y 56 11.40 10.37 -69.92
CA GLU Y 56 10.04 10.79 -69.60
C GLU Y 56 9.13 9.58 -69.66
N PHE Y 57 8.27 9.42 -68.64
CA PHE Y 57 7.35 8.31 -68.50
C PHE Y 57 5.91 8.78 -68.64
N PRO Y 58 5.01 7.91 -69.06
CA PRO Y 58 3.59 8.30 -69.15
C PRO Y 58 2.85 8.05 -67.84
N MET Y 59 3.31 7.07 -67.06
CA MET Y 59 2.70 6.74 -65.79
C MET Y 59 3.71 6.00 -64.95
N LEU Y 60 3.70 6.28 -63.65
CA LEU Y 60 4.70 5.74 -62.73
C LEU Y 60 4.06 5.57 -61.36
N VAL Y 61 4.08 4.35 -60.82
CA VAL Y 61 3.45 4.03 -59.54
C VAL Y 61 4.56 3.75 -58.52
N VAL Y 62 4.75 4.68 -57.57
CA VAL Y 62 5.83 4.58 -56.59
C VAL Y 62 5.30 4.05 -55.28
N ARG Y 63 6.05 3.12 -54.67
CA ARG Y 63 5.61 2.49 -53.45
C ARG Y 63 5.70 3.46 -52.28
N GLY Y 64 4.73 3.35 -51.37
CA GLY Y 64 4.63 4.32 -50.29
C GLY Y 64 5.80 4.28 -49.33
N ASP Y 65 6.26 3.09 -48.95
CA ASP Y 65 7.36 3.03 -47.99
C ASP Y 65 8.71 3.54 -48.56
N ASN Y 66 8.67 4.19 -49.72
CA ASN Y 66 9.81 4.89 -50.28
C ASN Y 66 9.72 6.40 -50.07
N VAL Y 67 8.57 6.91 -49.65
CA VAL Y 67 8.35 8.34 -49.58
C VAL Y 67 9.06 8.92 -48.35
N LEU Y 68 9.92 9.91 -48.59
CA LEU Y 68 10.48 10.72 -47.50
C LEU Y 68 9.50 11.82 -47.11
N TYR Y 69 9.20 12.72 -48.06
CA TYR Y 69 8.01 13.55 -47.99
C TYR Y 69 7.59 13.86 -49.42
N VAL Y 70 6.49 14.60 -49.55
CA VAL Y 70 5.99 15.00 -50.86
C VAL Y 70 5.59 16.47 -50.79
N SER Y 71 5.89 17.21 -51.86
CA SER Y 71 5.68 18.65 -51.89
C SER Y 71 4.64 19.01 -52.95
N LEU Y 72 3.70 19.86 -52.57
CA LEU Y 72 2.66 20.30 -53.49
C LEU Y 72 2.64 21.82 -53.57
N MET Z 2 -1.21 15.78 -22.39
CA MET Z 2 -1.82 15.65 -21.07
C MET Z 2 -2.15 14.19 -20.79
N ASP Z 3 -2.85 13.54 -21.71
CA ASP Z 3 -3.33 12.18 -21.49
C ASP Z 3 -2.17 11.20 -21.41
N THR Z 4 -2.08 10.49 -20.28
CA THR Z 4 -0.96 9.60 -19.99
C THR Z 4 -0.79 8.45 -20.98
N GLN Z 5 -1.77 8.17 -21.84
CA GLN Z 5 -1.71 7.00 -22.69
C GLN Z 5 -1.72 7.31 -24.18
N ARG Z 6 -1.73 8.58 -24.57
CA ARG Z 6 -1.73 8.99 -25.98
C ARG Z 6 -0.68 10.06 -26.19
N PRO Z 7 0.60 9.66 -26.30
CA PRO Z 7 1.67 10.66 -26.48
C PRO Z 7 1.50 11.51 -27.73
N LEU Z 8 0.80 11.01 -28.74
CA LEU Z 8 0.56 11.80 -29.93
C LEU Z 8 -0.48 12.90 -29.70
N ASP Z 9 -1.12 12.91 -28.53
CA ASP Z 9 -2.02 14.01 -28.21
C ASP Z 9 -1.27 15.33 -28.06
N ALA Z 10 0.02 15.26 -27.69
CA ALA Z 10 0.84 16.46 -27.66
C ALA Z 10 0.86 17.13 -29.03
N LEU Z 11 0.99 16.34 -30.09
CA LEU Z 11 0.90 16.89 -31.44
C LEU Z 11 -0.40 17.64 -31.64
N GLY Z 12 -1.48 17.18 -31.01
CA GLY Z 12 -2.76 17.83 -31.17
C GLY Z 12 -2.83 19.17 -30.49
N LYS Z 13 -2.14 19.34 -29.36
CA LYS Z 13 -2.08 20.64 -28.73
C LYS Z 13 -1.23 21.62 -29.52
N SER Z 14 -0.25 21.13 -30.29
CA SER Z 14 0.66 21.97 -31.04
C SER Z 14 0.22 22.19 -32.49
N ILE Z 15 -1.07 22.02 -32.76
CA ILE Z 15 -1.59 22.26 -34.10
C ILE Z 15 -1.52 23.75 -34.42
N ASN Z 16 -1.23 24.08 -35.68
CA ASN Z 16 -1.22 25.44 -36.17
C ASN Z 16 -0.11 26.28 -35.57
N THR Z 17 0.86 25.64 -34.92
CA THR Z 17 2.05 26.32 -34.45
C THR Z 17 3.28 25.69 -35.09
N ASN Z 18 4.39 26.42 -35.05
CA ASN Z 18 5.62 25.92 -35.64
C ASN Z 18 6.24 24.87 -34.73
N VAL Z 19 6.53 23.71 -35.30
CA VAL Z 19 7.25 22.65 -34.62
C VAL Z 19 8.42 22.24 -35.51
N THR Z 20 9.25 21.33 -35.01
CA THR Z 20 10.39 20.84 -35.77
C THR Z 20 10.36 19.32 -35.82
N VAL Z 21 10.50 18.78 -37.02
CA VAL Z 21 10.45 17.35 -37.25
C VAL Z 21 11.88 16.86 -37.44
N TYR Z 22 12.36 16.07 -36.49
CA TYR Z 22 13.66 15.42 -36.62
C TYR Z 22 13.47 14.08 -37.30
N LEU Z 23 14.16 13.87 -38.41
CA LEU Z 23 14.05 12.65 -39.19
C LEU Z 23 15.23 11.74 -38.89
N LYS Z 24 15.06 10.46 -39.20
CA LYS Z 24 16.19 9.53 -39.08
C LYS Z 24 17.34 9.95 -39.97
N ASP Z 25 17.03 10.70 -41.04
CA ASP Z 25 17.99 11.23 -41.98
C ASP Z 25 19.04 12.12 -41.33
N GLY Z 26 18.79 12.63 -40.13
CA GLY Z 26 19.51 13.77 -39.62
C GLY Z 26 18.95 15.09 -40.07
N LYS Z 27 18.05 15.07 -41.06
CA LYS Z 27 17.38 16.29 -41.49
C LYS Z 27 16.51 16.86 -40.37
N LEU Z 28 16.12 18.12 -40.55
CA LEU Z 28 15.27 18.81 -39.59
C LEU Z 28 14.31 19.68 -40.40
N VAL Z 29 13.07 19.18 -40.57
CA VAL Z 29 12.05 19.93 -41.26
C VAL Z 29 11.29 20.77 -40.24
N LYS Z 30 11.27 22.08 -40.44
CA LYS Z 30 10.52 22.99 -39.60
C LYS Z 30 9.42 23.66 -40.41
N GLY Z 31 8.22 23.68 -39.84
CA GLY Z 31 7.09 24.27 -40.50
C GLY Z 31 5.92 24.31 -39.55
N ARG Z 32 4.78 24.75 -40.07
CA ARG Z 32 3.56 24.79 -39.28
C ARG Z 32 2.82 23.46 -39.40
N LEU Z 33 2.44 22.87 -38.26
CA LEU Z 33 1.71 21.62 -38.27
C LEU Z 33 0.22 21.91 -38.46
N LYS Z 34 -0.38 21.33 -39.50
CA LYS Z 34 -1.80 21.46 -39.75
C LYS Z 34 -2.58 20.15 -39.63
N ALA Z 35 -1.90 19.00 -39.72
CA ALA Z 35 -2.59 17.72 -39.64
C ALA Z 35 -1.59 16.64 -39.30
N TYR Z 36 -2.01 15.69 -38.47
CA TYR Z 36 -1.23 14.49 -38.22
C TYR Z 36 -2.18 13.31 -38.11
N ASP Z 37 -1.63 12.12 -38.33
CA ASP Z 37 -2.36 10.89 -38.10
C ASP Z 37 -1.51 9.97 -37.22
N LEU Z 38 -2.01 8.76 -36.99
CA LEU Z 38 -1.39 7.87 -36.02
C LEU Z 38 -0.18 7.13 -36.57
N HIS Z 39 0.07 7.18 -37.88
CA HIS Z 39 1.37 6.80 -38.42
C HIS Z 39 2.43 7.88 -38.17
N MET Z 40 2.02 9.01 -37.61
CA MET Z 40 2.80 10.23 -37.40
C MET Z 40 3.11 10.94 -38.72
N ASN Z 41 2.43 10.56 -39.80
CA ASN Z 41 2.35 11.45 -40.95
C ASN Z 41 1.97 12.84 -40.45
N VAL Z 42 2.67 13.87 -40.95
CA VAL Z 42 2.34 15.25 -40.61
C VAL Z 42 2.22 16.07 -41.88
N ALA Z 43 1.37 17.08 -41.82
CA ALA Z 43 1.25 18.10 -42.85
C ALA Z 43 1.94 19.37 -42.36
N LEU Z 44 2.70 20.01 -43.26
CA LEU Z 44 3.50 21.19 -42.91
C LEU Z 44 3.24 22.31 -43.90
N GLU Z 45 2.65 23.40 -43.41
CA GLU Z 45 2.34 24.57 -44.24
C GLU Z 45 3.51 25.53 -44.24
N ASN Z 46 3.86 26.03 -45.44
CA ASN Z 46 5.08 26.78 -45.72
C ASN Z 46 6.23 26.33 -44.81
N ALA Z 47 6.86 25.22 -45.14
CA ALA Z 47 7.95 24.68 -44.33
C ALA Z 47 9.29 24.93 -45.01
N LYS Z 48 10.36 24.54 -44.31
CA LYS Z 48 11.72 24.84 -44.71
C LYS Z 48 12.66 23.91 -43.98
N ILE Z 49 13.71 23.44 -44.66
CA ILE Z 49 14.66 22.48 -44.09
C ILE Z 49 15.99 23.20 -43.86
N GLU Z 50 16.41 23.25 -42.59
CA GLU Z 50 17.68 23.84 -42.19
C GLU Z 50 18.86 23.12 -42.85
N LYS Z 55 15.39 26.75 -49.95
CA LYS Z 55 14.07 26.63 -50.55
C LYS Z 55 12.99 26.49 -49.48
N GLU Z 56 11.88 27.20 -49.67
CA GLU Z 56 10.71 27.08 -48.82
C GLU Z 56 9.70 26.15 -49.48
N PHE Z 57 9.02 25.35 -48.66
CA PHE Z 57 8.02 24.42 -49.16
C PHE Z 57 6.62 24.88 -48.79
N PRO Z 58 5.83 25.40 -49.73
CA PRO Z 58 4.45 25.82 -49.39
C PRO Z 58 3.60 24.72 -48.81
N MET Z 59 3.92 23.46 -49.09
CA MET Z 59 3.21 22.33 -48.48
C MET Z 59 4.11 21.10 -48.51
N LEU Z 60 4.39 20.55 -47.34
CA LEU Z 60 5.18 19.33 -47.22
C LEU Z 60 4.37 18.30 -46.44
N VAL Z 61 4.18 17.13 -47.02
CA VAL Z 61 3.54 16.01 -46.35
C VAL Z 61 4.63 14.99 -46.05
N VAL Z 62 4.90 14.77 -44.77
CA VAL Z 62 5.99 13.89 -44.35
C VAL Z 62 5.42 12.52 -44.03
N ARG Z 63 6.15 11.47 -44.42
CA ARG Z 63 5.75 10.12 -44.05
C ARG Z 63 6.26 9.79 -42.65
N GLY Z 64 5.49 8.97 -41.94
CA GLY Z 64 5.72 8.79 -40.52
C GLY Z 64 6.98 8.01 -40.19
N ASP Z 65 7.27 6.94 -40.95
CA ASP Z 65 8.40 6.07 -40.62
C ASP Z 65 9.73 6.81 -40.65
N ASN Z 66 9.81 7.92 -41.36
CA ASN Z 66 11.05 8.69 -41.38
C ASN Z 66 11.33 9.36 -40.03
N VAL Z 67 10.30 9.60 -39.24
CA VAL Z 67 10.41 10.57 -38.14
C VAL Z 67 11.23 9.98 -37.01
N LEU Z 68 12.16 10.78 -36.50
CA LEU Z 68 12.95 10.44 -35.31
C LEU Z 68 12.18 10.88 -34.07
N TYR Z 69 12.02 12.20 -33.92
CA TYR Z 69 11.18 12.76 -32.87
C TYR Z 69 10.79 14.17 -33.29
N VAL Z 70 9.67 14.64 -32.76
CA VAL Z 70 9.16 15.96 -33.08
C VAL Z 70 9.21 16.80 -31.83
N SER Z 71 9.71 18.03 -31.96
CA SER Z 71 9.89 18.95 -30.85
C SER Z 71 8.87 20.08 -30.98
N LEU Z 72 8.10 20.28 -29.92
CA LEU Z 72 6.97 21.20 -29.97
C LEU Z 72 7.26 22.52 -29.28
N MET AA 2 4.66 -4.34 -13.40
CA MET AA 2 5.03 -5.40 -12.48
C MET AA 2 4.56 -6.75 -13.03
N ASP AA 3 3.49 -6.72 -13.83
CA ASP AA 3 2.89 -7.94 -14.33
C ASP AA 3 3.80 -8.66 -15.31
N THR AA 4 3.72 -9.99 -15.28
CA THR AA 4 4.68 -10.87 -15.94
C THR AA 4 4.69 -10.69 -17.46
N GLN AA 5 3.55 -10.40 -18.08
CA GLN AA 5 3.50 -10.36 -19.53
C GLN AA 5 3.25 -8.97 -20.11
N ARG AA 6 3.29 -7.93 -19.28
CA ARG AA 6 3.15 -6.54 -19.76
C ARG AA 6 4.36 -5.74 -19.32
N PRO AA 7 5.48 -5.85 -20.03
CA PRO AA 7 6.67 -5.05 -19.68
C PRO AA 7 6.53 -3.56 -19.97
N LEU AA 8 5.50 -3.12 -20.67
CA LEU AA 8 5.36 -1.70 -20.92
C LEU AA 8 4.67 -0.96 -19.77
N ASP AA 9 4.09 -1.71 -18.83
CA ASP AA 9 3.61 -1.12 -17.59
C ASP AA 9 4.74 -0.51 -16.78
N ALA AA 10 5.98 -1.01 -16.96
CA ALA AA 10 7.14 -0.30 -16.43
C ALA AA 10 7.11 1.16 -16.85
N LEU AA 11 6.77 1.43 -18.11
CA LEU AA 11 6.63 2.83 -18.51
C LEU AA 11 5.45 3.48 -17.79
N GLY AA 12 4.41 2.70 -17.51
CA GLY AA 12 3.26 3.23 -16.80
C GLY AA 12 3.52 3.51 -15.33
N LYS AA 13 4.36 2.71 -14.69
CA LYS AA 13 4.73 3.00 -13.31
C LYS AA 13 5.79 4.09 -13.20
N SER AA 14 6.25 4.67 -14.31
CA SER AA 14 7.29 5.68 -14.30
C SER AA 14 6.81 7.03 -14.83
N ILE AA 15 5.51 7.29 -14.77
CA ILE AA 15 4.99 8.58 -15.23
C ILE AA 15 5.44 9.68 -14.28
N ASN AA 16 5.86 10.82 -14.85
CA ASN AA 16 6.35 12.00 -14.15
C ASN AA 16 7.73 11.80 -13.54
N THR AA 17 8.25 10.58 -13.58
CA THR AA 17 9.63 10.29 -13.23
C THR AA 17 10.56 10.69 -14.38
N ASN AA 18 11.83 10.91 -14.04
CA ASN AA 18 12.85 11.16 -15.06
C ASN AA 18 13.35 9.83 -15.62
N VAL AA 19 13.35 9.71 -16.94
CA VAL AA 19 13.79 8.50 -17.61
C VAL AA 19 14.77 8.88 -18.72
N THR AA 20 15.51 7.89 -19.21
CA THR AA 20 16.51 8.10 -20.26
C THR AA 20 16.22 7.16 -21.43
N VAL AA 21 15.97 7.74 -22.60
CA VAL AA 21 15.49 6.99 -23.76
C VAL AA 21 16.67 6.81 -24.73
N TYR AA 22 17.23 5.60 -24.74
CA TYR AA 22 18.36 5.27 -25.60
C TYR AA 22 17.84 4.99 -27.01
N LEU AA 23 18.14 5.88 -27.96
CA LEU AA 23 17.70 5.73 -29.33
C LEU AA 23 18.52 4.67 -30.06
N LYS AA 24 18.20 4.47 -31.35
CA LYS AA 24 18.89 3.49 -32.19
C LYS AA 24 20.17 4.03 -32.80
N ASP AA 25 20.13 5.26 -33.33
CA ASP AA 25 21.32 5.91 -33.86
C ASP AA 25 22.37 6.20 -32.80
N GLY AA 26 22.12 5.87 -31.54
CA GLY AA 26 23.07 6.09 -30.47
C GLY AA 26 22.79 7.29 -29.59
N LYS AA 27 21.76 8.09 -29.90
CA LYS AA 27 21.48 9.27 -29.10
C LYS AA 27 20.93 8.87 -27.73
N LEU AA 28 20.75 9.88 -26.89
CA LEU AA 28 20.40 9.66 -25.47
C LEU AA 28 19.53 10.84 -25.03
N VAL AA 29 18.22 10.67 -25.16
CA VAL AA 29 17.27 11.72 -24.81
C VAL AA 29 16.70 11.42 -23.43
N LYS AA 30 16.58 12.46 -22.61
CA LYS AA 30 16.13 12.33 -21.23
C LYS AA 30 15.02 13.34 -20.96
N GLY AA 31 14.09 12.94 -20.11
CA GLY AA 31 13.00 13.81 -19.72
C GLY AA 31 12.18 13.17 -18.61
N ARG AA 32 11.15 13.89 -18.19
CA ARG AA 32 10.11 13.31 -17.36
C ARG AA 32 9.05 12.72 -18.29
N LEU AA 33 8.79 11.43 -18.14
CA LEU AA 33 7.91 10.71 -19.03
C LEU AA 33 6.48 11.19 -18.85
N LYS AA 34 5.89 11.74 -19.91
CA LYS AA 34 4.53 12.27 -19.88
C LYS AA 34 3.49 11.28 -20.40
N ALA AA 35 3.80 10.51 -21.43
CA ALA AA 35 2.86 9.56 -21.99
C ALA AA 35 3.61 8.59 -22.89
N TYR AA 36 2.99 7.42 -23.08
CA TYR AA 36 3.54 6.38 -23.92
C TYR AA 36 2.39 5.55 -24.44
N ASP AA 37 2.61 4.89 -25.57
CA ASP AA 37 1.66 3.92 -26.07
C ASP AA 37 2.37 2.58 -26.28
N LEU AA 38 1.68 1.65 -26.95
CA LEU AA 38 2.22 0.32 -27.18
C LEU AA 38 3.15 0.27 -28.39
N HIS AA 39 3.10 1.29 -29.26
CA HIS AA 39 4.15 1.47 -30.26
C HIS AA 39 5.48 1.85 -29.64
N MET AA 40 5.47 2.26 -28.37
CA MET AA 40 6.60 2.71 -27.57
C MET AA 40 6.99 4.15 -27.90
N ASN AA 41 6.20 4.88 -28.71
CA ASN AA 41 6.25 6.33 -28.69
C ASN AA 41 6.17 6.82 -27.25
N VAL AA 42 7.02 7.79 -26.90
CA VAL AA 42 6.93 8.40 -25.58
C VAL AA 42 6.99 9.90 -25.72
N ALA AA 43 6.48 10.58 -24.70
CA ALA AA 43 6.41 12.04 -24.64
C ALA AA 43 7.24 12.52 -23.45
N LEU AA 44 8.23 13.38 -23.73
CA LEU AA 44 9.19 13.82 -22.72
C LEU AA 44 9.12 15.32 -22.56
N GLU AA 45 8.81 15.77 -21.35
CA GLU AA 45 8.80 17.18 -21.00
C GLU AA 45 10.18 17.61 -20.54
N ASN AA 46 10.58 18.80 -20.98
CA ASN AA 46 11.90 19.37 -20.71
C ASN AA 46 13.01 18.36 -21.02
N ALA AA 47 13.12 18.08 -22.31
CA ALA AA 47 14.01 17.05 -22.82
C ALA AA 47 15.24 17.67 -23.45
N LYS AA 48 16.40 17.05 -23.20
CA LYS AA 48 17.65 17.44 -23.82
C LYS AA 48 18.41 16.18 -24.21
N ILE AA 49 19.21 16.29 -25.26
CA ILE AA 49 20.03 15.17 -25.70
C ILE AA 49 21.42 15.25 -25.09
N GLU AA 53 23.39 19.45 -26.20
CA GLU AA 53 23.26 19.87 -24.81
C GLU AA 53 22.80 21.34 -24.74
N GLU AA 54 23.25 22.16 -25.71
CA GLU AA 54 22.88 23.59 -25.70
C GLU AA 54 21.38 23.78 -25.81
N LYS AA 55 20.76 23.19 -26.83
CA LYS AA 55 19.34 23.38 -27.08
C LYS AA 55 18.53 22.44 -26.18
N GLU AA 56 17.57 23.01 -25.45
CA GLU AA 56 16.61 22.24 -24.69
C GLU AA 56 15.29 22.16 -25.45
N PHE AA 57 14.61 21.03 -25.33
CA PHE AA 57 13.33 20.84 -25.99
C PHE AA 57 12.23 20.86 -24.95
N PRO AA 58 11.33 21.84 -24.98
CA PRO AA 58 10.20 21.82 -24.03
C PRO AA 58 9.39 20.55 -24.10
N MET AA 59 9.04 20.09 -25.30
CA MET AA 59 8.22 18.90 -25.49
C MET AA 59 8.79 18.07 -26.62
N LEU AA 60 9.11 16.81 -26.31
CA LEU AA 60 9.69 15.88 -27.28
C LEU AA 60 8.79 14.66 -27.41
N VAL AA 61 8.30 14.41 -28.62
CA VAL AA 61 7.53 13.21 -28.93
C VAL AA 61 8.40 12.34 -29.82
N VAL AA 62 8.89 11.23 -29.28
CA VAL AA 62 9.76 10.32 -30.02
C VAL AA 62 8.93 9.21 -30.64
N ARG AA 63 9.20 8.91 -31.91
CA ARG AA 63 8.60 7.76 -32.56
C ARG AA 63 9.24 6.48 -32.04
N GLY AA 64 8.41 5.50 -31.69
CA GLY AA 64 8.86 4.35 -30.92
C GLY AA 64 9.76 3.39 -31.67
N ASP AA 65 9.78 3.44 -33.01
CA ASP AA 65 10.65 2.53 -33.74
C ASP AA 65 12.09 3.00 -33.78
N ASN AA 66 12.40 4.13 -33.13
CA ASN AA 66 13.77 4.56 -32.90
C ASN AA 66 14.32 4.07 -31.56
N VAL AA 67 13.50 3.41 -30.74
CA VAL AA 67 13.88 3.18 -29.35
C VAL AA 67 14.62 1.85 -29.22
N LEU AA 68 15.81 1.93 -28.63
CA LEU AA 68 16.55 0.74 -28.23
C LEU AA 68 16.07 0.27 -26.86
N TYR AA 69 16.31 1.10 -25.83
CA TYR AA 69 15.69 0.94 -24.53
C TYR AA 69 15.48 2.33 -23.94
N VAL AA 70 14.70 2.36 -22.87
CA VAL AA 70 14.57 3.57 -22.08
C VAL AA 70 14.81 3.17 -20.65
N SER AA 71 15.40 4.06 -19.87
CA SER AA 71 15.89 3.72 -18.54
C SER AA 71 15.07 4.41 -17.47
N LEU AA 72 14.66 3.61 -16.47
CA LEU AA 72 13.80 4.10 -15.38
C LEU AA 72 14.55 4.13 -14.06
N MET BA 1 -20.85 47.49 34.68
CA MET BA 1 -19.55 46.83 34.81
C MET BA 1 -19.59 45.42 34.24
N MET BA 2 -20.80 44.88 34.11
CA MET BA 2 -20.98 43.56 33.53
C MET BA 2 -20.49 43.52 32.09
N ASP BA 3 -19.81 42.44 31.71
CA ASP BA 3 -19.27 42.32 30.37
C ASP BA 3 -20.23 41.60 29.43
N THR BA 4 -20.22 42.05 28.17
CA THR BA 4 -21.15 41.54 27.17
C THR BA 4 -21.10 40.02 27.04
N GLN BA 5 -19.91 39.43 27.04
CA GLN BA 5 -19.73 38.08 26.51
C GLN BA 5 -19.52 36.99 27.57
N ARG BA 6 -19.58 37.32 28.87
CA ARG BA 6 -19.36 36.33 29.93
C ARG BA 6 -20.55 36.31 30.88
N PRO BA 7 -21.71 35.81 30.42
CA PRO BA 7 -22.90 35.80 31.28
C PRO BA 7 -22.72 35.04 32.59
N LEU BA 8 -21.64 34.26 32.73
CA LEU BA 8 -21.37 33.59 33.98
C LEU BA 8 -20.59 34.47 34.96
N ASP BA 9 -20.24 35.70 34.57
CA ASP BA 9 -19.63 36.63 35.51
C ASP BA 9 -20.61 37.16 36.54
N ALA BA 10 -21.92 37.08 36.28
CA ALA BA 10 -22.91 37.51 37.26
C ALA BA 10 -22.88 36.67 38.52
N LEU BA 11 -22.38 35.44 38.43
CA LEU BA 11 -22.18 34.64 39.63
C LEU BA 11 -20.89 35.03 40.34
N GLY BA 12 -19.87 35.47 39.59
CA GLY BA 12 -18.64 35.90 40.20
C GLY BA 12 -18.85 37.12 41.10
N LYS BA 13 -19.66 38.07 40.66
CA LYS BA 13 -19.97 39.22 41.49
C LYS BA 13 -20.97 38.90 42.59
N SER BA 14 -21.45 37.66 42.70
CA SER BA 14 -22.46 37.31 43.68
C SER BA 14 -22.20 35.94 44.28
N ILE BA 15 -20.93 35.64 44.59
CA ILE BA 15 -20.60 34.40 45.28
C ILE BA 15 -20.67 34.65 46.78
N ASN BA 16 -20.92 33.58 47.55
CA ASN BA 16 -21.21 33.62 48.98
C ASN BA 16 -22.54 34.30 49.28
N THR BA 17 -23.08 35.05 48.32
CA THR BA 17 -24.39 35.66 48.48
C THR BA 17 -25.47 34.60 48.25
N ASN BA 18 -26.64 34.87 48.80
CA ASN BA 18 -27.75 33.91 48.70
C ASN BA 18 -28.31 33.92 47.28
N VAL BA 19 -28.46 32.74 46.68
CA VAL BA 19 -28.99 32.59 45.34
C VAL BA 19 -30.04 31.49 45.34
N THR BA 20 -30.84 31.45 44.28
CA THR BA 20 -31.85 30.42 44.14
C THR BA 20 -31.79 29.89 42.72
N VAL BA 21 -31.74 28.57 42.57
CA VAL BA 21 -31.45 27.91 41.29
C VAL BA 21 -32.60 26.95 41.01
N TYR BA 22 -33.44 27.30 40.05
CA TYR BA 22 -34.53 26.43 39.62
C TYR BA 22 -33.96 25.30 38.78
N LEU BA 23 -34.47 24.10 39.01
CA LEU BA 23 -34.05 22.95 38.21
C LEU BA 23 -35.09 22.67 37.14
N LYS BA 24 -34.67 21.89 36.14
CA LYS BA 24 -35.53 21.64 34.98
C LYS BA 24 -36.61 20.60 35.25
N ASP BA 25 -36.66 20.02 36.44
CA ASP BA 25 -37.74 19.12 36.81
C ASP BA 25 -38.75 19.76 37.75
N GLY BA 26 -38.60 21.05 38.04
CA GLY BA 26 -39.53 21.80 38.86
C GLY BA 26 -38.95 22.24 40.19
N LYS BA 27 -38.12 21.39 40.82
CA LYS BA 27 -37.48 21.75 42.07
C LYS BA 27 -36.72 23.06 41.91
N LEU BA 28 -36.33 23.62 43.04
CA LEU BA 28 -35.94 25.02 43.12
C LEU BA 28 -34.96 25.19 44.27
N VAL BA 29 -33.93 24.31 44.32
CA VAL BA 29 -32.95 24.23 45.41
C VAL BA 29 -32.47 25.64 45.74
N LYS BA 30 -32.64 26.03 47.00
CA LYS BA 30 -32.31 27.37 47.47
C LYS BA 30 -31.22 27.28 48.51
N GLY BA 31 -30.20 28.13 48.38
CA GLY BA 31 -29.09 28.10 49.32
C GLY BA 31 -28.13 29.22 49.03
N ARG BA 32 -26.93 29.10 49.58
CA ARG BA 32 -25.87 30.08 49.44
C ARG BA 32 -24.79 29.51 48.52
N LEU BA 33 -24.33 30.33 47.57
CA LEU BA 33 -23.48 29.83 46.50
C LEU BA 33 -22.02 29.94 46.89
N LYS BA 34 -21.36 28.78 47.02
CA LYS BA 34 -19.94 28.73 47.35
C LYS BA 34 -19.07 28.85 46.11
N ALA BA 35 -19.40 28.10 45.07
CA ALA BA 35 -18.57 28.09 43.86
C ALA BA 35 -19.40 27.61 42.68
N TYR BA 36 -18.88 27.88 41.49
CA TYR BA 36 -19.48 27.45 40.24
C TYR BA 36 -18.39 27.24 39.20
N ASP BA 37 -18.66 26.36 38.23
CA ASP BA 37 -17.77 26.20 37.08
C ASP BA 37 -18.50 26.62 35.80
N LEU BA 38 -18.01 26.14 34.65
CA LEU BA 38 -18.54 26.59 33.37
C LEU BA 38 -19.50 25.58 32.73
N HIS BA 39 -19.66 24.40 33.34
CA HIS BA 39 -20.84 23.58 33.07
C HIS BA 39 -22.08 24.12 33.75
N MET BA 40 -21.88 25.00 34.73
CA MET BA 40 -22.87 25.51 35.68
C MET BA 40 -23.11 24.55 36.85
N ASN BA 41 -22.18 23.64 37.12
CA ASN BA 41 -22.15 23.03 38.44
C ASN BA 41 -21.95 24.11 39.47
N VAL BA 42 -22.76 24.09 40.53
CA VAL BA 42 -22.62 25.05 41.61
C VAL BA 42 -22.66 24.32 42.94
N ALA BA 43 -21.86 24.79 43.89
CA ALA BA 43 -21.85 24.27 45.25
C ALA BA 43 -22.61 25.25 46.14
N LEU BA 44 -23.55 24.72 46.91
CA LEU BA 44 -24.44 25.55 47.70
C LEU BA 44 -24.33 25.20 49.18
N GLU BA 45 -24.18 26.21 50.02
CA GLU BA 45 -24.06 26.03 51.47
C GLU BA 45 -25.38 26.36 52.15
N ASN BA 46 -25.77 25.49 53.09
CA ASN BA 46 -27.04 25.62 53.79
C ASN BA 46 -28.17 25.69 52.77
N ALA BA 47 -28.26 24.64 51.97
CA ALA BA 47 -29.16 24.60 50.83
C ALA BA 47 -30.48 23.92 51.20
N LYS BA 48 -31.57 24.50 50.73
CA LYS BA 48 -32.89 24.02 51.06
C LYS BA 48 -33.76 24.03 49.79
N ILE BA 49 -34.54 22.96 49.59
CA ILE BA 49 -35.51 22.92 48.51
C ILE BA 49 -36.90 22.88 49.12
N GLU BA 50 -37.79 23.72 48.59
CA GLU BA 50 -39.10 24.08 49.12
C GLU BA 50 -40.10 22.94 49.10
N SER BA 51 -39.70 21.74 48.68
CA SER BA 51 -40.54 20.55 48.77
C SER BA 51 -40.38 19.86 50.13
N ASP BA 52 -39.15 19.55 50.51
CA ASP BA 52 -38.86 18.78 51.72
C ASP BA 52 -39.04 19.63 52.97
N GLU BA 53 -38.98 20.96 52.83
CA GLU BA 53 -39.13 21.95 53.90
C GLU BA 53 -38.34 21.66 55.19
N GLU BA 54 -38.27 20.40 55.60
CA GLU BA 54 -37.73 20.07 56.93
C GLU BA 54 -36.20 20.07 56.96
N LYS BA 55 -35.56 19.31 56.08
CA LYS BA 55 -34.15 18.99 56.21
C LYS BA 55 -33.30 19.99 55.43
N GLU BA 56 -32.41 20.69 56.14
CA GLU BA 56 -31.43 21.57 55.51
C GLU BA 56 -30.20 20.78 55.10
N PHE BA 57 -29.51 21.29 54.08
CA PHE BA 57 -28.34 20.61 53.53
C PHE BA 57 -27.10 21.41 53.83
N PRO BA 58 -26.13 20.88 54.60
CA PRO BA 58 -24.92 21.66 54.88
C PRO BA 58 -24.11 21.99 53.63
N MET BA 59 -23.82 20.99 52.79
CA MET BA 59 -23.11 21.21 51.53
C MET BA 59 -23.79 20.43 50.41
N LEU BA 60 -24.16 21.14 49.34
CA LEU BA 60 -24.85 20.59 48.18
C LEU BA 60 -24.13 21.02 46.90
N VAL BA 61 -23.76 20.03 46.07
CA VAL BA 61 -23.22 20.28 44.74
C VAL BA 61 -24.22 19.75 43.72
N VAL BA 62 -24.61 20.58 42.77
CA VAL BA 62 -25.58 20.21 41.74
C VAL BA 62 -24.89 20.18 40.38
N ARG BA 63 -25.29 19.22 39.55
CA ARG BA 63 -24.75 19.10 38.20
C ARG BA 63 -25.42 20.10 37.26
N GLY BA 64 -24.59 20.84 36.53
CA GLY BA 64 -25.08 21.94 35.72
C GLY BA 64 -26.17 21.54 34.71
N ASP BA 65 -26.19 20.27 34.29
CA ASP BA 65 -27.21 19.83 33.34
C ASP BA 65 -28.61 20.14 33.84
N ASN BA 66 -28.84 19.98 35.14
CA ASN BA 66 -30.19 20.08 35.68
C ASN BA 66 -30.71 21.51 35.74
N VAL BA 67 -29.84 22.51 35.74
CA VAL BA 67 -30.27 23.85 36.13
C VAL BA 67 -31.00 24.53 34.98
N LEU BA 68 -32.22 24.99 35.26
CA LEU BA 68 -33.00 25.72 34.29
C LEU BA 68 -32.60 27.20 34.31
N TYR BA 69 -32.66 27.83 35.48
CA TYR BA 69 -32.01 29.12 35.64
C TYR BA 69 -31.62 29.35 37.10
N VAL BA 70 -30.87 30.44 37.32
CA VAL BA 70 -30.39 30.85 38.63
C VAL BA 70 -30.95 32.23 38.96
N SER BA 71 -31.48 32.37 40.18
CA SER BA 71 -31.95 33.66 40.68
C SER BA 71 -30.85 34.32 41.50
N LEU BA 72 -30.58 35.59 41.20
CA LEU BA 72 -29.55 36.34 41.90
C LEU BA 72 -30.18 37.47 42.73
N1 U5P CA . -2.07 28.26 14.04
C2 U5P CA . -1.71 29.49 13.49
N3 U5P CA . -2.41 29.86 12.36
C4 U5P CA . -3.40 29.12 11.72
C5 U5P CA . -3.69 27.87 12.34
C6 U5P CA . -3.04 27.49 13.44
O2 U5P CA . -0.87 30.24 13.94
O4 U5P CA . -3.93 29.57 10.72
C1' U5P CA . -1.41 27.72 15.25
C2' U5P CA . -1.52 28.62 16.47
O2' U5P CA . -0.52 29.62 16.47
C3' U5P CA . -1.40 27.62 17.61
C4' U5P CA . -2.15 26.41 17.06
O3' U5P CA . -0.03 27.27 17.81
O4' U5P CA . -2.06 26.52 15.61
C5' U5P CA . -3.61 26.36 17.46
O5' U5P CA . -3.91 27.30 18.48
N1 U5P DA . -0.97 30.49 20.77
C2 U5P DA . -0.39 31.74 20.91
N3 U5P DA . -1.22 32.80 20.64
C4 U5P DA . -2.54 32.72 20.24
C5 U5P DA . -3.07 31.40 20.12
C6 U5P DA . -2.27 30.34 20.37
O2 U5P DA . 0.77 31.91 21.26
O4 U5P DA . -3.15 33.76 20.04
C1' U5P DA . -0.13 29.32 21.07
C2' U5P DA . 0.03 29.08 22.57
O2' U5P DA . 1.01 29.92 23.13
C3' U5P DA . 0.34 27.59 22.60
C4' U5P DA . -0.54 27.04 21.49
O3' U5P DA . 1.71 27.39 22.28
O4' U5P DA . -0.76 28.16 20.57
C5' U5P DA . -1.86 26.48 21.95
O5' U5P DA . -2.05 26.67 23.35
O1 PG4 EA . -7.73 36.09 23.43
C1 PG4 EA . -8.49 35.19 24.24
C2 PG4 EA . -9.63 34.59 23.43
O2 PG4 EA . -10.59 33.98 24.31
C3 PG4 EA . -11.25 32.90 23.68
C4 PG4 EA . -12.63 32.65 24.30
O3 PG4 EA . -12.56 32.36 25.70
C5 PG4 EA . -13.51 31.34 26.05
C6 PG4 EA . -14.14 31.58 27.43
O4 PG4 EA . -15.54 31.36 27.27
C7 PG4 EA . -16.30 31.58 28.46
C8 PG4 EA . -17.77 31.23 28.21
O5 PG4 EA . -18.55 31.85 29.24
N1 U5P FA . 1.09 26.44 26.37
C2 U5P FA . 2.06 26.81 27.31
N3 U5P FA . 1.63 27.77 28.21
C4 U5P FA . 0.39 28.38 28.26
C5 U5P FA . -0.53 27.97 27.25
C6 U5P FA . -0.14 27.05 26.38
O2 U5P FA . 3.19 26.36 27.40
O4 U5P FA . 0.13 29.22 29.11
C1' U5P FA . 1.29 25.46 25.27
C2' U5P FA . 1.71 24.05 25.72
O2' U5P FA . 2.62 23.53 24.76
C3' U5P FA . 0.38 23.30 25.67
C4' U5P FA . -0.36 23.96 24.53
O3' U5P FA . 0.51 21.91 25.46
O4' U5P FA . 0.08 25.34 24.55
C5' U5P FA . -1.87 23.89 24.64
O5' U5P FA . -2.29 22.64 25.16
N1 U5P GA . 3.03 19.21 26.51
C2 U5P GA . 4.08 18.68 27.25
N3 U5P GA . 3.94 18.74 28.62
C4 U5P GA . 2.86 19.27 29.31
C5 U5P GA . 1.82 19.79 28.48
C6 U5P GA . 1.94 19.75 27.15
O2 U5P GA . 5.09 18.19 26.74
O4 U5P GA . 2.85 19.25 30.54
C1' U5P GA . 3.08 19.18 25.03
C2' U5P GA . 2.87 17.78 24.45
O2' U5P GA . 4.07 17.06 24.37
C3' U5P GA . 2.21 18.10 23.11
C4' U5P GA . 1.36 19.31 23.43
O3' U5P GA . 3.21 18.45 22.15
O4' U5P GA . 2.01 19.97 24.55
C5' U5P GA . -0.08 18.99 23.79
O5' U5P GA . -0.27 17.59 23.95
O1 PG4 HA . -11.71 7.93 35.25
C1 PG4 HA . -12.23 8.79 34.22
C2 PG4 HA . -11.44 10.10 34.14
O2 PG4 HA . -10.74 10.20 32.90
C3 PG4 HA . -9.32 10.20 33.12
C4 PG4 HA . -8.57 11.15 32.20
O3 PG4 HA . -7.54 11.80 32.98
C5 PG4 HA . -6.76 12.76 32.28
C6 PG4 HA . -5.94 13.57 33.28
O4 PG4 HA . -5.06 14.48 32.59
C7 PG4 HA . -3.85 14.74 33.31
C8 PG4 HA . -2.68 14.60 32.35
O5 PG4 HA . -1.42 14.69 33.03
N1 U5P IA . 2.75 14.32 21.02
C2 U5P IA . 3.75 13.37 20.84
N3 U5P IA . 3.80 12.39 21.82
C4 U5P IA . 2.98 12.30 22.93
C5 U5P IA . 1.98 13.31 23.04
C6 U5P IA . 1.90 14.27 22.10
O2 U5P IA . 4.53 13.36 19.89
O4 U5P IA . 3.13 11.39 23.73
C1' U5P IA . 2.57 15.40 20.03
C2' U5P IA . 1.94 14.91 18.73
O2' U5P IA . 2.89 14.34 17.86
C3' U5P IA . 1.27 16.19 18.22
C4' U5P IA . 0.76 16.81 19.51
O3' U5P IA . 2.25 17.04 17.64
O4' U5P IA . 1.66 16.35 20.57
C5' U5P IA . -0.65 16.44 19.85
O5' U5P IA . -1.19 15.57 18.86
O1 PG4 JA . -12.75 1.50 22.48
C1 PG4 JA . -12.26 2.65 21.77
C2 PG4 JA . -11.73 3.71 22.74
O2 PG4 JA . -11.11 4.80 22.04
C3 PG4 JA . -9.68 4.81 22.22
C4 PG4 JA . -9.10 6.22 22.21
O3 PG4 JA . -7.72 6.22 22.62
C5 PG4 JA . -7.50 7.04 23.78
C6 PG4 JA . -6.16 7.78 23.71
O4 PG4 JA . -5.06 6.87 23.81
C7 PG4 JA . -3.80 7.54 23.83
C8 PG4 JA . -2.70 6.50 23.96
O5 PG4 JA . -1.50 6.91 23.27
N1 U5P KA . 1.26 15.57 14.00
C2 U5P KA . 1.86 14.96 12.90
N3 U5P KA . 1.68 13.60 12.81
C4 U5P KA . 0.99 12.80 13.71
C5 U5P KA . 0.40 13.51 14.81
C6 U5P KA . 0.54 14.84 14.91
O2 U5P KA . 2.50 15.59 12.06
O4 U5P KA . 0.94 11.60 13.48
C1' U5P KA . 1.41 17.03 14.08
C2' U5P KA . 0.51 17.78 13.09
O2' U5P KA . 1.05 17.79 11.79
C3' U5P KA . 0.41 19.15 13.76
C4' U5P KA . 0.35 18.78 15.25
O3' U5P KA . 1.59 19.92 13.49
O4' U5P KA . 1.00 17.48 15.37
C5' U5P KA . -1.05 18.69 15.81
O5' U5P KA . -2.02 18.98 14.80
N1 U5P LA . -10.07 19.72 6.51
C2 U5P LA . -10.17 18.75 5.50
N3 U5P LA . -9.26 18.71 4.47
C4 U5P LA . -8.25 19.63 4.42
C5 U5P LA . -8.15 20.59 5.42
C6 U5P LA . -9.07 20.64 6.46
O2 U5P LA . -11.03 17.88 5.44
O4 U5P LA . -7.46 19.59 3.50
C1' U5P LA . -11.01 19.86 7.65
C2' U5P LA . -12.45 19.43 7.33
C3' U5P LA . -12.83 18.46 8.42
C4' U5P LA . -11.74 18.63 9.48
O3' U5P LA . -14.09 18.80 8.93
O4' U5P LA . -10.60 19.13 8.80
C5' U5P LA . -11.39 17.32 10.18
O5' U5P LA . -10.14 17.48 10.79
P U5P LA . -9.76 16.80 12.22
O1P U5P LA . -9.99 15.31 12.14
O2P U5P LA . -10.59 17.42 13.31
O3P U5P LA . -8.29 17.06 12.49
N1 U5P MA . -1.17 21.80 11.05
C2 U5P MA . -0.70 22.23 9.81
N3 U5P MA . -1.07 21.44 8.73
C4 U5P MA . -1.86 20.31 8.79
C5 U5P MA . -2.30 19.93 10.10
C6 U5P MA . -1.96 20.67 11.15
O2 U5P MA . 0.00 23.24 9.67
O4 U5P MA . -2.11 19.70 7.76
C1' U5P MA . -0.87 22.59 12.25
C2' U5P MA . -1.69 23.88 12.32
O2' U5P MA . -1.13 24.93 11.57
C3' U5P MA . -1.75 24.12 13.83
C4' U5P MA . -1.86 22.69 14.37
O3' U5P MA . -0.54 24.71 14.27
O4' U5P MA . -1.23 21.83 13.38
C5' U5P MA . -3.28 22.24 14.63
O5' U5P MA . -4.22 23.23 14.19
O1 PG4 NA . -19.79 29.99 15.99
C1 PG4 NA . -18.74 30.17 16.96
C2 PG4 NA . -17.55 30.90 16.35
O2 PG4 NA . -16.53 29.95 16.00
C3 PG4 NA . -15.59 30.44 15.04
C4 PG4 NA . -14.79 29.26 14.47
O3 PG4 NA . -13.73 29.71 13.64
C5 PG4 NA . -12.74 28.68 13.45
C6 PG4 NA . -11.53 29.30 12.76
O4 PG4 NA . -11.69 30.72 12.63
C7 PG4 NA . -10.74 31.30 11.75
C8 PG4 NA . -11.49 31.71 10.49
O5 PG4 NA . -10.64 32.49 9.63
N1 U5P OA . 15.27 -31.79 5.80
C2 U5P OA . 15.39 -30.40 5.80
N3 U5P OA . 15.21 -29.81 7.02
C4 U5P OA . 14.91 -30.44 8.21
C5 U5P OA . 14.79 -31.86 8.14
C6 U5P OA . 14.96 -32.48 6.96
O2 U5P OA . 15.65 -29.75 4.79
O4 U5P OA . 14.78 -29.76 9.22
C1' U5P OA . 15.45 -32.49 4.52
C2' U5P OA . 16.89 -32.53 4.03
O2' U5P OA . 17.26 -31.33 3.39
C3' U5P OA . 16.86 -33.75 3.12
C4' U5P OA . 15.90 -34.69 3.86
O3' U5P OA . 16.28 -33.38 1.85
O4' U5P OA . 15.05 -33.84 4.67
C5' U5P OA . 16.58 -35.72 4.74
O5' U5P OA . 17.99 -35.52 4.78
N1 U5P PA . 20.88 -34.06 1.21
C2 U5P PA . 21.74 -33.26 0.47
N3 U5P PA . 22.60 -32.48 1.21
C4 U5P PA . 22.68 -32.41 2.59
C5 U5P PA . 21.74 -33.25 3.28
C6 U5P PA . 20.90 -34.02 2.59
O2 U5P PA . 21.77 -33.24 -0.74
O4 U5P PA . 23.50 -31.65 3.10
C1' U5P PA . 19.92 -34.93 0.51
C2' U5P PA . 20.53 -36.26 0.05
O2' U5P PA . 21.25 -36.13 -1.16
C3' U5P PA . 19.29 -37.14 -0.04
C4' U5P PA . 18.45 -36.65 1.14
O3' U5P PA . 18.60 -36.88 -1.26
O4' U5P PA . 18.88 -35.28 1.39
C5' U5P PA . 18.59 -37.46 2.40
O5' U5P PA . 18.55 -38.87 2.14
N1 U5P QA . 21.29 -39.43 -3.86
C2 U5P QA . 21.97 -39.39 -5.06
N3 U5P QA . 23.34 -39.38 -4.94
C4 U5P QA . 24.07 -39.37 -3.77
C5 U5P QA . 23.29 -39.41 -2.59
C6 U5P QA . 21.96 -39.43 -2.66
O2 U5P QA . 21.42 -39.38 -6.16
O4 U5P QA . 25.30 -39.35 -3.83
C1' U5P QA . 19.82 -39.45 -3.85
C2' U5P QA . 19.24 -40.71 -4.49
O2' U5P QA . 19.02 -40.55 -5.89
C3' U5P QA . 17.98 -40.95 -3.66
C4' U5P QA . 18.38 -40.45 -2.28
O3' U5P QA . 16.89 -40.17 -4.17
O4' U5P QA . 19.42 -39.47 -2.49
C5' U5P QA . 18.88 -41.54 -1.35
O5' U5P QA . 18.27 -42.79 -1.65
O1 PG4 RA . 18.96 -53.68 -8.55
C1 PG4 RA . 18.87 -53.41 -7.16
C2 PG4 RA . 20.03 -54.08 -6.45
O2 PG4 RA . 20.01 -53.61 -5.11
C3 PG4 RA . 18.72 -53.76 -4.49
C4 PG4 RA . 18.86 -53.44 -3.01
O3 PG4 RA . 19.74 -54.40 -2.44
C5 PG4 RA . 20.30 -53.94 -1.21
C6 PG4 RA . 20.49 -55.16 -0.31
O4 PG4 RA . 19.27 -55.88 -0.31
C7 PG4 RA . 19.16 -56.73 0.83
C8 PG4 RA . 17.74 -56.61 1.38
O5 PG4 RA . 17.67 -57.29 2.63
N1 U5P SA . 15.30 -44.21 -5.29
C2 U5P SA . 15.10 -44.71 -6.57
N3 U5P SA . 16.10 -45.52 -7.04
C4 U5P SA . 17.25 -45.89 -6.39
C5 U5P SA . 17.39 -45.34 -5.07
C6 U5P SA . 16.43 -44.54 -4.58
O2 U5P SA . 14.11 -44.46 -7.25
O4 U5P SA . 18.05 -46.63 -6.97
C1' U5P SA . 14.24 -43.34 -4.73
C2' U5P SA . 12.92 -44.09 -4.52
O2' U5P SA . 12.14 -44.11 -5.70
C3' U5P SA . 12.32 -43.33 -3.35
C4' U5P SA . 13.54 -43.03 -2.50
O3' U5P SA . 11.74 -42.11 -3.81
O4' U5P SA . 14.66 -42.93 -3.43
C5' U5P SA . 13.89 -44.07 -1.46
O5' U5P SA . 13.00 -45.17 -1.49
N1 U5P TA . 8.61 -44.59 -2.44
C2 U5P TA . 7.43 -44.96 -3.10
N3 U5P TA . 7.40 -46.26 -3.58
C4 U5P TA . 8.40 -47.19 -3.46
C5 U5P TA . 9.57 -46.74 -2.78
C6 U5P TA . 9.63 -45.50 -2.30
O2 U5P TA . 6.48 -44.22 -3.26
O4 U5P TA . 8.22 -48.32 -3.94
C1' U5P TA . 8.71 -43.21 -1.88
C2' U5P TA . 7.83 -43.03 -0.63
O2' U5P TA . 7.41 -41.66 -0.57
C3' U5P TA . 8.83 -43.33 0.48
C4' U5P TA . 10.10 -42.70 -0.05
O3' U5P TA . 8.46 -42.81 1.74
O4' U5P TA . 10.05 -42.95 -1.49
C5' U5P TA . 11.38 -43.23 0.53
O5' U5P TA . 11.39 -43.13 1.95
N1 U5P UA . 5.56 -40.41 2.70
C2 U5P UA . 4.31 -39.82 2.55
N3 U5P UA . 3.27 -40.71 2.62
C4 U5P UA . 3.35 -42.08 2.83
C5 U5P UA . 4.67 -42.60 2.99
C6 U5P UA . 5.71 -41.76 2.93
O2 U5P UA . 4.13 -38.63 2.36
O4 U5P UA . 2.32 -42.73 2.86
C1' U5P UA . 6.73 -39.50 2.68
C2' U5P UA . 6.72 -38.56 3.87
O2' U5P UA . 5.94 -37.40 3.63
C3' U5P UA . 8.21 -38.32 4.11
C4' U5P UA . 8.81 -39.68 3.75
O3' U5P UA . 8.71 -37.31 3.23
O4' U5P UA . 7.90 -40.29 2.79
C5' U5P UA . 8.99 -40.60 4.93
O5' U5P UA . 9.12 -39.88 6.16
O1 PG4 VA . 13.10 -38.59 18.83
C1 PG4 VA . 12.57 -39.07 20.07
C2 PG4 VA . 11.06 -39.25 19.93
O2 PG4 VA . 10.70 -39.08 18.56
C3 PG4 VA . 9.61 -39.93 18.20
C4 PG4 VA . 9.34 -39.83 16.70
O3 PG4 VA . 8.92 -38.51 16.39
C5 PG4 VA . 8.69 -38.33 14.99
C6 PG4 VA . 8.52 -36.85 14.68
O4 PG4 VA . 7.36 -36.32 15.34
C7 PG4 VA . 7.20 -34.93 15.08
C8 PG4 VA . 5.72 -34.57 15.06
O5 PG4 VA . 5.24 -34.14 16.35
N1 U5P WA . 8.45 -34.58 6.39
C2 U5P WA . 7.72 -33.44 6.77
N3 U5P WA . 6.73 -33.68 7.69
C4 U5P WA . 6.39 -34.89 8.27
C5 U5P WA . 7.18 -35.99 7.83
C6 U5P WA . 8.15 -35.81 6.94
O2 U5P WA . 7.90 -32.31 6.35
O4 U5P WA . 5.47 -34.92 9.08
C1' U5P WA . 9.55 -34.48 5.44
C2' U5P WA . 10.59 -33.43 5.82
O2' U5P WA . 10.23 -32.14 5.38
C3' U5P WA . 11.86 -34.00 5.20
C4' U5P WA . 11.68 -35.50 5.43
O3' U5P WA . 11.88 -33.72 3.81
O4' U5P WA . 10.24 -35.73 5.42
C5' U5P WA . 12.25 -36.00 6.74
O5' U5P WA . 13.64 -35.70 6.87
N1 U5P XA . -24.94 17.94 16.29
C2 U5P XA . -25.89 17.62 15.32
N3 U5P XA . -25.93 18.49 14.26
C4 U5P XA . -25.15 19.62 14.07
C5 U5P XA . -24.21 19.89 15.11
C6 U5P XA . -24.15 19.07 16.16
O2 U5P XA . -26.63 16.64 15.37
O4 U5P XA . -25.31 20.29 13.05
C1' U5P XA . -24.79 17.09 17.48
C2' U5P XA . -24.27 15.69 17.15
O2' U5P XA . -25.31 14.81 16.76
C3' U5P XA . -23.57 15.31 18.46
C4' U5P XA . -22.98 16.64 18.92
O3' U5P XA . -24.53 14.86 19.41
O4' U5P XA . -23.80 17.68 18.31
C5' U5P XA . -21.54 16.85 18.51
O5' U5P XA . -21.10 15.82 17.62
N1 U5P YA . -23.02 10.97 17.59
C2 U5P YA . -23.58 9.83 17.02
N3 U5P YA . -23.29 9.64 15.69
C4 U5P YA . -22.54 10.46 14.87
C5 U5P YA . -22.02 11.63 15.51
C6 U5P YA . -22.27 11.83 16.81
O2 U5P YA . -24.25 9.03 17.66
O4 U5P YA . -22.37 10.16 13.68
C1' U5P YA . -23.26 11.27 19.02
C2' U5P YA . -22.51 10.30 19.94
O2' U5P YA . -23.23 10.22 21.17
C3' U5P YA . -21.20 11.05 20.14
C4' U5P YA . -21.64 12.50 20.21
O3' U5P YA . -20.47 10.64 21.28
O4' U5P YA . -22.77 12.57 19.29
C5' U5P YA . -20.61 13.52 19.82
O5' U5P YA . -19.30 13.01 20.02
N1 U5P ZA . -20.60 8.12 23.95
C2 U5P ZA . -21.14 6.89 24.31
N3 U5P ZA . -20.60 5.83 23.60
C4 U5P ZA . -19.65 5.88 22.61
C5 U5P ZA . -19.16 7.18 22.31
C6 U5P ZA . -19.65 8.23 22.98
O2 U5P ZA . -21.99 6.74 25.17
O4 U5P ZA . -19.27 4.83 22.06
C1' U5P ZA . -21.09 9.32 24.66
C2' U5P ZA . -20.57 9.44 26.10
O2' U5P ZA . -21.32 8.66 27.02
C3' U5P ZA . -20.68 10.94 26.32
C4' U5P ZA . -20.24 11.49 24.97
O3' U5P ZA . -22.04 11.31 26.55
O4' U5P ZA . -20.60 10.47 23.98
C5' U5P ZA . -18.76 11.78 24.87
O5' U5P ZA . -18.16 11.84 26.16
N1 U5P AB . -20.04 11.65 30.37
C2 U5P AB . -20.60 11.11 31.53
N3 U5P AB . -20.04 9.94 31.98
C4 U5P AB . -18.98 9.25 31.39
C5 U5P AB . -18.46 9.86 30.20
C6 U5P AB . -18.99 11.00 29.75
O2 U5P AB . -21.52 11.62 32.13
O4 U5P AB . -18.56 8.21 31.89
C1' U5P AB . -20.54 12.90 29.77
C2' U5P AB . -20.07 14.16 30.51
O2' U5P AB . -20.92 14.48 31.58
C3' U5P AB . -20.04 15.18 29.37
C4' U5P AB . -19.58 14.35 28.19
O3' U5P AB . -21.35 15.66 29.13
O4' U5P AB . -20.02 12.99 28.46
C5' U5P AB . -18.08 14.35 27.95
O5' U5P AB . -17.63 15.61 27.45
N1 U5P BB . -23.82 24.05 27.92
C2 U5P BB . -24.75 24.95 28.41
N3 U5P BB . -24.28 25.79 29.40
C4 U5P BB . -23.00 25.80 29.94
C5 U5P BB . -22.11 24.84 29.38
C6 U5P BB . -22.53 24.02 28.42
O2 U5P BB . -25.89 25.03 28.01
O4 U5P BB . -22.74 26.61 30.83
C1' U5P BB . -24.26 23.15 26.84
C2' U5P BB . -24.31 23.83 25.46
O2' U5P BB . -25.49 24.60 25.30
C3' U5P BB . -24.18 22.64 24.54
C4' U5P BB . -23.19 21.75 25.29
O3' U5P BB . -25.44 21.98 24.41
O4' U5P BB . -23.33 22.10 26.70
C5' U5P BB . -21.76 21.93 24.85
O5' U5P BB . -21.66 22.84 23.77
N1 U5P CB . -25.48 23.72 20.71
C2 U5P CB . -26.42 24.44 19.98
N3 U5P CB . -26.33 25.81 20.09
C4 U5P CB . -25.42 26.51 20.86
C5 U5P CB . -24.50 25.71 21.59
C6 U5P CB . -24.56 24.38 21.50
O2 U5P CB . -27.26 23.93 19.26
O4 U5P CB . -25.45 27.74 20.85
C1' U5P CB . -25.45 22.24 20.70
C2' U5P CB . -25.20 21.62 19.32
O2' U5P CB . -26.36 21.56 18.53
C3' U5P CB . -24.59 20.28 19.72
C4' U5P CB . -23.74 20.64 20.92
O3' U5P CB . -25.63 19.38 20.13
O4' U5P CB . -24.37 21.81 21.51
C5' U5P CB . -22.31 20.96 20.60
O5' U5P CB . -21.96 20.52 19.28
N1 U5P DB . -18.99 20.70 8.66
C2 U5P DB . -19.90 19.65 8.74
N3 U5P DB . -21.10 19.71 8.07
C4 U5P DB . -21.40 20.81 7.28
C5 U5P DB . -20.48 21.86 7.19
C6 U5P DB . -19.26 21.79 7.87
O2 U5P DB . -19.64 18.68 9.44
O4 U5P DB . -22.46 20.84 6.67
C1' U5P DB . -17.71 20.58 9.38
C2' U5P DB . -16.53 20.75 8.43
C3' U5P DB . -15.54 21.58 9.23
C4' U5P DB . -16.14 21.62 10.62
O3' U5P DB . -14.30 20.94 9.29
O4' U5P DB . -17.52 21.51 10.42
C5' U5P DB . -15.77 22.87 11.40
O5' U5P DB . -16.67 22.90 12.49
P U5P DB . -16.30 22.29 13.92
O1P U5P DB . -17.33 21.21 14.21
O2P U5P DB . -14.91 21.68 13.87
O3P U5P DB . -16.38 23.34 15.01
N1 U5P EB . 6.75 -3.75 -32.70
C2 U5P EB . 7.80 -3.99 -31.82
N3 U5P EB . 7.61 -3.49 -30.55
C4 U5P EB . 6.52 -2.79 -30.08
C5 U5P EB . 5.48 -2.58 -31.05
C6 U5P EB . 5.64 -3.05 -32.29
O2 U5P EB . 8.81 -4.61 -32.12
O4 U5P EB . 6.48 -2.39 -28.92
C1' U5P EB . 6.84 -4.25 -34.10
C2' U5P EB . 6.83 -5.78 -34.15
O2' U5P EB . 7.58 -6.17 -35.29
C3' U5P EB . 5.34 -6.06 -34.36
C4' U5P EB . 4.93 -4.93 -35.29
O3' U5P EB . 5.07 -7.34 -34.88
O4' U5P EB . 5.71 -3.80 -34.82
C5' U5P EB . 3.46 -4.58 -35.31
O5' U5P EB . 2.77 -5.24 -36.37
N1 U5P FB . 8.20 -9.80 -35.40
C2 U5P FB . 9.18 -10.76 -35.19
N3 U5P FB . 9.06 -11.46 -34.00
C4 U5P FB . 8.11 -11.30 -33.02
C5 U5P FB . 7.15 -10.29 -33.29
C6 U5P FB . 7.23 -9.59 -34.43
O2 U5P FB . 10.09 -11.03 -35.94
O4 U5P FB . 8.15 -12.02 -32.02
C1' U5P FB . 8.16 -8.93 -36.61
C2' U5P FB . 8.35 -9.70 -37.91
O2' U5P FB . 8.92 -8.81 -38.87
C3' U5P FB . 6.92 -10.02 -38.27
C4' U5P FB . 6.19 -8.75 -37.87
O3' U5P FB . 6.73 -10.35 -39.64
O4' U5P FB . 6.88 -8.31 -36.67
C5' U5P FB . 4.71 -8.90 -37.62
O5' U5P FB . 4.08 -9.61 -38.67
O1 PG4 GB . -10.39 -23.70 -44.24
C1 PG4 GB . -9.74 -22.42 -44.22
C2 PG4 GB . -9.57 -21.93 -42.78
O2 PG4 GB . -8.83 -20.70 -42.78
C3 PG4 GB . -7.47 -20.95 -43.10
C4 PG4 GB . -6.60 -19.72 -42.82
O3 PG4 GB . -5.23 -20.10 -42.96
C5 PG4 GB . -4.39 -19.43 -42.00
C6 PG4 GB . -2.94 -19.60 -42.42
O4 PG4 GB . -2.05 -19.38 -41.33
C7 PG4 GB . -0.83 -18.80 -41.78
C8 PG4 GB . 0.27 -19.87 -41.88
O5 PG4 GB . 1.32 -19.43 -42.76
N1 U5P HB . 7.03 -12.22 -42.54
C2 U5P HB . 8.00 -13.05 -43.11
N3 U5P HB . 8.07 -14.31 -42.60
C4 U5P HB . 7.31 -14.84 -41.58
C5 U5P HB . 6.34 -13.94 -41.03
C6 U5P HB . 6.25 -12.71 -41.51
O2 U5P HB . 8.72 -12.68 -44.03
O4 U5P HB . 7.50 -16.00 -41.22
C1' U5P HB . 6.88 -10.85 -43.05
C2' U5P HB . 6.18 -10.78 -44.40
O2' U5P HB . 7.06 -11.00 -45.48
C3' U5P HB . 5.57 -9.37 -44.35
C4' U5P HB . 5.17 -9.25 -42.89
O3' U5P HB . 6.57 -8.40 -44.64
O4' U5P HB . 6.05 -10.14 -42.15
C5' U5P HB . 3.74 -9.64 -42.60
O5' U5P HB . 2.90 -9.40 -43.73
N1 U5P IB . 4.79 -8.09 -48.09
C2 U5P IB . 5.39 -8.30 -49.33
N3 U5P IB . 5.14 -9.52 -49.90
C4 U5P IB . 4.37 -10.53 -49.38
C5 U5P IB . 3.78 -10.25 -48.11
C6 U5P IB . 4.00 -9.07 -47.53
O2 U5P IB . 6.09 -7.45 -49.86
O4 U5P IB . 4.23 -11.58 -50.01
C1' U5P IB . 4.97 -6.80 -47.41
C2' U5P IB . 3.97 -5.74 -47.86
O2' U5P IB . 4.39 -5.07 -49.03
C3' U5P IB . 3.88 -4.85 -46.63
C4' U5P IB . 3.98 -5.86 -45.49
O3' U5P IB . 5.02 -3.98 -46.59
O4' U5P IB . 4.73 -7.00 -46.03
C5' U5P IB . 2.66 -6.34 -44.95
O5' U5P IB . 1.61 -5.41 -45.25
N1 U5P JB . 3.26 -0.83 -48.04
C2 U5P JB . 3.51 0.22 -48.92
N3 U5P JB . 2.86 0.11 -50.14
C4 U5P JB . 2.02 -0.90 -50.55
C5 U5P JB . 1.83 -1.94 -49.60
C6 U5P JB . 2.44 -1.87 -48.42
O2 U5P JB . 4.24 1.18 -48.68
O4 U5P JB . 1.50 -0.86 -51.68
C1' U5P JB . 3.89 -0.89 -46.70
C2' U5P JB . 3.67 0.32 -45.79
O2' U5P JB . 4.58 1.38 -46.08
C3' U5P JB . 3.86 -0.29 -44.42
C4' U5P JB . 3.18 -1.65 -44.59
O3' U5P JB . 5.24 -0.50 -44.18
O4' U5P JB . 3.30 -1.98 -46.00
C5' U5P JB . 1.72 -1.67 -44.21
O5' U5P JB . 1.27 -0.38 -43.80
O1 PG4 KB . -5.53 0.84 -51.25
C1 PG4 KB . -6.26 -0.37 -51.52
C2 PG4 KB . -6.70 -1.00 -50.19
O2 PG4 KB . -8.04 -1.48 -50.27
C3 PG4 KB . -8.97 -0.48 -49.86
C4 PG4 KB . -10.05 -1.09 -48.97
O3 PG4 KB . -11.15 -0.19 -48.80
C5 PG4 KB . -11.25 0.31 -47.46
C6 PG4 KB . -12.58 -0.10 -46.80
O4 PG4 KB . -13.68 0.23 -47.65
C7 PG4 KB . -14.78 -0.66 -47.46
C8 PG4 KB . -15.77 -0.57 -48.62
O5 PG4 KB . -16.26 0.79 -48.73
N1 U5P LB . 3.12 3.66 -42.90
C2 U5P LB . 3.57 4.99 -42.93
N3 U5P LB . 2.69 5.88 -43.48
C4 U5P LB . 1.45 5.62 -44.03
C5 U5P LB . 1.08 4.25 -43.98
C6 U5P LB . 1.89 3.36 -43.44
O2 U5P LB . 4.64 5.40 -42.48
O4 U5P LB . 0.77 6.53 -44.50
C1' U5P LB . 3.90 2.52 -42.35
C2' U5P LB . 4.79 2.82 -41.16
O2' U5P LB . 6.01 3.37 -41.57
C3' U5P LB . 4.90 1.45 -40.50
C4' U5P LB . 3.51 0.87 -40.73
O3' U5P LB . 5.86 0.68 -41.22
O4' U5P LB . 2.99 1.52 -41.92
C5' U5P LB . 2.55 1.04 -39.58
O5' U5P LB . 2.20 2.41 -39.39
N1 U5P MB . 4.82 2.79 -35.32
C2 U5P MB . 5.43 3.69 -34.45
N3 U5P MB . 4.69 4.79 -34.13
C4 U5P MB . 3.42 5.10 -34.58
C5 U5P MB . 2.87 4.14 -35.48
C6 U5P MB . 3.57 3.05 -35.83
O2 U5P MB . 6.55 3.50 -34.00
O4 U5P MB . 2.88 6.14 -34.20
C1' U5P MB . 5.59 1.60 -35.71
C2' U5P MB . 5.86 0.61 -34.58
O2' U5P MB . 6.92 1.03 -33.75
C3' U5P MB . 6.13 -0.66 -35.37
C4' U5P MB . 5.12 -0.55 -36.52
O3' U5P MB . 7.45 -0.63 -35.90
O4' U5P MB . 4.86 0.88 -36.68
C5' U5P MB . 3.82 -1.26 -36.27
O5' U5P MB . 3.56 -1.43 -34.88
O1 PG4 NB . -6.13 -11.67 -29.59
C1 PG4 NB . -5.72 -10.53 -28.83
C2 PG4 NB . -5.83 -10.84 -27.35
O2 PG4 NB . -5.12 -9.86 -26.59
C3 PG4 NB . -5.07 -10.13 -25.20
C4 PG4 NB . -4.56 -8.86 -24.50
O3 PG4 NB . -3.66 -8.15 -25.35
C5 PG4 NB . -3.64 -6.75 -25.06
C6 PG4 NB . -2.45 -6.04 -25.69
O4 PG4 NB . -1.28 -6.18 -24.88
C7 PG4 NB . -0.17 -5.42 -25.37
C8 PG4 NB . 1.16 -6.00 -24.89
O5 PG4 NB . 1.62 -5.31 -23.73
N1 U5P OB . -21.32 18.43 32.43
C2 U5P OB . -21.86 18.97 33.61
N3 U5P OB . -21.14 18.73 34.76
C4 U5P OB . -19.98 18.00 34.88
C5 U5P OB . -19.50 17.44 33.65
C6 U5P OB . -20.17 17.67 32.51
O2 U5P OB . -22.86 19.66 33.67
O4 U5P OB . -19.47 17.87 36.01
C1' U5P OB . -22.01 18.61 31.14
C2' U5P OB . -22.37 20.03 30.76
O2' U5P OB . -23.52 20.49 31.45
C3' U5P OB . -22.56 19.90 29.25
C4' U5P OB . -21.44 18.93 28.88
O3' U5P OB . -23.82 19.30 28.98
O4' U5P OB . -21.16 18.16 30.09
C5' U5P OB . -20.17 19.58 28.39
O5' U5P OB . -20.18 20.99 28.64
O1 PG4 PB . -4.67 27.21 33.41
C1 PG4 PB . -5.69 26.44 32.77
C2 PG4 PB . -7.07 27.08 32.96
O2 PG4 PB . -8.06 26.12 32.59
C3 PG4 PB . -9.10 26.00 33.55
C4 PG4 PB . -8.96 24.63 34.23
O3 PG4 PB . -10.22 23.95 34.37
C5 PG4 PB . -10.08 22.80 35.21
C6 PG4 PB . -11.22 21.80 35.02
O4 PG4 PB . -12.43 22.31 35.58
C7 PG4 PB . -13.03 21.44 36.55
C8 PG4 PB . -14.40 22.00 36.90
O5 PG4 PB . -14.84 22.78 35.77
#